data_4UPK
#
_entry.id   4UPK
#
_cell.length_a   190.500
_cell.length_b   274.620
_cell.length_c   96.320
_cell.angle_alpha   90.00
_cell.angle_beta   90.00
_cell.angle_gamma   90.00
#
_symmetry.space_group_name_H-M   'C 2 2 2'
#
loop_
_entity.id
_entity.type
_entity.pdbx_description
1 polymer 'PHOSPHONATE MONOESTER HYDROLASE'
2 water water
#
_entity_poly.entity_id   1
_entity_poly.type   'polypeptide(L)'
_entity_poly.pdbx_seq_one_letter_code
;MASWSHPQFEKGAETAVPNSSSVPGDPSSMGRQSNVLFIIIDQLRADCLWGALADHVELPHLRALAQDAVSFRRHYSVTN
PCGPSRASILTGQYAMNHRSVRNGTPLRHDTPNIATEMRKAGYLPLLFGYTDTSQDPRAYDANDPALKTYEFPMRGFHEV
TEMRLEMSYPWQSHLKNRGYAFDDYAQVYVPRPDADGTPRLNGPAMYRAEDSDTAFLTDQFLANMPAWAGQNWFAHLTYI
RPHPPLVAPAPYNTMYDPAKLPLPARLPGRDDETAEHPFFGPATRYSSPASFVLGFPDLEPTDETIQTLRAVYLGLATEV
DTHIGRVIAHLKETGQYDDTLIVVTADHGEMLGDRHSWGKMTVYDAAYHTPLIIRAPGCKPGHVVEAPTESIDLMPTILD
WVGQEIPNAVDGRSLRPFLTGEAPSDWRQYSFSELDISEPLDPTLWQQEFGFGPSAGAVAILRDARFTLVEFAADLPPML
FDHQGEGEFRNVAGDPAHAADLARLSRQMLRHRMRNMDHTLSLCSITHEGARTQRRYD
;
_entity_poly.pdbx_strand_id   A,B,C
#
# COMPACT_ATOMS: atom_id res chain seq x y z
N GLN A 33 -13.06 47.27 -1.59
CA GLN A 33 -13.14 47.72 -2.99
C GLN A 33 -12.33 46.81 -3.93
N SER A 34 -11.01 46.65 -3.68
CA SER A 34 -10.16 45.79 -4.49
C SER A 34 -9.35 44.87 -3.57
N ASN A 35 -9.84 43.65 -3.35
CA ASN A 35 -9.15 42.70 -2.49
C ASN A 35 -8.44 41.67 -3.33
N VAL A 36 -7.38 41.08 -2.75
CA VAL A 36 -6.66 39.98 -3.37
C VAL A 36 -6.57 38.81 -2.39
N LEU A 37 -7.15 37.67 -2.79
CA LEU A 37 -7.11 36.45 -2.01
C LEU A 37 -6.32 35.43 -2.80
N PHE A 38 -5.09 35.18 -2.35
CA PHE A 38 -4.16 34.26 -3.01
C PHE A 38 -3.96 33.02 -2.15
N ILE A 39 -4.60 31.89 -2.58
CA ILE A 39 -4.48 30.60 -1.88
C ILE A 39 -3.58 29.69 -2.70
N ILE A 40 -2.60 29.06 -2.01
CA ILE A 40 -1.67 28.08 -2.55
C ILE A 40 -1.75 26.82 -1.69
N ILE A 41 -2.17 25.72 -2.32
CA ILE A 41 -2.25 24.40 -1.68
C ILE A 41 -0.92 23.74 -2.07
N ASP A 42 -0.19 23.19 -1.10
CA ASP A 42 1.07 22.50 -1.38
C ASP A 42 0.75 21.05 -1.83
N GLN A 43 1.40 20.63 -2.95
CA GLN A 43 1.40 19.28 -3.52
C GLN A 43 0.13 18.70 -4.10
N LEU A 44 -0.93 19.51 -4.35
CA LEU A 44 -2.18 19.04 -4.97
C LEU A 44 -2.07 18.84 -6.50
N ARG A 45 -2.28 17.59 -6.96
CA ARG A 45 -2.18 17.24 -8.39
C ARG A 45 -3.32 17.86 -9.17
N ALA A 46 -3.05 18.27 -10.43
CA ALA A 46 -4.06 18.82 -11.33
C ALA A 46 -5.17 17.77 -11.61
N ASP A 47 -4.79 16.48 -11.77
CA ASP A 47 -5.72 15.37 -12.06
C ASP A 47 -6.70 15.01 -10.95
N CYS A 48 -6.54 15.58 -9.74
CA CYS A 48 -7.44 15.41 -8.60
C CYS A 48 -8.63 16.35 -8.75
N LEU A 49 -8.40 17.55 -9.31
CA LEU A 49 -9.47 18.51 -9.52
C LEU A 49 -10.26 18.15 -10.78
N TRP A 50 -9.55 17.87 -11.88
CA TRP A 50 -10.14 17.46 -13.15
C TRP A 50 -9.12 16.55 -13.84
N GLY A 51 -9.52 15.35 -14.17
CA GLY A 51 -8.64 14.37 -14.80
C GLY A 51 -8.82 12.96 -14.26
N ALA A 52 -7.77 12.14 -14.37
CA ALA A 52 -7.73 10.71 -14.00
C ALA A 52 -8.13 10.33 -12.57
N LEU A 53 -7.82 11.19 -11.59
CA LEU A 53 -8.11 10.95 -10.18
C LEU A 53 -9.35 11.71 -9.64
N ALA A 54 -9.90 12.65 -10.44
CA ALA A 54 -11.05 13.49 -10.06
C ALA A 54 -12.26 12.73 -9.55
N ASP A 55 -12.62 11.60 -10.19
CA ASP A 55 -13.77 10.76 -9.79
C ASP A 55 -13.54 9.94 -8.51
N HIS A 56 -12.33 9.98 -7.96
CA HIS A 56 -11.96 9.23 -6.75
C HIS A 56 -11.74 10.10 -5.53
N VAL A 57 -12.11 11.39 -5.62
CA VAL A 57 -11.94 12.36 -4.54
C VAL A 57 -13.04 13.45 -4.60
N GLU A 58 -13.54 13.85 -3.42
CA GLU A 58 -14.56 14.88 -3.30
C GLU A 58 -13.91 16.20 -3.06
N LEU A 59 -14.05 17.14 -4.01
CA LEU A 59 -13.51 18.50 -3.90
C LEU A 59 -14.65 19.50 -4.26
N PRO A 60 -15.80 19.48 -3.52
CA PRO A 60 -16.94 20.33 -3.91
C PRO A 60 -16.73 21.83 -3.91
N HIS A 61 -15.97 22.37 -2.95
CA HIS A 61 -15.77 23.82 -2.86
C HIS A 61 -14.86 24.36 -3.93
N LEU A 62 -13.80 23.62 -4.25
CA LEU A 62 -12.88 23.94 -5.36
C LEU A 62 -13.58 23.78 -6.72
N ARG A 63 -14.45 22.78 -6.85
CA ARG A 63 -15.21 22.53 -8.08
C ARG A 63 -16.36 23.54 -8.23
N ALA A 64 -16.92 24.03 -7.09
CA ALA A 64 -17.97 25.05 -7.13
C ALA A 64 -17.34 26.37 -7.56
N LEU A 65 -16.13 26.69 -7.05
CA LEU A 65 -15.40 27.91 -7.44
C LEU A 65 -15.05 27.89 -8.92
N ALA A 66 -14.58 26.73 -9.44
CA ALA A 66 -14.24 26.55 -10.85
C ALA A 66 -15.48 26.80 -11.75
N GLN A 67 -16.66 26.34 -11.28
CA GLN A 67 -17.95 26.52 -11.94
C GLN A 67 -18.38 28.00 -12.01
N ASP A 68 -17.92 28.82 -11.05
CA ASP A 68 -18.21 30.24 -10.98
C ASP A 68 -17.00 31.11 -11.40
N ALA A 69 -16.00 30.49 -12.05
CA ALA A 69 -14.76 31.18 -12.43
C ALA A 69 -14.05 30.62 -13.66
N VAL A 70 -12.76 30.97 -13.81
CA VAL A 70 -11.90 30.53 -14.93
C VAL A 70 -10.87 29.45 -14.45
N SER A 71 -10.90 28.29 -15.11
CA SER A 71 -10.01 27.15 -14.85
C SER A 71 -8.97 27.04 -15.96
N PHE A 72 -7.69 26.85 -15.56
CA PHE A 72 -6.55 26.74 -16.47
C PHE A 72 -6.07 25.29 -16.46
N ARG A 73 -6.36 24.57 -17.55
CA ARG A 73 -6.08 23.14 -17.72
C ARG A 73 -4.65 22.71 -18.12
N ARG A 74 -3.82 23.64 -18.64
CA ARG A 74 -2.45 23.33 -19.05
C ARG A 74 -1.47 24.20 -18.26
N HIS A 75 -1.65 24.24 -16.92
CA HIS A 75 -0.86 25.02 -15.99
C HIS A 75 0.25 24.21 -15.35
N TYR A 76 1.49 24.70 -15.47
CA TYR A 76 2.67 23.99 -14.99
C TYR A 76 3.57 24.84 -14.13
N SER A 77 4.12 24.23 -13.08
CA SER A 77 5.13 24.87 -12.23
C SER A 77 6.40 25.02 -13.11
N VAL A 78 7.11 26.16 -13.06
CA VAL A 78 8.32 26.38 -13.87
C VAL A 78 9.56 25.81 -13.20
N THR A 79 9.43 25.38 -11.95
CA THR A 79 10.55 24.80 -11.22
C THR A 79 10.12 23.97 -10.05
N ASN A 80 11.08 23.24 -9.48
CA ASN A 80 10.88 22.38 -8.33
C ASN A 80 12.19 22.23 -7.52
N PRO A 81 12.09 21.92 -6.20
CA PRO A 81 10.87 21.69 -5.39
C PRO A 81 10.23 22.95 -4.82
N CYS A 82 9.61 22.83 -3.64
CA CYS A 82 8.87 23.87 -2.92
C CYS A 82 9.52 25.26 -2.91
N GLY A 83 10.78 25.34 -2.44
CA GLY A 83 11.54 26.58 -2.37
C GLY A 83 11.69 27.23 -3.73
N PRO A 84 12.39 26.58 -4.69
CA PRO A 84 12.47 27.14 -6.06
C PRO A 84 11.10 27.46 -6.70
N SER A 85 10.14 26.54 -6.54
CA SER A 85 8.80 26.69 -7.09
C SER A 85 8.00 27.82 -6.44
N ARG A 86 8.24 28.11 -5.15
CA ARG A 86 7.66 29.25 -4.42
C ARG A 86 8.35 30.55 -4.83
N ALA A 87 9.70 30.53 -5.01
CA ALA A 87 10.48 31.68 -5.48
C ALA A 87 10.02 32.17 -6.88
N SER A 88 9.68 31.24 -7.76
CA SER A 88 9.17 31.53 -9.12
C SER A 88 7.78 32.14 -9.12
N ILE A 89 6.86 31.59 -8.31
CA ILE A 89 5.48 32.05 -8.16
C ILE A 89 5.44 33.46 -7.56
N LEU A 90 6.22 33.67 -6.47
CA LEU A 90 6.25 34.95 -5.78
C LEU A 90 7.07 36.04 -6.45
N THR A 91 8.01 35.68 -7.36
CA THR A 91 8.83 36.68 -8.09
C THR A 91 8.41 36.85 -9.55
N GLY A 92 7.68 35.88 -10.12
CA GLY A 92 7.27 35.92 -11.52
C GLY A 92 8.39 35.66 -12.50
N GLN A 93 9.52 35.08 -12.01
CA GLN A 93 10.71 34.78 -12.81
C GLN A 93 11.00 33.29 -12.86
N TYR A 94 11.67 32.85 -13.93
CA TYR A 94 12.15 31.48 -14.09
C TYR A 94 13.31 31.30 -13.08
N ALA A 95 13.55 30.07 -12.61
CA ALA A 95 14.63 29.73 -11.70
C ALA A 95 15.98 30.14 -12.29
N MET A 96 16.15 30.16 -13.66
CA MET A 96 17.38 30.58 -14.36
C MET A 96 17.67 32.06 -14.11
N ASN A 97 16.63 32.81 -13.75
CA ASN A 97 16.73 34.22 -13.45
C ASN A 97 16.76 34.53 -11.93
N HIS A 98 15.81 33.95 -11.16
CA HIS A 98 15.77 34.24 -9.71
C HIS A 98 16.93 33.59 -8.93
N ARG A 99 17.42 32.46 -9.46
CA ARG A 99 18.57 31.67 -9.00
C ARG A 99 18.50 30.99 -7.62
N SER A 100 17.31 30.92 -7.04
CA SER A 100 17.07 30.17 -5.81
C SER A 100 16.67 28.80 -6.41
N VAL A 101 17.69 28.03 -6.84
CA VAL A 101 17.55 26.79 -7.63
C VAL A 101 17.30 25.49 -6.89
N ARG A 102 17.49 25.50 -5.56
CA ARG A 102 17.29 24.37 -4.63
C ARG A 102 16.78 24.95 -3.30
N ASN A 103 16.20 24.08 -2.44
CA ASN A 103 15.81 24.45 -1.08
C ASN A 103 17.09 24.90 -0.36
N GLY A 104 17.04 26.07 0.26
CA GLY A 104 18.21 26.63 0.95
C GLY A 104 19.08 27.54 0.10
N THR A 105 18.82 27.62 -1.24
CA THR A 105 19.62 28.50 -2.12
C THR A 105 19.09 29.91 -1.97
N PRO A 106 19.94 30.87 -1.51
CA PRO A 106 19.45 32.24 -1.27
C PRO A 106 18.91 32.95 -2.50
N LEU A 107 17.91 33.80 -2.25
CA LEU A 107 17.31 34.64 -3.27
C LEU A 107 17.86 36.05 -3.00
N ARG A 108 18.32 36.78 -4.06
CA ARG A 108 18.85 38.16 -3.95
C ARG A 108 17.84 39.03 -3.16
N HIS A 109 18.34 39.85 -2.23
CA HIS A 109 17.47 40.70 -1.41
C HIS A 109 16.67 41.74 -2.21
N ASP A 110 17.26 42.27 -3.29
CA ASP A 110 16.65 43.28 -4.13
C ASP A 110 15.75 42.73 -5.26
N THR A 111 15.42 41.41 -5.22
CA THR A 111 14.55 40.78 -6.20
C THR A 111 13.10 41.25 -6.01
N PRO A 112 12.49 41.92 -7.00
CA PRO A 112 11.10 42.34 -6.85
C PRO A 112 10.17 41.13 -6.71
N ASN A 113 9.23 41.21 -5.78
CA ASN A 113 8.29 40.12 -5.54
C ASN A 113 6.88 40.66 -5.44
N ILE A 114 5.85 39.77 -5.37
CA ILE A 114 4.45 40.18 -5.27
C ILE A 114 4.17 41.09 -4.05
N ALA A 115 4.80 40.83 -2.89
CA ALA A 115 4.61 41.62 -1.67
C ALA A 115 5.22 43.03 -1.78
N THR A 116 6.48 43.15 -2.25
CA THR A 116 7.15 44.44 -2.42
C THR A 116 6.40 45.32 -3.42
N GLU A 117 5.92 44.72 -4.51
CA GLU A 117 5.17 45.43 -5.55
C GLU A 117 3.77 45.81 -5.10
N MET A 118 3.08 44.95 -4.32
CA MET A 118 1.77 45.23 -3.74
C MET A 118 1.86 46.32 -2.68
N ARG A 119 3.01 46.43 -1.96
CA ARG A 119 3.27 47.48 -0.97
C ARG A 119 3.31 48.87 -1.64
N LYS A 120 3.83 48.91 -2.89
CA LYS A 120 3.87 50.12 -3.72
C LYS A 120 2.44 50.57 -4.11
N ALA A 121 1.51 49.60 -4.22
CA ALA A 121 0.09 49.81 -4.51
C ALA A 121 -0.74 50.16 -3.23
N GLY A 122 -0.06 50.20 -2.06
CA GLY A 122 -0.65 50.57 -0.78
C GLY A 122 -1.19 49.42 0.04
N TYR A 123 -0.93 48.19 -0.38
CA TYR A 123 -1.38 46.99 0.31
C TYR A 123 -0.40 46.50 1.37
N LEU A 124 -0.95 45.95 2.47
CA LEU A 124 -0.14 45.29 3.48
C LEU A 124 -0.34 43.80 3.19
N PRO A 125 0.69 43.10 2.63
CA PRO A 125 0.51 41.68 2.29
C PRO A 125 0.44 40.81 3.55
N LEU A 126 -0.76 40.28 3.83
CA LEU A 126 -0.98 39.46 5.03
C LEU A 126 -0.64 38.01 4.76
N LEU A 127 0.25 37.43 5.57
CA LEU A 127 0.65 36.03 5.42
C LEU A 127 0.07 35.08 6.45
N PHE A 128 -0.64 34.07 5.95
CA PHE A 128 -1.20 32.99 6.77
C PHE A 128 -0.55 31.71 6.28
N GLY A 129 0.56 31.36 6.92
CA GLY A 129 1.34 30.20 6.54
C GLY A 129 2.83 30.39 6.40
N TYR A 130 3.37 30.15 5.19
CA TYR A 130 4.81 30.16 4.85
C TYR A 130 5.06 30.60 3.41
N THR A 131 6.32 31.01 3.10
CA THR A 131 6.79 31.38 1.74
C THR A 131 7.99 30.51 1.32
N ASP A 132 8.64 29.86 2.31
CA ASP A 132 9.81 29.00 2.11
C ASP A 132 10.93 29.70 1.36
N THR A 133 11.25 30.92 1.82
CA THR A 133 12.25 31.80 1.22
C THR A 133 13.62 31.73 1.92
N SER A 134 14.66 31.41 1.14
CA SER A 134 16.03 31.37 1.61
C SER A 134 16.53 32.81 1.49
N GLN A 135 16.84 33.41 2.64
CA GLN A 135 17.25 34.81 2.70
C GLN A 135 18.67 35.07 2.19
N ASP A 136 18.91 36.32 1.74
CA ASP A 136 20.18 36.78 1.22
C ASP A 136 21.15 37.03 2.39
N PRO A 137 22.28 36.27 2.48
CA PRO A 137 23.23 36.48 3.59
C PRO A 137 23.84 37.88 3.63
N ARG A 138 23.87 38.59 2.49
CA ARG A 138 24.38 39.95 2.33
C ARG A 138 23.47 40.99 3.02
N ALA A 139 22.18 40.66 3.23
CA ALA A 139 21.18 41.54 3.85
C ALA A 139 21.00 41.38 5.36
N TYR A 140 21.64 40.35 5.97
CA TYR A 140 21.50 40.07 7.41
C TYR A 140 22.83 39.82 8.13
N ASP A 141 22.81 39.95 9.49
CA ASP A 141 23.94 39.61 10.36
C ASP A 141 24.13 38.08 10.25
N ALA A 142 25.40 37.59 10.25
CA ALA A 142 25.74 36.16 10.14
C ALA A 142 24.95 35.25 11.10
N ASN A 143 24.70 35.72 12.34
CA ASN A 143 23.96 35.00 13.39
C ASN A 143 22.42 35.24 13.44
N ASP A 144 21.86 35.94 12.45
CA ASP A 144 20.43 36.22 12.37
C ASP A 144 19.56 34.93 12.23
N PRO A 145 18.42 34.83 12.97
CA PRO A 145 17.54 33.65 12.82
C PRO A 145 17.09 33.39 11.38
N ALA A 146 16.85 34.48 10.60
CA ALA A 146 16.43 34.47 9.18
C ALA A 146 17.37 33.69 8.26
N LEU A 147 18.65 33.52 8.68
CA LEU A 147 19.65 32.77 7.93
C LEU A 147 19.83 31.32 8.44
N LYS A 148 18.96 30.87 9.36
CA LYS A 148 19.03 29.52 9.94
C LYS A 148 17.94 28.58 9.42
N THR A 149 17.01 29.12 8.64
CA THR A 149 15.90 28.35 8.06
C THR A 149 15.57 28.78 6.63
N TYR A 150 15.27 27.81 5.73
CA TYR A 150 14.86 28.12 4.38
C TYR A 150 13.33 28.18 4.23
N GLU A 151 12.63 28.23 5.37
CA GLU A 151 11.17 28.32 5.49
C GLU A 151 10.76 29.74 5.88
N PHE A 152 11.76 30.63 6.06
CA PHE A 152 11.60 32.01 6.48
C PHE A 152 10.70 32.88 5.55
N PRO A 153 9.81 33.76 6.11
CA PRO A 153 8.96 34.61 5.24
C PRO A 153 9.72 35.64 4.41
N MET A 154 9.28 35.77 3.15
CA MET A 154 9.79 36.67 2.13
C MET A 154 9.58 38.14 2.52
N ARG A 155 10.59 38.97 2.21
CA ARG A 155 10.64 40.42 2.38
C ARG A 155 9.38 41.05 1.77
N GLY A 156 8.69 41.87 2.58
CA GLY A 156 7.47 42.53 2.16
C GLY A 156 6.23 41.93 2.77
N PHE A 157 6.25 40.61 3.05
CA PHE A 157 5.11 39.92 3.65
C PHE A 157 5.01 40.21 5.13
N HIS A 158 3.78 40.50 5.57
CA HIS A 158 3.50 40.76 6.96
C HIS A 158 2.84 39.50 7.48
N GLU A 159 3.58 38.77 8.32
CA GLU A 159 3.13 37.51 8.86
C GLU A 159 2.11 37.70 9.98
N VAL A 160 0.89 37.17 9.78
CA VAL A 160 -0.21 37.18 10.73
C VAL A 160 -0.15 35.87 11.57
N THR A 161 -0.01 34.71 10.88
CA THR A 161 0.12 33.39 11.48
C THR A 161 1.27 32.67 10.82
N GLU A 162 2.24 32.21 11.64
CA GLU A 162 3.39 31.43 11.21
C GLU A 162 2.92 29.97 11.14
N MET A 163 3.12 29.33 9.99
CA MET A 163 2.72 27.95 9.79
C MET A 163 3.60 27.29 8.73
N ARG A 164 4.87 27.10 9.09
CA ARG A 164 5.86 26.40 8.30
C ARG A 164 5.94 24.99 8.88
N LEU A 165 6.03 23.96 8.00
CA LEU A 165 6.08 22.55 8.34
C LEU A 165 7.07 22.16 9.44
N GLU A 166 8.30 22.64 9.37
CA GLU A 166 9.32 22.32 10.38
C GLU A 166 9.21 23.15 11.67
N MET A 167 8.29 24.14 11.69
CA MET A 167 8.06 24.99 12.87
C MET A 167 6.63 24.86 13.44
N SER A 168 5.67 25.67 12.91
CA SER A 168 4.26 25.69 13.30
C SER A 168 4.05 25.86 14.81
N TYR A 169 4.75 26.85 15.41
CA TYR A 169 4.65 27.15 16.85
C TYR A 169 3.24 27.50 17.31
N PRO A 170 2.46 28.36 16.58
CA PRO A 170 1.05 28.59 16.99
C PRO A 170 0.23 27.29 17.04
N TRP A 171 0.33 26.43 16.00
CA TRP A 171 -0.38 25.14 15.94
C TRP A 171 0.10 24.17 17.02
N GLN A 172 1.42 24.10 17.27
CA GLN A 172 2.00 23.24 18.32
C GLN A 172 1.53 23.67 19.68
N SER A 173 1.38 25.00 19.91
CA SER A 173 0.89 25.55 21.18
C SER A 173 -0.62 25.30 21.36
N HIS A 174 -1.40 25.37 20.27
CA HIS A 174 -2.83 25.04 20.25
C HIS A 174 -3.00 23.58 20.74
N LEU A 175 -2.16 22.67 20.23
CA LEU A 175 -2.14 21.25 20.60
C LEU A 175 -1.80 21.00 22.07
N LYS A 176 -0.76 21.68 22.61
CA LYS A 176 -0.39 21.54 24.02
C LYS A 176 -1.51 22.07 24.93
N ASN A 177 -2.10 23.25 24.58
CA ASN A 177 -3.18 23.90 25.35
C ASN A 177 -4.51 23.14 25.35
N ARG A 178 -4.76 22.35 24.32
CA ARG A 178 -5.96 21.54 24.19
C ARG A 178 -5.74 20.21 24.90
N GLY A 179 -4.52 20.01 25.39
CA GLY A 179 -4.16 18.87 26.21
C GLY A 179 -3.66 17.64 25.51
N TYR A 180 -3.09 17.79 24.30
CA TYR A 180 -2.53 16.67 23.58
C TYR A 180 -1.15 16.33 24.16
N ALA A 181 -0.87 15.04 24.32
CA ALA A 181 0.38 14.61 24.91
C ALA A 181 1.40 14.29 23.82
N PHE A 182 2.50 15.04 23.78
CA PHE A 182 3.60 14.84 22.83
C PHE A 182 4.88 15.47 23.37
N ASP A 183 5.93 14.68 23.48
CA ASP A 183 7.22 15.14 23.99
C ASP A 183 8.15 15.64 22.88
N ASP A 184 7.78 15.38 21.63
CA ASP A 184 8.49 15.77 20.40
C ASP A 184 7.47 16.15 19.34
N TYR A 185 7.80 17.16 18.51
CA TYR A 185 6.95 17.61 17.38
C TYR A 185 6.70 16.46 16.38
N ALA A 186 7.70 15.59 16.12
CA ALA A 186 7.55 14.44 15.21
C ALA A 186 6.47 13.40 15.65
N GLN A 187 6.13 13.35 16.94
CA GLN A 187 5.12 12.44 17.48
C GLN A 187 3.69 12.77 17.02
N VAL A 188 3.44 14.05 16.71
CA VAL A 188 2.17 14.62 16.24
C VAL A 188 1.71 13.97 14.89
N TYR A 189 2.66 13.59 14.04
CA TYR A 189 2.44 13.04 12.69
C TYR A 189 2.33 11.51 12.60
N VAL A 190 2.52 10.83 13.74
CA VAL A 190 2.45 9.36 13.84
C VAL A 190 0.96 8.95 13.86
N PRO A 191 0.50 8.11 12.90
CA PRO A 191 -0.89 7.66 12.90
C PRO A 191 -1.19 6.80 14.13
N ARG A 192 -2.38 6.96 14.70
CA ARG A 192 -2.80 6.20 15.88
C ARG A 192 -2.72 4.70 15.59
N PRO A 193 -1.94 3.95 16.41
CA PRO A 193 -1.87 2.50 16.21
C PRO A 193 -3.16 1.83 16.71
N ASP A 194 -3.32 0.52 16.44
CA ASP A 194 -4.47 -0.27 16.90
C ASP A 194 -4.50 -0.33 18.43
N ALA A 195 -5.65 -0.79 19.01
CA ALA A 195 -5.86 -0.95 20.45
C ALA A 195 -4.72 -1.73 21.11
N ASP A 196 -4.25 -2.80 20.42
CA ASP A 196 -3.15 -3.65 20.90
C ASP A 196 -1.75 -3.04 20.71
N GLY A 197 -1.67 -1.84 20.15
CA GLY A 197 -0.42 -1.12 19.92
C GLY A 197 0.23 -1.36 18.56
N THR A 198 -0.40 -2.21 17.71
CA THR A 198 0.10 -2.52 16.36
C THR A 198 0.06 -1.28 15.47
N PRO A 199 1.21 -0.88 14.86
CA PRO A 199 1.20 0.31 13.99
C PRO A 199 0.26 0.13 12.81
N ARG A 200 -0.54 1.18 12.54
CA ARG A 200 -1.55 1.20 11.50
C ARG A 200 -1.23 2.34 10.54
N LEU A 201 -0.98 2.00 9.26
CA LEU A 201 -0.59 2.94 8.20
C LEU A 201 -1.60 4.09 7.99
N ASN A 202 -2.90 3.76 7.89
CA ASN A 202 -3.96 4.76 7.75
C ASN A 202 -4.72 4.99 9.05
N GLY A 203 -3.99 4.85 10.17
CA GLY A 203 -4.51 5.11 11.51
C GLY A 203 -4.88 6.58 11.61
N PRO A 204 -5.95 6.93 12.35
CA PRO A 204 -6.32 8.35 12.47
C PRO A 204 -5.22 9.20 13.14
N ALA A 205 -5.12 10.48 12.82
CA ALA A 205 -4.13 11.35 13.45
C ALA A 205 -4.40 11.50 14.96
N MET A 206 -3.36 11.79 15.75
CA MET A 206 -3.37 12.01 17.21
C MET A 206 -4.42 13.10 17.57
N TYR A 207 -4.52 14.13 16.72
CA TYR A 207 -5.42 15.26 16.87
C TYR A 207 -6.76 15.05 16.16
N ARG A 208 -7.83 15.59 16.74
CA ARG A 208 -9.18 15.54 16.15
C ARG A 208 -9.19 16.50 14.95
N ALA A 209 -10.13 16.32 14.02
CA ALA A 209 -10.27 17.15 12.81
C ALA A 209 -10.35 18.65 13.11
N GLU A 210 -11.09 19.05 14.16
CA GLU A 210 -11.21 20.45 14.56
C GLU A 210 -9.91 21.03 15.12
N ASP A 211 -8.92 20.16 15.44
CA ASP A 211 -7.62 20.57 15.98
C ASP A 211 -6.45 20.37 14.98
N SER A 212 -6.78 20.02 13.73
CA SER A 212 -5.81 19.74 12.68
C SER A 212 -5.07 20.99 12.20
N ASP A 213 -3.94 20.78 11.52
CA ASP A 213 -3.12 21.83 10.91
C ASP A 213 -3.93 22.65 9.89
N THR A 214 -4.74 21.96 9.01
CA THR A 214 -5.65 22.57 8.02
C THR A 214 -6.71 23.44 8.70
N ALA A 215 -7.43 22.89 9.71
CA ALA A 215 -8.51 23.55 10.45
C ALA A 215 -7.97 24.76 11.21
N PHE A 216 -6.85 24.58 11.91
CA PHE A 216 -6.19 25.62 12.70
C PHE A 216 -5.81 26.84 11.86
N LEU A 217 -5.19 26.63 10.67
CA LEU A 217 -4.78 27.76 9.79
C LEU A 217 -5.99 28.55 9.29
N THR A 218 -7.06 27.83 8.90
CA THR A 218 -8.35 28.38 8.46
C THR A 218 -8.97 29.20 9.60
N ASP A 219 -8.91 28.65 10.84
CA ASP A 219 -9.40 29.35 12.02
C ASP A 219 -8.63 30.65 12.28
N GLN A 220 -7.31 30.65 12.08
CA GLN A 220 -6.44 31.83 12.21
C GLN A 220 -6.77 32.92 11.18
N PHE A 221 -7.04 32.51 9.93
CA PHE A 221 -7.51 33.39 8.85
C PHE A 221 -8.84 34.04 9.25
N LEU A 222 -9.81 33.22 9.69
CA LEU A 222 -11.14 33.69 10.12
C LEU A 222 -11.14 34.49 11.45
N ALA A 223 -10.12 34.30 12.29
CA ALA A 223 -9.96 35.04 13.56
C ALA A 223 -9.34 36.42 13.29
N ASN A 224 -8.74 36.62 12.10
CA ASN A 224 -8.03 37.84 11.77
C ASN A 224 -8.59 38.68 10.63
N MET A 225 -9.30 38.05 9.69
CA MET A 225 -9.88 38.78 8.55
C MET A 225 -11.08 39.70 8.81
N PRO A 226 -12.03 39.41 9.75
CA PRO A 226 -13.19 40.32 9.96
C PRO A 226 -12.95 41.82 10.03
N ALA A 227 -11.93 42.26 10.77
CA ALA A 227 -11.60 43.69 10.91
C ALA A 227 -10.98 44.31 9.62
N TRP A 228 -10.52 43.46 8.66
CA TRP A 228 -9.95 43.93 7.38
C TRP A 228 -11.01 44.28 6.35
N ALA A 229 -12.26 43.81 6.56
CA ALA A 229 -13.41 44.05 5.67
C ALA A 229 -13.66 45.54 5.50
N GLY A 230 -13.90 45.95 4.26
CA GLY A 230 -14.13 47.35 3.92
C GLY A 230 -12.91 48.01 3.32
N GLN A 231 -11.72 47.73 3.90
CA GLN A 231 -10.44 48.22 3.43
C GLN A 231 -9.91 47.29 2.34
N ASN A 232 -8.97 47.76 1.51
CA ASN A 232 -8.40 46.92 0.46
C ASN A 232 -7.35 46.01 1.08
N TRP A 233 -7.62 44.71 1.10
CA TRP A 233 -6.68 43.77 1.69
C TRP A 233 -6.10 42.82 0.67
N PHE A 234 -4.92 42.27 1.01
CA PHE A 234 -4.18 41.26 0.28
C PHE A 234 -3.80 40.18 1.31
N ALA A 235 -4.44 39.00 1.21
CA ALA A 235 -4.22 37.87 2.11
C ALA A 235 -3.69 36.71 1.32
N HIS A 236 -2.59 36.13 1.84
CA HIS A 236 -1.90 34.98 1.27
C HIS A 236 -2.01 33.82 2.25
N LEU A 237 -2.81 32.80 1.87
CA LEU A 237 -3.10 31.64 2.71
C LEU A 237 -2.55 30.36 2.04
N THR A 238 -1.68 29.64 2.78
CA THR A 238 -0.90 28.50 2.32
C THR A 238 -1.09 27.22 3.14
N TYR A 239 -1.82 26.28 2.55
CA TYR A 239 -2.09 24.98 3.13
C TYR A 239 -1.02 24.00 2.71
N ILE A 240 -0.35 23.38 3.67
CA ILE A 240 0.67 22.38 3.47
C ILE A 240 0.07 21.10 2.94
N ARG A 241 -1.07 20.66 3.54
CA ARG A 241 -1.82 19.47 3.19
C ARG A 241 -2.47 19.59 1.81
N PRO A 242 -2.52 18.50 0.99
CA PRO A 242 -1.94 17.14 1.21
C PRO A 242 -0.42 17.14 1.03
N HIS A 243 0.32 16.63 2.00
CA HIS A 243 1.79 16.65 1.97
C HIS A 243 2.31 15.70 3.05
N PRO A 244 3.45 14.96 2.81
CA PRO A 244 3.99 14.09 3.87
C PRO A 244 4.40 14.87 5.13
N PRO A 245 4.47 14.27 6.35
CA PRO A 245 4.17 12.86 6.71
C PRO A 245 2.68 12.65 6.59
N LEU A 246 2.28 11.75 5.69
CA LEU A 246 0.89 11.41 5.40
C LEU A 246 0.14 10.82 6.58
N VAL A 247 -0.76 11.63 7.14
CA VAL A 247 -1.64 11.30 8.24
C VAL A 247 -2.85 12.21 8.12
N ALA A 248 -4.06 11.65 8.30
CA ALA A 248 -5.30 12.42 8.22
C ALA A 248 -6.14 12.23 9.48
N PRO A 249 -6.76 13.32 10.02
CA PRO A 249 -7.61 13.12 11.21
C PRO A 249 -8.94 12.42 10.85
N ALA A 250 -9.55 11.71 11.81
CA ALA A 250 -10.84 11.00 11.62
C ALA A 250 -11.92 12.03 11.17
N PRO A 251 -12.72 11.77 10.10
CA PRO A 251 -12.89 10.51 9.34
C PRO A 251 -12.10 10.40 8.03
N TYR A 252 -11.28 11.43 7.70
CA TYR A 252 -10.53 11.50 6.46
C TYR A 252 -9.56 10.39 6.18
N ASN A 253 -8.96 9.81 7.26
CA ASN A 253 -7.94 8.77 7.22
C ASN A 253 -8.35 7.52 6.41
N THR A 254 -9.61 7.10 6.56
CA THR A 254 -10.19 5.92 5.92
C THR A 254 -11.42 6.24 5.06
N MET A 255 -11.72 7.53 4.80
CA MET A 255 -12.86 7.91 3.96
C MET A 255 -12.86 7.29 2.57
N TYR A 256 -11.65 7.08 2.00
CA TYR A 256 -11.43 6.44 0.71
C TYR A 256 -10.79 5.07 0.93
N ASP A 257 -11.39 4.04 0.32
CA ASP A 257 -10.93 2.67 0.42
C ASP A 257 -9.74 2.48 -0.52
N PRO A 258 -8.54 2.11 -0.02
CA PRO A 258 -7.38 1.90 -0.92
C PRO A 258 -7.59 0.78 -1.96
N ALA A 259 -8.47 -0.18 -1.65
CA ALA A 259 -8.83 -1.31 -2.51
C ALA A 259 -9.71 -0.92 -3.70
N LYS A 260 -10.32 0.29 -3.66
CA LYS A 260 -11.21 0.76 -4.74
C LYS A 260 -10.61 1.90 -5.57
N LEU A 261 -9.38 2.26 -5.24
CA LEU A 261 -8.69 3.32 -5.95
C LEU A 261 -7.95 2.75 -7.17
N PRO A 262 -7.74 3.54 -8.25
CA PRO A 262 -6.94 3.01 -9.37
C PRO A 262 -5.46 2.91 -8.91
N LEU A 263 -4.72 1.97 -9.48
CA LEU A 263 -3.30 1.81 -9.18
C LEU A 263 -2.53 2.96 -9.86
N PRO A 264 -1.30 3.31 -9.42
CA PRO A 264 -0.58 4.39 -10.14
C PRO A 264 -0.25 3.99 -11.59
N ALA A 265 -0.03 5.01 -12.46
CA ALA A 265 0.39 4.82 -13.84
C ALA A 265 1.90 4.56 -13.77
N ARG A 266 2.34 3.37 -14.18
CA ARG A 266 3.74 2.97 -14.07
C ARG A 266 4.07 1.80 -14.99
N LEU A 267 5.38 1.59 -15.23
CA LEU A 267 5.88 0.44 -15.98
C LEU A 267 5.91 -0.80 -15.02
N PRO A 268 5.89 -2.06 -15.48
CA PRO A 268 5.78 -3.16 -14.50
C PRO A 268 6.78 -3.16 -13.31
N GLY A 269 8.04 -2.93 -13.59
CA GLY A 269 9.07 -2.96 -12.56
C GLY A 269 9.91 -1.71 -12.51
N ARG A 270 10.70 -1.58 -11.44
CA ARG A 270 11.58 -0.46 -11.18
C ARG A 270 12.67 -0.37 -12.24
N ASP A 271 13.18 -1.54 -12.66
CA ASP A 271 14.22 -1.61 -13.70
C ASP A 271 13.71 -1.18 -15.06
N ASP A 272 12.37 -1.23 -15.33
CA ASP A 272 11.76 -0.80 -16.61
C ASP A 272 11.74 0.69 -16.67
N GLU A 273 11.50 1.30 -15.51
CA GLU A 273 11.47 2.75 -15.31
C GLU A 273 12.83 3.38 -15.55
N THR A 274 13.85 2.78 -14.94
CA THR A 274 15.24 3.20 -15.02
C THR A 274 15.86 2.87 -16.40
N ALA A 275 15.37 1.81 -17.08
CA ALA A 275 15.84 1.47 -18.45
C ALA A 275 15.52 2.59 -19.44
N GLU A 276 14.49 3.42 -19.15
CA GLU A 276 14.08 4.54 -19.99
C GLU A 276 15.11 5.68 -20.01
N HIS A 277 15.78 5.93 -18.86
CA HIS A 277 16.87 6.89 -18.74
C HIS A 277 17.54 6.68 -17.37
N PRO A 278 18.88 6.73 -17.29
CA PRO A 278 19.57 6.52 -16.01
C PRO A 278 19.20 7.46 -14.85
N PHE A 279 18.68 8.68 -15.15
CA PHE A 279 18.22 9.71 -14.21
C PHE A 279 17.21 9.15 -13.19
N PHE A 280 16.36 8.21 -13.63
CA PHE A 280 15.28 7.55 -12.88
C PHE A 280 15.72 6.56 -11.84
N GLY A 281 16.98 6.13 -11.93
CA GLY A 281 17.64 5.28 -10.94
C GLY A 281 17.64 6.05 -9.65
N PRO A 282 18.43 7.16 -9.56
CA PRO A 282 18.41 8.02 -8.35
C PRO A 282 17.05 8.65 -8.05
N ALA A 283 16.26 8.97 -9.10
CA ALA A 283 14.93 9.58 -8.99
C ALA A 283 13.89 8.65 -8.36
N THR A 284 13.89 7.33 -8.64
CA THR A 284 12.95 6.42 -7.96
C THR A 284 13.49 6.08 -6.55
N ARG A 285 14.78 6.35 -6.30
CA ARG A 285 15.44 6.02 -5.02
C ARG A 285 15.46 7.20 -4.04
N TYR A 286 15.14 8.43 -4.50
CA TYR A 286 15.14 9.70 -3.75
C TYR A 286 14.06 9.72 -2.65
N SER A 287 12.81 9.31 -3.01
CA SER A 287 11.65 9.23 -2.11
C SER A 287 11.03 7.84 -2.17
N SER A 288 10.27 7.47 -1.14
CA SER A 288 9.62 6.16 -1.05
C SER A 288 8.42 6.24 -0.10
N PRO A 289 7.51 5.24 -0.09
CA PRO A 289 6.41 5.28 0.89
C PRO A 289 6.90 5.44 2.34
N ALA A 290 8.04 4.75 2.70
CA ALA A 290 8.72 4.80 4.01
C ALA A 290 9.17 6.21 4.41
N SER A 291 9.50 7.08 3.43
CA SER A 291 9.93 8.45 3.71
C SER A 291 8.74 9.45 3.72
N PHE A 292 7.55 9.00 3.29
CA PHE A 292 6.33 9.81 3.18
C PHE A 292 5.37 9.71 4.40
N VAL A 293 5.79 8.98 5.45
CA VAL A 293 5.02 8.76 6.69
C VAL A 293 6.01 8.67 7.88
N LEU A 294 5.53 8.85 9.13
CA LEU A 294 6.34 8.74 10.35
C LEU A 294 5.87 7.54 11.21
N GLY A 295 6.82 6.71 11.65
CA GLY A 295 6.58 5.53 12.48
C GLY A 295 6.65 4.17 11.80
N PHE A 296 7.06 4.17 10.50
CA PHE A 296 7.18 2.98 9.63
C PHE A 296 8.55 3.02 8.89
N PRO A 297 9.69 2.74 9.61
CA PRO A 297 11.00 2.85 8.96
C PRO A 297 11.30 1.74 7.94
N ASP A 298 10.69 0.56 8.13
CA ASP A 298 10.90 -0.63 7.31
C ASP A 298 9.72 -0.91 6.35
N LEU A 299 8.85 0.10 6.14
CA LEU A 299 7.66 0.05 5.28
C LEU A 299 7.99 -0.40 3.86
N GLU A 300 7.35 -1.50 3.42
CA GLU A 300 7.55 -2.11 2.11
C GLU A 300 6.67 -1.44 1.05
N PRO A 301 7.21 -1.10 -0.16
CA PRO A 301 6.38 -0.50 -1.19
C PRO A 301 5.46 -1.50 -1.92
N THR A 302 4.56 -2.14 -1.15
CA THR A 302 3.60 -3.08 -1.72
C THR A 302 2.44 -2.25 -2.32
N ASP A 303 1.56 -2.90 -3.11
CA ASP A 303 0.38 -2.27 -3.68
C ASP A 303 -0.57 -1.84 -2.57
N GLU A 304 -0.64 -2.59 -1.46
CA GLU A 304 -1.46 -2.26 -0.27
C GLU A 304 -0.96 -0.97 0.38
N THR A 305 0.37 -0.85 0.54
CA THR A 305 1.02 0.33 1.10
C THR A 305 0.78 1.56 0.19
N ILE A 306 1.14 1.45 -1.10
CA ILE A 306 1.00 2.51 -2.11
C ILE A 306 -0.41 3.08 -2.17
N GLN A 307 -1.43 2.19 -2.22
CA GLN A 307 -2.83 2.58 -2.28
C GLN A 307 -3.36 3.26 -1.01
N THR A 308 -2.79 2.87 0.15
CA THR A 308 -3.14 3.43 1.46
C THR A 308 -2.68 4.88 1.56
N LEU A 309 -1.42 5.15 1.17
CA LEU A 309 -0.81 6.46 1.12
C LEU A 309 -1.61 7.36 0.18
N ARG A 310 -2.03 6.80 -0.99
CA ARG A 310 -2.84 7.45 -2.02
C ARG A 310 -4.22 7.84 -1.47
N ALA A 311 -4.87 6.93 -0.69
CA ALA A 311 -6.16 7.18 -0.04
C ALA A 311 -6.04 8.26 1.07
N VAL A 312 -4.94 8.27 1.85
CA VAL A 312 -4.66 9.24 2.91
C VAL A 312 -4.48 10.63 2.32
N TYR A 313 -3.69 10.73 1.22
CA TYR A 313 -3.41 11.95 0.45
C TYR A 313 -4.72 12.58 -0.07
N LEU A 314 -5.60 11.77 -0.69
CA LEU A 314 -6.90 12.21 -1.20
C LEU A 314 -7.82 12.68 -0.07
N GLY A 315 -7.74 12.05 1.09
CA GLY A 315 -8.52 12.42 2.28
C GLY A 315 -8.13 13.78 2.84
N LEU A 316 -6.82 14.11 2.82
CA LEU A 316 -6.24 15.42 3.23
C LEU A 316 -6.64 16.53 2.26
N ALA A 317 -6.72 16.24 0.94
CA ALA A 317 -7.18 17.16 -0.11
C ALA A 317 -8.68 17.48 0.13
N THR A 318 -9.51 16.48 0.46
CA THR A 318 -10.93 16.69 0.80
C THR A 318 -11.06 17.61 2.06
N GLU A 319 -10.22 17.40 3.10
CA GLU A 319 -10.24 18.24 4.28
C GLU A 319 -9.80 19.69 3.96
N VAL A 320 -8.84 19.88 3.04
CA VAL A 320 -8.43 21.23 2.60
C VAL A 320 -9.64 21.89 1.91
N ASP A 321 -10.32 21.12 1.04
CA ASP A 321 -11.52 21.56 0.35
C ASP A 321 -12.60 22.07 1.31
N THR A 322 -12.98 21.31 2.36
CA THR A 322 -14.01 21.70 3.37
C THR A 322 -13.67 23.04 4.01
N HIS A 323 -12.41 23.25 4.39
CA HIS A 323 -11.95 24.49 5.01
C HIS A 323 -11.89 25.68 4.05
N ILE A 324 -11.65 25.45 2.74
CA ILE A 324 -11.66 26.50 1.69
C ILE A 324 -13.10 27.01 1.49
N GLY A 325 -14.09 26.13 1.66
CA GLY A 325 -15.50 26.48 1.62
C GLY A 325 -15.89 27.50 2.69
N ARG A 326 -15.26 27.41 3.87
CA ARG A 326 -15.45 28.34 5.00
C ARG A 326 -14.87 29.71 4.66
N VAL A 327 -13.73 29.75 3.93
CA VAL A 327 -13.04 30.98 3.47
C VAL A 327 -13.95 31.70 2.44
N ILE A 328 -14.51 30.94 1.48
CA ILE A 328 -15.46 31.45 0.47
C ILE A 328 -16.72 31.97 1.16
N ALA A 329 -17.31 31.18 2.10
CA ALA A 329 -18.51 31.54 2.86
C ALA A 329 -18.33 32.86 3.59
N HIS A 330 -17.14 33.10 4.17
CA HIS A 330 -16.79 34.36 4.84
C HIS A 330 -16.88 35.55 3.89
N LEU A 331 -16.36 35.40 2.65
CA LEU A 331 -16.36 36.45 1.63
C LEU A 331 -17.80 36.80 1.21
N LYS A 332 -18.65 35.76 1.01
CA LYS A 332 -20.05 35.90 0.63
C LYS A 332 -20.84 36.60 1.76
N GLU A 333 -20.64 36.15 3.01
CA GLU A 333 -21.29 36.66 4.21
C GLU A 333 -20.99 38.14 4.45
N THR A 334 -19.75 38.58 4.13
CA THR A 334 -19.29 39.96 4.32
C THR A 334 -19.54 40.83 3.07
N GLY A 335 -20.06 40.21 2.01
CA GLY A 335 -20.33 40.86 0.73
C GLY A 335 -19.05 41.28 0.03
N GLN A 336 -17.97 40.51 0.23
CA GLN A 336 -16.65 40.78 -0.33
C GLN A 336 -16.25 39.82 -1.47
N TYR A 337 -17.07 38.80 -1.75
CA TYR A 337 -16.82 37.80 -2.79
C TYR A 337 -16.75 38.37 -4.22
N ASP A 338 -17.74 39.17 -4.62
CA ASP A 338 -17.79 39.74 -5.98
C ASP A 338 -16.71 40.79 -6.26
N ASP A 339 -16.22 41.50 -5.21
CA ASP A 339 -15.19 42.55 -5.27
C ASP A 339 -13.74 42.04 -4.98
N THR A 340 -13.51 40.70 -5.08
CA THR A 340 -12.20 40.09 -4.77
C THR A 340 -11.60 39.28 -5.94
N LEU A 341 -10.30 39.50 -6.19
CA LEU A 341 -9.55 38.69 -7.12
C LEU A 341 -9.13 37.46 -6.32
N ILE A 342 -9.70 36.30 -6.67
CA ILE A 342 -9.40 35.03 -6.02
C ILE A 342 -8.49 34.23 -6.91
N VAL A 343 -7.34 33.84 -6.37
CA VAL A 343 -6.37 33.02 -7.10
C VAL A 343 -6.13 31.74 -6.28
N VAL A 344 -6.49 30.60 -6.87
CA VAL A 344 -6.30 29.30 -6.22
C VAL A 344 -5.44 28.45 -7.14
N THR A 345 -4.34 27.93 -6.59
CA THR A 345 -3.40 27.08 -7.30
C THR A 345 -2.68 26.13 -6.33
N ALA A 346 -1.80 25.27 -6.88
CA ALA A 346 -0.86 24.45 -6.15
C ALA A 346 0.54 24.89 -6.63
N ASP A 347 1.55 24.80 -5.75
CA ASP A 347 2.93 25.17 -6.05
C ASP A 347 3.61 24.21 -7.04
N HIS A 348 3.40 22.91 -6.85
CA HIS A 348 3.93 21.80 -7.61
C HIS A 348 2.98 20.61 -7.41
N GLY A 349 3.28 19.52 -8.11
CA GLY A 349 2.57 18.27 -8.04
C GLY A 349 3.23 17.25 -7.14
N GLU A 350 2.84 16.00 -7.32
CA GLU A 350 3.22 14.86 -6.51
C GLU A 350 3.12 13.64 -7.39
N MET A 351 4.18 12.81 -7.51
CA MET A 351 4.15 11.58 -8.32
C MET A 351 3.14 10.57 -7.81
N LEU A 352 3.04 10.42 -6.47
CA LEU A 352 2.08 9.57 -5.77
C LEU A 352 2.14 8.08 -6.19
N GLY A 353 3.36 7.60 -6.41
CA GLY A 353 3.58 6.20 -6.79
C GLY A 353 3.71 6.02 -8.29
N ASP A 354 3.28 7.04 -9.07
CA ASP A 354 3.37 7.01 -10.53
C ASP A 354 4.82 6.85 -10.91
N ARG A 355 5.10 5.92 -11.86
CA ARG A 355 6.45 5.64 -12.41
C ARG A 355 7.45 5.19 -11.33
N HIS A 356 6.96 4.47 -10.31
CA HIS A 356 7.68 3.92 -9.15
C HIS A 356 8.40 5.00 -8.34
N SER A 357 7.82 6.22 -8.31
CA SER A 357 8.39 7.37 -7.63
C SER A 357 7.38 8.18 -6.82
N TRP A 358 7.89 8.95 -5.84
CA TRP A 358 7.13 9.78 -4.92
C TRP A 358 7.78 11.14 -4.89
N GLY A 359 6.99 12.16 -4.52
CA GLY A 359 7.45 13.54 -4.47
C GLY A 359 7.42 14.27 -5.81
N LYS A 360 8.39 15.19 -6.01
CA LYS A 360 8.46 16.04 -7.20
C LYS A 360 9.89 16.23 -7.78
N MET A 361 10.91 15.48 -7.28
CA MET A 361 12.30 15.54 -7.79
C MET A 361 12.43 14.59 -9.00
N THR A 362 11.74 14.95 -10.09
CA THR A 362 11.67 14.20 -11.35
C THR A 362 11.33 15.16 -12.50
N VAL A 363 11.12 14.59 -13.71
CA VAL A 363 10.85 15.33 -14.96
C VAL A 363 9.46 15.05 -15.54
N TYR A 364 8.68 14.11 -14.94
CA TYR A 364 7.34 13.81 -15.43
C TYR A 364 6.33 14.89 -15.03
N ASP A 365 5.33 15.11 -15.91
CA ASP A 365 4.28 16.12 -15.78
C ASP A 365 3.55 16.16 -14.44
N ALA A 366 3.26 14.98 -13.84
CA ALA A 366 2.55 14.89 -12.55
C ALA A 366 3.25 15.69 -11.42
N ALA A 367 4.57 15.91 -11.53
CA ALA A 367 5.36 16.68 -10.58
C ALA A 367 5.20 18.22 -10.76
N TYR A 368 4.65 18.68 -11.92
CA TYR A 368 4.54 20.09 -12.31
C TYR A 368 3.14 20.54 -12.63
N HIS A 369 2.32 19.68 -13.27
CA HIS A 369 0.93 19.99 -13.64
C HIS A 369 0.10 20.31 -12.37
N THR A 370 -0.34 21.57 -12.27
CA THR A 370 -1.05 22.07 -11.09
C THR A 370 -2.38 22.72 -11.41
N PRO A 371 -3.37 22.62 -10.50
CA PRO A 371 -4.65 23.28 -10.77
C PRO A 371 -4.51 24.80 -10.62
N LEU A 372 -5.36 25.54 -11.35
CA LEU A 372 -5.40 27.00 -11.32
C LEU A 372 -6.81 27.50 -11.59
N ILE A 373 -7.38 28.22 -10.60
CA ILE A 373 -8.70 28.80 -10.68
C ILE A 373 -8.53 30.27 -10.36
N ILE A 374 -9.06 31.12 -11.25
CA ILE A 374 -9.01 32.55 -11.03
C ILE A 374 -10.40 33.13 -11.16
N ARG A 375 -10.87 33.79 -10.09
CA ARG A 375 -12.13 34.50 -10.12
C ARG A 375 -11.85 35.97 -9.95
N ALA A 376 -12.40 36.76 -10.86
CA ALA A 376 -12.27 38.20 -10.83
C ALA A 376 -13.63 38.79 -11.14
N PRO A 377 -14.04 39.91 -10.51
CA PRO A 377 -15.32 40.53 -10.90
C PRO A 377 -15.38 40.78 -12.42
N GLY A 378 -16.45 40.28 -13.04
CA GLY A 378 -16.66 40.40 -14.48
C GLY A 378 -16.04 39.31 -15.34
N CYS A 379 -15.49 38.23 -14.73
CA CYS A 379 -14.89 37.13 -15.50
C CYS A 379 -16.00 36.25 -16.08
N LYS A 380 -15.64 35.38 -17.06
CA LYS A 380 -16.59 34.46 -17.69
C LYS A 380 -16.73 33.24 -16.78
N PRO A 381 -17.86 33.06 -16.04
CA PRO A 381 -17.96 31.88 -15.14
C PRO A 381 -18.02 30.57 -15.91
N GLY A 382 -17.24 29.59 -15.47
CA GLY A 382 -17.18 28.27 -16.10
C GLY A 382 -16.27 28.18 -17.32
N HIS A 383 -15.55 29.28 -17.66
CA HIS A 383 -14.60 29.32 -18.78
C HIS A 383 -13.36 28.44 -18.46
N VAL A 384 -12.99 27.60 -19.44
CA VAL A 384 -11.90 26.65 -19.33
C VAL A 384 -10.81 27.04 -20.34
N VAL A 385 -9.59 27.26 -19.83
CA VAL A 385 -8.41 27.62 -20.61
C VAL A 385 -7.56 26.37 -20.91
N GLU A 386 -7.21 26.18 -22.20
CA GLU A 386 -6.40 25.06 -22.70
C GLU A 386 -4.97 25.47 -23.11
N ALA A 387 -4.72 26.79 -23.26
CA ALA A 387 -3.41 27.33 -23.62
C ALA A 387 -2.37 27.03 -22.53
N PRO A 388 -1.07 26.82 -22.86
CA PRO A 388 -0.07 26.57 -21.80
C PRO A 388 0.15 27.81 -20.93
N THR A 389 -0.05 27.65 -19.63
CA THR A 389 0.15 28.70 -18.64
C THR A 389 1.23 28.23 -17.68
N GLU A 390 1.94 29.19 -17.08
CA GLU A 390 3.05 28.92 -16.18
C GLU A 390 2.85 29.59 -14.84
N SER A 391 3.49 29.03 -13.79
CA SER A 391 3.37 29.52 -12.41
C SER A 391 3.82 30.98 -12.25
N ILE A 392 4.73 31.43 -13.14
CA ILE A 392 5.28 32.79 -13.19
C ILE A 392 4.27 33.83 -13.70
N ASP A 393 3.13 33.37 -14.27
CA ASP A 393 2.05 34.22 -14.79
C ASP A 393 1.12 34.75 -13.69
N LEU A 394 1.26 34.26 -12.46
CA LEU A 394 0.37 34.66 -11.37
C LEU A 394 0.65 36.06 -10.82
N MET A 395 1.91 36.35 -10.46
CA MET A 395 2.33 37.68 -9.98
C MET A 395 1.90 38.80 -10.98
N PRO A 396 2.23 38.72 -12.31
CA PRO A 396 1.81 39.79 -13.22
C PRO A 396 0.29 39.93 -13.38
N THR A 397 -0.48 38.86 -13.18
CA THR A 397 -1.95 38.90 -13.24
C THR A 397 -2.50 39.79 -12.10
N ILE A 398 -2.00 39.58 -10.86
CA ILE A 398 -2.41 40.30 -9.67
C ILE A 398 -2.09 41.77 -9.81
N LEU A 399 -0.82 42.11 -10.16
CA LEU A 399 -0.36 43.49 -10.34
C LEU A 399 -1.17 44.23 -11.39
N ASP A 400 -1.44 43.58 -12.54
CA ASP A 400 -2.24 44.13 -13.63
C ASP A 400 -3.62 44.50 -13.09
N TRP A 401 -4.30 43.53 -12.42
CA TRP A 401 -5.64 43.70 -11.86
C TRP A 401 -5.75 44.84 -10.83
N VAL A 402 -4.72 45.05 -9.98
CA VAL A 402 -4.71 46.15 -9.00
C VAL A 402 -4.27 47.49 -9.64
N GLY A 403 -3.71 47.42 -10.84
CA GLY A 403 -3.24 48.57 -11.59
C GLY A 403 -1.86 49.03 -11.20
N GLN A 404 -0.99 48.10 -10.76
CA GLN A 404 0.37 48.36 -10.33
C GLN A 404 1.33 47.90 -11.42
N GLU A 405 2.37 48.73 -11.71
CA GLU A 405 3.41 48.48 -12.71
C GLU A 405 4.06 47.13 -12.48
N ILE A 406 4.19 46.33 -13.55
CA ILE A 406 4.85 45.05 -13.47
C ILE A 406 6.34 45.31 -13.78
N PRO A 407 7.27 44.93 -12.86
CA PRO A 407 8.69 45.10 -13.17
C PRO A 407 9.12 44.28 -14.42
N ASN A 408 10.16 44.77 -15.15
CA ASN A 408 10.72 44.11 -16.33
C ASN A 408 11.39 42.76 -15.96
N ALA A 409 11.86 42.62 -14.70
CA ALA A 409 12.45 41.38 -14.17
C ALA A 409 11.49 40.17 -14.28
N VAL A 410 10.17 40.43 -14.25
CA VAL A 410 9.13 39.42 -14.33
C VAL A 410 9.07 38.79 -15.72
N ASP A 411 9.37 37.48 -15.77
CA ASP A 411 9.34 36.66 -17.00
C ASP A 411 7.92 36.25 -17.40
N GLY A 412 7.04 36.15 -16.41
CA GLY A 412 5.64 35.79 -16.61
C GLY A 412 4.81 36.86 -17.26
N ARG A 413 3.67 36.47 -17.81
CA ARG A 413 2.74 37.36 -18.49
C ARG A 413 1.36 37.26 -17.85
N SER A 414 0.67 38.41 -17.73
CA SER A 414 -0.67 38.51 -17.15
C SER A 414 -1.67 37.58 -17.86
N LEU A 415 -2.47 36.86 -17.04
CA LEU A 415 -3.51 35.96 -17.50
C LEU A 415 -4.84 36.67 -17.66
N ARG A 416 -4.86 38.00 -17.40
CA ARG A 416 -6.06 38.84 -17.49
C ARG A 416 -6.83 38.72 -18.81
N PRO A 417 -6.22 38.72 -20.03
CA PRO A 417 -7.03 38.53 -21.28
C PRO A 417 -7.93 37.28 -21.28
N PHE A 418 -7.43 36.15 -20.73
CA PHE A 418 -8.13 34.87 -20.58
C PHE A 418 -9.38 34.92 -19.68
N LEU A 419 -9.41 35.85 -18.69
CA LEU A 419 -10.52 36.00 -17.74
C LEU A 419 -11.86 36.37 -18.38
N THR A 420 -11.82 37.12 -19.51
CA THR A 420 -13.00 37.50 -20.28
C THR A 420 -13.18 36.59 -21.52
N GLY A 421 -12.65 35.36 -21.42
CA GLY A 421 -12.74 34.33 -22.44
C GLY A 421 -11.89 34.55 -23.68
N GLU A 422 -11.00 35.57 -23.67
CA GLU A 422 -10.10 35.87 -24.80
C GLU A 422 -8.76 35.18 -24.66
N ALA A 423 -7.79 35.48 -25.55
CA ALA A 423 -6.43 34.92 -25.54
C ALA A 423 -5.51 35.75 -26.42
N PRO A 424 -4.35 36.21 -25.89
CA PRO A 424 -3.41 36.98 -26.74
C PRO A 424 -2.91 36.16 -27.93
N SER A 425 -2.75 36.80 -29.11
CA SER A 425 -2.28 36.14 -30.33
C SER A 425 -0.81 35.69 -30.28
N ASP A 426 0.01 36.36 -29.45
CA ASP A 426 1.44 36.07 -29.29
C ASP A 426 1.72 35.24 -27.98
N TRP A 427 0.70 34.51 -27.49
CA TRP A 427 0.82 33.70 -26.27
C TRP A 427 1.74 32.50 -26.50
N ARG A 428 2.17 31.91 -25.39
CA ARG A 428 3.00 30.71 -25.29
C ARG A 428 2.46 29.58 -26.15
N GLN A 429 3.36 28.81 -26.79
CA GLN A 429 2.95 27.61 -27.55
C GLN A 429 3.55 26.32 -26.94
N TYR A 430 4.32 26.50 -25.86
CA TYR A 430 5.00 25.47 -25.10
C TYR A 430 5.18 25.98 -23.67
N SER A 431 5.41 25.08 -22.71
CA SER A 431 5.70 25.47 -21.33
C SER A 431 7.13 25.03 -21.00
N PHE A 432 7.72 25.68 -20.02
CA PHE A 432 9.11 25.45 -19.65
C PHE A 432 9.28 25.26 -18.13
N SER A 433 9.99 24.20 -17.74
CA SER A 433 10.29 23.91 -16.33
C SER A 433 11.78 23.61 -16.13
N GLU A 434 12.28 23.85 -14.93
CA GLU A 434 13.67 23.61 -14.56
C GLU A 434 13.78 22.84 -13.24
N LEU A 435 14.90 22.13 -13.07
CA LEU A 435 15.18 21.40 -11.83
C LEU A 435 16.67 21.44 -11.62
N ASP A 436 17.12 21.29 -10.38
CA ASP A 436 18.54 21.25 -10.07
C ASP A 436 18.76 19.99 -9.26
N ILE A 437 19.58 19.07 -9.82
CA ILE A 437 19.90 17.76 -9.24
C ILE A 437 21.28 17.72 -8.56
N SER A 438 21.77 18.89 -8.09
CA SER A 438 23.03 19.04 -7.36
C SER A 438 22.77 19.72 -5.99
N GLU A 439 23.68 19.53 -5.03
CA GLU A 439 23.60 20.09 -3.68
C GLU A 439 25.01 20.47 -3.28
N PRO A 440 25.33 21.79 -3.13
CA PRO A 440 26.73 22.22 -2.88
C PRO A 440 27.49 21.59 -1.73
N LEU A 441 26.86 21.35 -0.59
CA LEU A 441 27.58 20.79 0.58
C LEU A 441 27.39 19.29 0.81
N ASP A 442 26.34 18.71 0.23
CA ASP A 442 26.03 17.29 0.40
C ASP A 442 25.61 16.70 -0.95
N PRO A 443 26.58 16.18 -1.74
CA PRO A 443 26.24 15.63 -3.07
C PRO A 443 25.04 14.67 -3.12
N THR A 444 24.14 14.91 -4.07
CA THR A 444 22.90 14.15 -4.28
C THR A 444 23.21 12.76 -4.83
N LEU A 445 22.18 11.90 -4.90
CA LEU A 445 22.30 10.55 -5.47
C LEU A 445 22.72 10.61 -6.95
N TRP A 446 22.23 11.61 -7.71
CA TRP A 446 22.60 11.85 -9.12
C TRP A 446 24.07 12.24 -9.25
N GLN A 447 24.58 13.10 -8.31
CA GLN A 447 25.97 13.55 -8.29
C GLN A 447 26.91 12.40 -7.98
N GLN A 448 26.50 11.53 -7.02
CA GLN A 448 27.26 10.37 -6.58
C GLN A 448 27.37 9.34 -7.71
N GLU A 449 26.28 9.11 -8.46
CA GLU A 449 26.25 8.13 -9.55
C GLU A 449 26.80 8.67 -10.87
N PHE A 450 26.57 9.96 -11.17
CA PHE A 450 27.02 10.50 -12.44
C PHE A 450 28.28 11.37 -12.45
N GLY A 451 28.76 11.77 -11.28
CA GLY A 451 30.04 12.46 -11.12
C GLY A 451 30.19 13.93 -11.46
N PHE A 452 29.08 14.66 -11.63
CA PHE A 452 29.09 16.10 -11.96
C PHE A 452 29.07 16.96 -10.68
N GLY A 453 29.57 18.19 -10.79
CA GLY A 453 29.63 19.14 -9.68
C GLY A 453 28.40 20.03 -9.56
N PRO A 454 28.39 20.94 -8.55
CA PRO A 454 27.20 21.79 -8.33
C PRO A 454 26.92 22.95 -9.29
N SER A 455 27.74 23.08 -10.36
CA SER A 455 27.55 24.06 -11.44
C SER A 455 26.83 23.37 -12.62
N ALA A 456 26.73 22.02 -12.58
CA ALA A 456 26.14 21.20 -13.65
C ALA A 456 24.91 20.37 -13.24
N GLY A 457 24.19 20.85 -12.23
CA GLY A 457 23.00 20.17 -11.73
C GLY A 457 21.69 20.48 -12.42
N ALA A 458 21.69 21.50 -13.32
CA ALA A 458 20.47 21.94 -14.01
C ALA A 458 19.88 21.01 -15.04
N VAL A 459 18.56 20.87 -14.97
CA VAL A 459 17.72 20.08 -15.86
C VAL A 459 16.68 21.08 -16.41
N ALA A 460 16.31 20.94 -17.68
CA ALA A 460 15.31 21.76 -18.33
C ALA A 460 14.31 20.89 -19.08
N ILE A 461 13.01 21.27 -19.02
CA ILE A 461 11.88 20.56 -19.65
C ILE A 461 11.12 21.53 -20.58
N LEU A 462 10.84 21.12 -21.83
CA LEU A 462 10.06 21.90 -22.78
C LEU A 462 8.84 21.07 -23.22
N ARG A 463 7.63 21.55 -22.93
CA ARG A 463 6.40 20.85 -23.27
C ARG A 463 5.77 21.48 -24.48
N ASP A 464 5.92 20.82 -25.61
CA ASP A 464 5.38 21.19 -26.90
C ASP A 464 4.01 20.46 -27.01
N ALA A 465 3.17 20.87 -27.98
CA ALA A 465 1.85 20.25 -28.21
C ALA A 465 1.91 18.71 -28.40
N ARG A 466 2.99 18.23 -29.05
CA ARG A 466 3.24 16.82 -29.33
C ARG A 466 4.36 16.21 -28.45
N PHE A 467 5.49 16.90 -28.31
CA PHE A 467 6.61 16.36 -27.57
C PHE A 467 6.93 17.01 -26.25
N THR A 468 7.68 16.28 -25.42
CA THR A 468 8.29 16.76 -24.18
C THR A 468 9.76 16.41 -24.30
N LEU A 469 10.59 17.43 -24.19
CA LEU A 469 12.04 17.31 -24.26
C LEU A 469 12.64 17.60 -22.87
N VAL A 470 13.60 16.76 -22.45
CA VAL A 470 14.35 16.92 -21.21
C VAL A 470 15.83 17.05 -21.61
N GLU A 471 16.51 18.14 -21.17
CA GLU A 471 17.94 18.35 -21.43
C GLU A 471 18.67 18.61 -20.14
N PHE A 472 19.84 17.97 -19.98
CA PHE A 472 20.71 18.08 -18.81
C PHE A 472 21.95 18.97 -19.08
N ALA A 473 22.39 19.74 -18.06
CA ALA A 473 23.62 20.55 -18.10
C ALA A 473 24.80 19.57 -18.01
N ALA A 474 24.63 18.49 -17.21
CA ALA A 474 25.60 17.40 -17.04
C ALA A 474 25.60 16.50 -18.30
N ASP A 475 26.63 15.67 -18.43
CA ASP A 475 26.79 14.79 -19.58
C ASP A 475 25.86 13.56 -19.58
N LEU A 476 24.55 13.82 -19.49
CA LEU A 476 23.48 12.82 -19.52
C LEU A 476 22.66 13.06 -20.78
N PRO A 477 22.27 12.02 -21.53
CA PRO A 477 21.52 12.25 -22.78
C PRO A 477 20.12 12.86 -22.60
N PRO A 478 19.57 13.51 -23.66
CA PRO A 478 18.21 14.05 -23.54
C PRO A 478 17.13 12.96 -23.44
N MET A 479 15.92 13.38 -23.06
CA MET A 479 14.75 12.53 -23.06
C MET A 479 13.79 13.12 -24.07
N LEU A 480 13.05 12.29 -24.76
CA LEU A 480 12.05 12.73 -25.70
C LEU A 480 10.81 11.85 -25.60
N PHE A 481 9.66 12.47 -25.24
CA PHE A 481 8.39 11.79 -25.08
C PHE A 481 7.40 12.31 -26.13
N ASP A 482 6.91 11.40 -26.99
CA ASP A 482 5.94 11.70 -28.03
C ASP A 482 4.50 11.43 -27.50
N HIS A 483 3.69 12.48 -27.38
CA HIS A 483 2.32 12.38 -26.92
C HIS A 483 1.32 11.83 -27.97
N GLN A 484 1.77 11.65 -29.22
CA GLN A 484 1.01 11.03 -30.30
C GLN A 484 1.36 9.52 -30.35
N GLY A 485 2.41 9.13 -29.63
CA GLY A 485 2.89 7.76 -29.49
C GLY A 485 2.63 7.23 -28.10
N GLU A 486 3.68 6.74 -27.42
CA GLU A 486 3.61 6.16 -26.07
C GLU A 486 3.59 7.17 -24.90
N GLY A 487 3.63 8.45 -25.22
CA GLY A 487 3.64 9.52 -24.23
C GLY A 487 4.94 9.50 -23.45
N GLU A 488 4.83 9.62 -22.13
CA GLU A 488 5.91 9.61 -21.15
C GLU A 488 6.46 8.23 -20.83
N PHE A 489 5.73 7.17 -21.28
CA PHE A 489 6.03 5.75 -21.03
C PHE A 489 7.18 5.20 -21.88
N ARG A 490 7.73 6.02 -22.77
CA ARG A 490 8.86 5.64 -23.60
C ARG A 490 9.71 6.84 -23.96
N ASN A 491 10.99 6.80 -23.56
CA ASN A 491 11.96 7.81 -23.96
C ASN A 491 12.43 7.42 -25.38
N VAL A 492 12.06 8.25 -26.38
CA VAL A 492 12.38 8.00 -27.79
C VAL A 492 13.56 8.83 -28.35
N ALA A 493 14.36 9.49 -27.47
CA ALA A 493 15.48 10.32 -27.88
C ALA A 493 16.60 9.60 -28.67
N GLY A 494 16.77 8.30 -28.45
CA GLY A 494 17.78 7.52 -29.16
C GLY A 494 17.32 6.96 -30.50
N ASP A 495 16.02 7.11 -30.81
CA ASP A 495 15.43 6.62 -32.06
C ASP A 495 15.84 7.54 -33.23
N PRO A 496 16.53 6.99 -34.28
CA PRO A 496 16.95 7.85 -35.41
C PRO A 496 15.80 8.57 -36.14
N ALA A 497 14.60 7.98 -36.09
CA ALA A 497 13.39 8.51 -36.70
C ALA A 497 12.92 9.83 -36.02
N HIS A 498 13.42 10.11 -34.79
CA HIS A 498 13.11 11.32 -34.00
C HIS A 498 14.28 12.31 -33.87
N ALA A 499 15.39 12.10 -34.60
CA ALA A 499 16.57 12.97 -34.57
C ALA A 499 16.28 14.43 -34.99
N ALA A 500 15.46 14.62 -36.03
CA ALA A 500 15.05 15.95 -36.50
C ALA A 500 14.13 16.65 -35.51
N ASP A 501 13.21 15.91 -34.82
CA ASP A 501 12.32 16.47 -33.80
C ASP A 501 13.12 16.91 -32.61
N LEU A 502 14.10 16.06 -32.19
CA LEU A 502 15.03 16.28 -31.07
C LEU A 502 15.84 17.57 -31.29
N ALA A 503 16.43 17.73 -32.51
CA ALA A 503 17.21 18.90 -32.88
C ALA A 503 16.38 20.20 -32.89
N ARG A 504 15.14 20.12 -33.43
CA ARG A 504 14.19 21.22 -33.55
C ARG A 504 13.72 21.72 -32.17
N LEU A 505 13.35 20.78 -31.26
CA LEU A 505 12.90 21.10 -29.90
C LEU A 505 14.01 21.66 -29.03
N SER A 506 15.23 21.11 -29.17
CA SER A 506 16.42 21.57 -28.43
C SER A 506 16.82 23.00 -28.85
N ARG A 507 16.62 23.36 -30.15
CA ARG A 507 16.89 24.74 -30.62
C ARG A 507 15.83 25.67 -30.04
N GLN A 508 14.58 25.19 -29.99
CA GLN A 508 13.46 25.90 -29.36
C GLN A 508 13.75 26.13 -27.86
N MET A 509 14.34 25.13 -27.18
CA MET A 509 14.76 25.22 -25.77
C MET A 509 15.92 26.19 -25.60
N LEU A 510 16.92 26.14 -26.51
CA LEU A 510 18.07 27.03 -26.53
C LEU A 510 17.58 28.48 -26.67
N ARG A 511 16.70 28.72 -27.65
CA ARG A 511 16.11 30.05 -27.89
C ARG A 511 15.34 30.58 -26.68
N HIS A 512 14.59 29.72 -25.96
CA HIS A 512 13.82 30.11 -24.77
C HIS A 512 14.75 30.69 -23.69
N ARG A 513 15.91 30.02 -23.43
CA ARG A 513 16.94 30.46 -22.48
C ARG A 513 17.48 31.84 -22.90
N MET A 514 17.80 31.99 -24.21
CA MET A 514 18.32 33.24 -24.80
C MET A 514 17.29 34.36 -24.80
N ARG A 515 15.99 34.02 -24.95
CA ARG A 515 14.90 35.02 -24.95
C ARG A 515 14.45 35.42 -23.55
N ASN A 516 14.83 34.65 -22.54
CA ASN A 516 14.43 34.90 -21.16
C ASN A 516 15.62 34.98 -20.21
N MET A 517 16.62 35.82 -20.55
CA MET A 517 17.77 36.09 -19.67
C MET A 517 17.32 37.20 -18.72
N ASP A 518 18.10 37.48 -17.65
CA ASP A 518 17.74 38.48 -16.63
C ASP A 518 17.39 39.87 -17.20
N HIS A 519 16.10 40.26 -17.10
CA HIS A 519 15.59 41.56 -17.62
C HIS A 519 15.53 42.72 -16.59
N THR A 520 16.14 42.56 -15.39
CA THR A 520 16.17 43.59 -14.34
C THR A 520 16.58 44.98 -14.88
N LEU A 521 17.70 45.05 -15.63
CA LEU A 521 18.23 46.30 -16.20
C LEU A 521 18.54 46.23 -17.71
N SER A 522 18.37 45.05 -18.36
CA SER A 522 18.68 44.87 -19.80
C SER A 522 17.84 45.70 -20.79
N LEU A 523 16.70 46.24 -20.34
CA LEU A 523 15.82 47.09 -21.15
C LEU A 523 15.92 48.56 -20.77
N CYS A 524 16.80 48.86 -19.80
CA CYS A 524 17.11 50.23 -19.40
C CYS A 524 18.27 50.71 -20.28
N SER A 525 18.32 52.01 -20.59
CA SER A 525 19.37 52.60 -21.44
C SER A 525 19.91 53.89 -20.87
N ILE A 526 21.24 54.02 -20.83
CA ILE A 526 21.97 55.22 -20.41
C ILE A 526 22.04 56.13 -21.64
N THR A 527 21.40 57.31 -21.56
CA THR A 527 21.31 58.31 -22.63
C THR A 527 21.93 59.62 -22.13
N HIS A 528 22.16 60.58 -23.06
CA HIS A 528 22.71 61.92 -22.77
C HIS A 528 21.85 62.73 -21.77
N GLU A 529 20.55 62.37 -21.64
CA GLU A 529 19.57 63.00 -20.75
C GLU A 529 19.33 62.21 -19.44
N GLY A 530 19.96 61.05 -19.32
CA GLY A 530 19.82 60.15 -18.18
C GLY A 530 19.37 58.75 -18.57
N ALA A 531 18.99 57.94 -17.59
CA ALA A 531 18.52 56.56 -17.80
C ALA A 531 17.06 56.51 -18.25
N ARG A 532 16.80 55.76 -19.32
CA ARG A 532 15.45 55.61 -19.88
C ARG A 532 15.10 54.12 -19.99
N THR A 533 13.86 53.75 -19.62
CA THR A 533 13.42 52.34 -19.66
C THR A 533 12.41 52.01 -20.75
N GLN A 534 12.46 50.75 -21.23
CA GLN A 534 11.56 50.18 -22.24
C GLN A 534 10.78 49.05 -21.56
N ARG A 535 9.45 49.07 -21.71
CA ARG A 535 8.49 48.10 -21.17
C ARG A 535 8.71 46.74 -21.85
N ARG A 536 8.86 45.65 -21.04
CA ARG A 536 9.14 44.30 -21.54
C ARG A 536 7.99 43.70 -22.32
N TYR A 537 6.81 43.76 -21.70
CA TYR A 537 5.62 43.17 -22.26
C TYR A 537 4.60 44.10 -22.87
N ASP A 538 4.48 43.90 -24.19
CA ASP A 538 3.68 44.46 -25.26
C ASP A 538 2.46 45.29 -24.89
N GLN B 33 -16.41 1.17 40.83
CA GLN B 33 -15.83 -0.17 40.64
C GLN B 33 -16.72 -1.10 39.83
N SER B 34 -18.03 -0.87 39.87
CA SER B 34 -19.03 -1.64 39.15
C SER B 34 -19.93 -0.62 38.43
N ASN B 35 -19.56 -0.25 37.21
CA ASN B 35 -20.27 0.73 36.38
C ASN B 35 -21.07 0.04 35.30
N VAL B 36 -22.10 0.73 34.76
CA VAL B 36 -22.91 0.25 33.64
C VAL B 36 -23.01 1.35 32.57
N LEU B 37 -22.52 1.04 31.36
CA LEU B 37 -22.58 1.95 30.23
C LEU B 37 -23.47 1.29 29.20
N PHE B 38 -24.69 1.84 29.05
CA PHE B 38 -25.71 1.33 28.15
C PHE B 38 -25.94 2.31 26.99
N ILE B 39 -25.42 1.94 25.82
CA ILE B 39 -25.55 2.75 24.61
C ILE B 39 -26.62 2.14 23.67
N ILE B 40 -27.59 2.96 23.23
CA ILE B 40 -28.57 2.56 22.22
C ILE B 40 -28.40 3.45 20.99
N ILE B 41 -28.11 2.84 19.84
CA ILE B 41 -28.02 3.55 18.57
C ILE B 41 -29.41 3.34 17.93
N ASP B 42 -30.16 4.42 17.67
CA ASP B 42 -31.48 4.27 17.07
C ASP B 42 -31.29 3.95 15.58
N GLN B 43 -32.04 2.94 15.11
CA GLN B 43 -32.18 2.56 13.70
C GLN B 43 -30.94 2.03 12.94
N LEU B 44 -29.95 1.45 13.64
CA LEU B 44 -28.80 0.90 12.96
C LEU B 44 -29.03 -0.58 12.60
N ARG B 45 -28.83 -0.93 11.32
CA ARG B 45 -28.97 -2.30 10.83
C ARG B 45 -27.83 -3.17 11.32
N ALA B 46 -28.12 -4.44 11.63
CA ALA B 46 -27.13 -5.45 12.05
C ALA B 46 -26.10 -5.68 10.91
N ASP B 47 -26.55 -5.68 9.63
CA ASP B 47 -25.70 -5.93 8.46
C ASP B 47 -24.67 -4.84 8.14
N CYS B 48 -24.75 -3.69 8.82
CA CYS B 48 -23.80 -2.58 8.68
C CYS B 48 -22.55 -2.89 9.53
N LEU B 49 -22.74 -3.55 10.69
CA LEU B 49 -21.63 -3.93 11.57
C LEU B 49 -20.94 -5.20 11.04
N TRP B 50 -21.73 -6.21 10.69
CA TRP B 50 -21.25 -7.47 10.13
C TRP B 50 -22.36 -8.00 9.24
N GLY B 51 -22.03 -8.23 7.97
CA GLY B 51 -23.00 -8.73 7.00
C GLY B 51 -22.89 -8.06 5.66
N ALA B 52 -24.00 -8.04 4.90
CA ALA B 52 -24.13 -7.54 3.53
C ALA B 52 -23.64 -6.11 3.23
N LEU B 53 -23.81 -5.18 4.20
CA LEU B 53 -23.44 -3.78 4.06
C LEU B 53 -22.15 -3.40 4.79
N ALA B 54 -21.59 -4.32 5.63
CA ALA B 54 -20.38 -4.09 6.43
C ALA B 54 -19.16 -3.57 5.65
N ASP B 55 -18.90 -4.13 4.46
CA ASP B 55 -17.78 -3.70 3.60
C ASP B 55 -18.01 -2.33 2.90
N HIS B 56 -19.17 -1.72 3.09
CA HIS B 56 -19.51 -0.45 2.45
C HIS B 56 -19.61 0.71 3.46
N VAL B 57 -19.19 0.46 4.71
CA VAL B 57 -19.22 1.47 5.78
C VAL B 57 -18.07 1.25 6.78
N GLU B 58 -17.46 2.34 7.24
CA GLU B 58 -16.37 2.31 8.20
C GLU B 58 -16.94 2.47 9.59
N LEU B 59 -16.81 1.43 10.42
CA LEU B 59 -17.25 1.43 11.82
C LEU B 59 -16.08 0.94 12.72
N PRO B 60 -14.90 1.60 12.71
CA PRO B 60 -13.74 1.07 13.44
C PRO B 60 -13.85 0.91 14.94
N HIS B 61 -14.50 1.87 15.63
CA HIS B 61 -14.63 1.83 17.08
C HIS B 61 -15.58 0.75 17.56
N LEU B 62 -16.72 0.56 16.84
CA LEU B 62 -17.68 -0.50 17.12
C LEU B 62 -17.07 -1.88 16.79
N ARG B 63 -16.28 -1.96 15.72
CA ARG B 63 -15.61 -3.20 15.31
C ARG B 63 -14.43 -3.52 16.24
N ALA B 64 -13.78 -2.46 16.82
CA ALA B 64 -12.69 -2.67 17.76
C ALA B 64 -13.25 -3.18 19.07
N LEU B 65 -14.42 -2.64 19.50
CA LEU B 65 -15.11 -3.10 20.70
C LEU B 65 -15.56 -4.55 20.57
N ALA B 66 -16.13 -4.93 19.40
CA ALA B 66 -16.55 -6.31 19.11
C ALA B 66 -15.36 -7.27 19.20
N GLN B 67 -14.17 -6.84 18.71
CA GLN B 67 -12.90 -7.59 18.76
C GLN B 67 -12.42 -7.82 20.21
N ASP B 68 -12.76 -6.91 21.13
CA ASP B 68 -12.38 -6.99 22.54
C ASP B 68 -13.57 -7.43 23.43
N ALA B 69 -14.65 -7.96 22.81
CA ALA B 69 -15.87 -8.33 23.54
C ALA B 69 -16.69 -9.45 22.89
N VAL B 70 -17.97 -9.55 23.28
CA VAL B 70 -18.92 -10.57 22.80
C VAL B 70 -19.96 -9.95 21.84
N SER B 71 -20.05 -10.49 20.61
CA SER B 71 -20.99 -10.08 19.56
C SER B 71 -22.12 -11.12 19.43
N PHE B 72 -23.35 -10.65 19.35
CA PHE B 72 -24.56 -11.47 19.25
C PHE B 72 -25.13 -11.31 17.84
N ARG B 73 -24.94 -12.35 17.01
CA ARG B 73 -25.30 -12.36 15.58
C ARG B 73 -26.76 -12.61 15.20
N ARG B 74 -27.56 -13.19 16.11
CA ARG B 74 -28.98 -13.49 15.85
C ARG B 74 -29.86 -12.73 16.85
N HIS B 75 -29.60 -11.41 16.99
CA HIS B 75 -30.28 -10.51 17.92
C HIS B 75 -31.41 -9.73 17.25
N TYR B 76 -32.62 -9.86 17.79
CA TYR B 76 -33.81 -9.25 17.20
C TYR B 76 -34.60 -8.42 18.18
N SER B 77 -35.12 -7.27 17.70
CA SER B 77 -36.05 -6.44 18.47
C SER B 77 -37.36 -7.27 18.62
N VAL B 78 -37.99 -7.29 19.81
CA VAL B 78 -39.25 -8.04 20.00
C VAL B 78 -40.47 -7.26 19.50
N THR B 79 -40.28 -5.97 19.20
CA THR B 79 -41.38 -5.13 18.72
C THR B 79 -40.94 -3.89 17.93
N ASN B 80 -41.90 -3.16 17.34
CA ASN B 80 -41.72 -1.94 16.55
C ASN B 80 -42.97 -1.00 16.56
N PRO B 81 -42.82 0.34 16.39
CA PRO B 81 -41.59 1.13 16.12
C PRO B 81 -40.76 1.47 17.36
N CYS B 82 -40.06 2.63 17.36
CA CYS B 82 -39.21 3.16 18.44
C CYS B 82 -39.79 3.04 19.87
N GLY B 83 -41.00 3.55 20.08
CA GLY B 83 -41.69 3.49 21.38
C GLY B 83 -41.86 2.08 21.93
N PRO B 84 -42.64 1.20 21.25
CA PRO B 84 -42.79 -0.19 21.75
C PRO B 84 -41.47 -0.94 21.92
N SER B 85 -40.51 -0.73 20.99
CA SER B 85 -39.19 -1.34 21.06
C SER B 85 -38.42 -0.91 22.31
N ARG B 86 -38.38 0.40 22.60
CA ARG B 86 -37.72 0.96 23.81
C ARG B 86 -38.42 0.48 25.09
N ALA B 87 -39.78 0.47 25.09
CA ALA B 87 -40.58 -0.03 26.20
C ALA B 87 -40.13 -1.43 26.55
N SER B 88 -39.99 -2.34 25.53
CA SER B 88 -39.54 -3.73 25.65
C SER B 88 -38.08 -3.87 26.15
N ILE B 89 -37.16 -3.06 25.59
CA ILE B 89 -35.74 -3.05 25.97
C ILE B 89 -35.57 -2.60 27.42
N LEU B 90 -36.28 -1.51 27.82
CA LEU B 90 -36.20 -0.95 29.16
C LEU B 90 -37.00 -1.67 30.24
N THR B 91 -38.01 -2.49 29.87
CA THR B 91 -38.82 -3.27 30.83
C THR B 91 -38.46 -4.77 30.81
N GLY B 92 -37.82 -5.26 29.75
CA GLY B 92 -37.50 -6.69 29.63
C GLY B 92 -38.70 -7.58 29.34
N GLN B 93 -39.83 -6.96 28.90
CA GLN B 93 -41.08 -7.66 28.59
C GLN B 93 -41.47 -7.56 27.12
N TYR B 94 -42.25 -8.52 26.63
CA TYR B 94 -42.81 -8.50 25.28
C TYR B 94 -43.91 -7.42 25.24
N ALA B 95 -44.23 -6.88 24.01
CA ALA B 95 -45.29 -5.89 23.84
C ALA B 95 -46.63 -6.41 24.32
N MET B 96 -46.87 -7.75 24.20
CA MET B 96 -48.10 -8.41 24.69
C MET B 96 -48.25 -8.30 26.23
N ASN B 97 -47.12 -8.14 26.95
CA ASN B 97 -47.12 -7.91 28.40
C ASN B 97 -47.14 -6.42 28.79
N HIS B 98 -46.14 -5.61 28.34
CA HIS B 98 -46.10 -4.17 28.65
C HIS B 98 -47.23 -3.33 28.01
N ARG B 99 -47.79 -3.81 26.89
CA ARG B 99 -48.95 -3.25 26.17
C ARG B 99 -48.84 -1.81 25.59
N SER B 100 -47.62 -1.22 25.61
CA SER B 100 -47.31 0.07 24.99
C SER B 100 -47.02 -0.35 23.54
N VAL B 101 -48.08 -0.71 22.81
CA VAL B 101 -47.99 -1.33 21.49
C VAL B 101 -47.74 -0.40 20.30
N ARG B 102 -48.01 0.91 20.47
CA ARG B 102 -47.77 1.96 19.47
C ARG B 102 -47.08 3.15 20.12
N ASN B 103 -46.59 4.09 19.29
CA ASN B 103 -46.00 5.34 19.76
C ASN B 103 -47.20 6.11 20.33
N GLY B 104 -47.10 6.55 21.57
CA GLY B 104 -48.22 7.22 22.23
C GLY B 104 -49.07 6.33 23.12
N THR B 105 -48.93 4.96 23.03
CA THR B 105 -49.70 4.05 23.90
C THR B 105 -49.09 4.05 25.29
N PRO B 106 -49.84 4.47 26.34
CA PRO B 106 -49.24 4.53 27.69
C PRO B 106 -48.72 3.21 28.25
N LEU B 107 -47.68 3.33 29.06
CA LEU B 107 -47.09 2.21 29.78
C LEU B 107 -47.55 2.36 31.24
N ARG B 108 -48.04 1.25 31.88
CA ARG B 108 -48.49 1.24 33.30
C ARG B 108 -47.39 1.88 34.19
N HIS B 109 -47.79 2.75 35.13
CA HIS B 109 -46.83 3.44 35.99
C HIS B 109 -46.01 2.51 36.90
N ASP B 110 -46.61 1.41 37.36
CA ASP B 110 -45.97 0.45 38.25
C ASP B 110 -45.18 -0.66 37.51
N THR B 111 -44.94 -0.51 36.19
CA THR B 111 -44.17 -1.47 35.38
C THR B 111 -42.69 -1.40 35.79
N PRO B 112 -42.11 -2.50 36.34
CA PRO B 112 -40.69 -2.45 36.71
C PRO B 112 -39.83 -2.25 35.47
N ASN B 113 -38.82 -1.37 35.57
CA ASN B 113 -37.94 -1.10 34.46
C ASN B 113 -36.49 -1.15 34.92
N ILE B 114 -35.53 -1.04 33.97
CA ILE B 114 -34.09 -1.05 34.30
C ILE B 114 -33.68 0.06 35.31
N ALA B 115 -34.27 1.27 35.19
CA ALA B 115 -33.96 2.40 36.09
C ALA B 115 -34.48 2.19 37.51
N THR B 116 -35.77 1.77 37.65
CA THR B 116 -36.38 1.50 38.97
C THR B 116 -35.64 0.39 39.71
N GLU B 117 -35.25 -0.66 38.97
CA GLU B 117 -34.54 -1.80 39.52
C GLU B 117 -33.10 -1.48 39.87
N MET B 118 -32.42 -0.64 39.04
CA MET B 118 -31.05 -0.16 39.31
C MET B 118 -31.01 0.81 40.51
N ARG B 119 -32.12 1.54 40.76
CA ARG B 119 -32.25 2.44 41.92
C ARG B 119 -32.28 1.66 43.22
N LYS B 120 -32.86 0.42 43.18
CA LYS B 120 -32.90 -0.53 44.30
C LYS B 120 -31.48 -1.04 44.61
N ALA B 121 -30.59 -1.09 43.59
CA ALA B 121 -29.18 -1.49 43.67
C ALA B 121 -28.27 -0.30 44.08
N GLY B 122 -28.87 0.88 44.32
CA GLY B 122 -28.18 2.09 44.77
C GLY B 122 -27.65 3.01 43.68
N TYR B 123 -27.99 2.73 42.42
CA TYR B 123 -27.56 3.53 41.26
C TYR B 123 -28.50 4.67 40.94
N LEU B 124 -27.93 5.80 40.47
CA LEU B 124 -28.72 6.91 39.96
C LEU B 124 -28.61 6.74 38.42
N PRO B 125 -29.70 6.30 37.74
CA PRO B 125 -29.63 6.11 36.28
C PRO B 125 -29.53 7.44 35.54
N LEU B 126 -28.35 7.72 34.97
CA LEU B 126 -28.11 8.98 34.25
C LEU B 126 -28.54 8.85 32.81
N LEU B 127 -29.42 9.78 32.35
CA LEU B 127 -29.89 9.75 30.97
C LEU B 127 -29.31 10.84 30.07
N PHE B 128 -28.66 10.43 28.95
CA PHE B 128 -28.18 11.37 27.93
C PHE B 128 -28.94 11.03 26.65
N GLY B 129 -30.02 11.76 26.42
CA GLY B 129 -30.88 11.57 25.26
C GLY B 129 -32.35 11.40 25.54
N TYR B 130 -32.90 10.20 25.25
CA TYR B 130 -34.35 9.94 25.33
C TYR B 130 -34.71 8.49 25.68
N THR B 131 -35.96 8.27 26.08
CA THR B 131 -36.49 6.91 26.34
C THR B 131 -37.76 6.68 25.48
N ASP B 132 -38.39 7.76 24.97
CA ASP B 132 -39.62 7.70 24.17
C ASP B 132 -40.75 6.93 24.87
N THR B 133 -40.98 7.29 26.15
CA THR B 133 -41.97 6.64 27.01
C THR B 133 -43.26 7.42 27.12
N SER B 134 -44.37 6.75 26.79
CA SER B 134 -45.73 7.30 26.89
C SER B 134 -46.16 7.07 28.33
N GLN B 135 -46.36 8.17 29.06
CA GLN B 135 -46.67 8.11 30.48
C GLN B 135 -48.10 7.65 30.78
N ASP B 136 -48.29 7.09 32.00
CA ASP B 136 -49.58 6.60 32.48
C ASP B 136 -50.44 7.81 32.91
N PRO B 137 -51.61 8.02 32.23
CA PRO B 137 -52.49 9.15 32.61
C PRO B 137 -53.02 9.10 34.04
N ARG B 138 -53.06 7.89 34.64
CA ARG B 138 -53.50 7.64 36.01
C ARG B 138 -52.48 8.19 37.05
N ALA B 139 -51.21 8.37 36.64
CA ALA B 139 -50.12 8.83 37.51
C ALA B 139 -49.85 10.35 37.47
N TYR B 140 -50.50 11.08 36.54
CA TYR B 140 -50.29 12.52 36.38
C TYR B 140 -51.59 13.34 36.30
N ASP B 141 -51.50 14.67 36.56
CA ASP B 141 -52.59 15.62 36.38
C ASP B 141 -52.87 15.67 34.86
N ALA B 142 -54.15 15.81 34.44
CA ALA B 142 -54.57 15.87 33.04
C ALA B 142 -53.77 16.87 32.18
N ASN B 143 -53.45 18.05 32.76
CA ASN B 143 -52.69 19.13 32.11
C ASN B 143 -51.13 19.09 32.27
N ASP B 144 -50.58 18.01 32.84
CA ASP B 144 -49.14 17.87 33.04
C ASP B 144 -48.37 17.77 31.70
N PRO B 145 -47.20 18.44 31.56
CA PRO B 145 -46.40 18.34 30.32
C PRO B 145 -46.04 16.90 29.91
N ALA B 146 -45.80 16.00 30.90
CA ALA B 146 -45.46 14.57 30.73
C ALA B 146 -46.48 13.78 29.92
N LEU B 147 -47.74 14.26 29.85
CA LEU B 147 -48.82 13.63 29.09
C LEU B 147 -49.04 14.30 27.70
N LYS B 148 -48.16 15.24 27.31
CA LYS B 148 -48.27 15.96 26.04
C LYS B 148 -47.27 15.50 24.99
N THR B 149 -46.36 14.59 25.39
CA THR B 149 -45.34 14.03 24.51
C THR B 149 -45.08 12.54 24.79
N TYR B 150 -44.90 11.74 23.72
CA TYR B 150 -44.56 10.33 23.87
C TYR B 150 -43.05 10.10 23.81
N GLU B 151 -42.27 11.18 23.92
CA GLU B 151 -40.81 11.20 23.93
C GLU B 151 -40.29 11.42 25.35
N PHE B 152 -41.22 11.55 26.32
CA PHE B 152 -40.96 11.83 27.72
C PHE B 152 -40.07 10.77 28.43
N PRO B 153 -39.10 11.18 29.31
CA PRO B 153 -38.27 10.18 30.01
C PRO B 153 -39.01 9.29 30.99
N MET B 154 -38.66 8.01 30.97
CA MET B 154 -39.18 6.93 31.80
C MET B 154 -38.85 7.16 33.27
N ARG B 155 -39.83 6.82 34.13
CA ARG B 155 -39.79 6.85 35.59
C ARG B 155 -38.55 6.13 36.09
N GLY B 156 -37.78 6.81 36.94
CA GLY B 156 -36.56 6.26 37.51
C GLY B 156 -35.31 6.87 36.90
N PHE B 157 -35.38 7.27 35.63
CA PHE B 157 -34.23 7.86 34.93
C PHE B 157 -34.03 9.30 35.34
N HIS B 158 -32.78 9.66 35.62
CA HIS B 158 -32.40 11.00 35.98
C HIS B 158 -31.77 11.61 34.72
N GLU B 159 -32.49 12.55 34.10
CA GLU B 159 -32.07 13.17 32.86
C GLU B 159 -30.99 14.23 33.08
N VAL B 160 -29.82 14.01 32.44
CA VAL B 160 -28.68 14.89 32.47
C VAL B 160 -28.75 15.77 31.21
N THR B 161 -29.00 15.13 30.03
CA THR B 161 -29.16 15.83 28.74
C THR B 161 -30.40 15.37 28.01
N GLU B 162 -31.30 16.31 27.73
CA GLU B 162 -32.52 16.03 26.99
C GLU B 162 -32.17 16.15 25.53
N MET B 163 -32.39 15.08 24.79
CA MET B 163 -32.14 15.04 23.37
C MET B 163 -33.15 14.14 22.73
N ARG B 164 -34.37 14.63 22.67
CA ARG B 164 -35.50 13.96 22.04
C ARG B 164 -35.60 14.59 20.64
N LEU B 165 -35.74 13.78 19.59
CA LEU B 165 -35.79 14.27 18.21
C LEU B 165 -36.71 15.48 18.00
N GLU B 166 -37.94 15.44 18.50
CA GLU B 166 -38.90 16.55 18.34
C GLU B 166 -38.66 17.74 19.28
N MET B 167 -37.72 17.61 20.22
CA MET B 167 -37.42 18.65 21.17
C MET B 167 -35.98 18.51 21.60
N SER B 168 -35.06 19.13 20.91
CA SER B 168 -33.69 19.00 21.39
C SER B 168 -33.27 20.40 21.79
N TYR B 169 -33.89 20.92 22.87
CA TYR B 169 -33.66 22.27 23.39
C TYR B 169 -32.21 22.60 23.71
N PRO B 170 -31.45 21.73 24.44
CA PRO B 170 -30.02 22.02 24.64
C PRO B 170 -29.25 22.14 23.32
N TRP B 171 -29.48 21.20 22.35
CA TRP B 171 -28.83 21.23 21.03
C TRP B 171 -29.29 22.43 20.18
N GLN B 172 -30.61 22.74 20.18
CA GLN B 172 -31.16 23.91 19.46
C GLN B 172 -30.57 25.22 20.03
N SER B 173 -30.44 25.33 21.39
CA SER B 173 -29.84 26.52 22.03
C SER B 173 -28.33 26.62 21.68
N HIS B 174 -27.64 25.47 21.60
CA HIS B 174 -26.21 25.39 21.22
C HIS B 174 -26.01 26.00 19.80
N LEU B 175 -26.88 25.61 18.83
CA LEU B 175 -26.83 26.10 17.45
C LEU B 175 -27.13 27.59 17.39
N LYS B 176 -28.11 28.04 18.19
CA LYS B 176 -28.45 29.47 18.28
C LYS B 176 -27.29 30.26 18.88
N ASN B 177 -26.65 29.74 19.96
CA ASN B 177 -25.50 30.40 20.60
C ASN B 177 -24.25 30.42 19.72
N ARG B 178 -24.16 29.43 18.80
CA ARG B 178 -23.05 29.29 17.85
C ARG B 178 -23.14 30.30 16.70
N GLY B 179 -24.32 30.88 16.51
CA GLY B 179 -24.58 31.85 15.46
C GLY B 179 -25.20 31.24 14.22
N TYR B 180 -25.98 30.14 14.36
CA TYR B 180 -26.68 29.53 13.23
C TYR B 180 -28.05 30.18 13.09
N ALA B 181 -28.41 30.55 11.87
CA ALA B 181 -29.66 31.23 11.58
C ALA B 181 -30.74 30.22 11.19
N PHE B 182 -31.81 30.16 11.99
CA PHE B 182 -32.97 29.29 11.73
C PHE B 182 -34.20 29.80 12.47
N ASP B 183 -35.30 30.02 11.73
CA ASP B 183 -36.54 30.55 12.31
C ASP B 183 -37.49 29.43 12.80
N ASP B 184 -37.19 28.19 12.37
CA ASP B 184 -37.94 26.97 12.68
C ASP B 184 -36.96 25.83 12.89
N TYR B 185 -37.27 24.94 13.85
CA TYR B 185 -36.44 23.76 14.14
C TYR B 185 -36.28 22.83 12.90
N ALA B 186 -37.33 22.71 12.07
CA ALA B 186 -37.34 21.90 10.86
C ALA B 186 -36.30 22.34 9.81
N GLN B 187 -35.89 23.65 9.81
CA GLN B 187 -34.90 24.26 8.89
C GLN B 187 -33.47 23.72 9.10
N VAL B 188 -33.17 23.27 10.32
CA VAL B 188 -31.90 22.68 10.76
C VAL B 188 -31.55 21.38 9.97
N TYR B 189 -32.58 20.63 9.55
CA TYR B 189 -32.49 19.35 8.86
C TYR B 189 -32.47 19.39 7.34
N VAL B 190 -32.64 20.60 6.77
CA VAL B 190 -32.63 20.83 5.33
C VAL B 190 -31.16 20.80 4.82
N PRO B 191 -30.82 19.90 3.85
CA PRO B 191 -29.45 19.88 3.32
C PRO B 191 -29.12 21.15 2.56
N ARG B 192 -27.88 21.63 2.69
CA ARG B 192 -27.41 22.84 2.01
C ARG B 192 -27.60 22.71 0.49
N PRO B 193 -28.36 23.63 -0.14
CA PRO B 193 -28.51 23.57 -1.60
C PRO B 193 -27.24 24.05 -2.31
N ASP B 194 -27.19 23.88 -3.65
CA ASP B 194 -26.06 24.33 -4.47
C ASP B 194 -25.92 25.86 -4.45
N ALA B 195 -24.78 26.38 -4.94
CA ALA B 195 -24.47 27.80 -5.02
C ALA B 195 -25.60 28.60 -5.68
N ASP B 196 -26.18 28.03 -6.76
CA ASP B 196 -27.29 28.63 -7.50
C ASP B 196 -28.67 28.50 -6.82
N GLY B 197 -28.71 27.85 -5.63
CA GLY B 197 -29.93 27.65 -4.85
C GLY B 197 -30.68 26.37 -5.14
N THR B 198 -30.18 25.53 -6.08
CA THR B 198 -30.79 24.25 -6.46
C THR B 198 -30.72 23.26 -5.29
N PRO B 199 -31.88 22.70 -4.84
CA PRO B 199 -31.84 21.73 -3.74
C PRO B 199 -30.98 20.51 -4.10
N ARG B 200 -30.13 20.11 -3.14
CA ARG B 200 -29.19 19.01 -3.26
C ARG B 200 -29.51 17.98 -2.18
N LEU B 201 -29.86 16.75 -2.62
CA LEU B 201 -30.26 15.63 -1.76
C LEU B 201 -29.20 15.26 -0.70
N ASN B 202 -27.94 15.13 -1.11
CA ASN B 202 -26.85 14.82 -0.18
C ASN B 202 -26.00 16.07 0.13
N GLY B 203 -26.67 17.23 0.12
CA GLY B 203 -26.06 18.50 0.47
C GLY B 203 -25.61 18.45 1.92
N PRO B 204 -24.48 19.11 2.27
CA PRO B 204 -24.03 19.06 3.68
C PRO B 204 -25.04 19.71 4.65
N ALA B 205 -25.06 19.28 5.91
CA ALA B 205 -25.96 19.84 6.93
C ALA B 205 -25.61 21.33 7.22
N MET B 206 -26.61 22.14 7.61
CA MET B 206 -26.45 23.58 7.90
C MET B 206 -25.45 23.80 9.04
N TYR B 207 -25.25 22.79 9.89
CA TYR B 207 -24.30 22.80 10.99
C TYR B 207 -23.02 22.05 10.63
N ARG B 208 -21.88 22.52 11.16
CA ARG B 208 -20.59 21.87 10.96
C ARG B 208 -20.59 20.59 11.81
N ALA B 209 -19.71 19.63 11.48
CA ALA B 209 -19.58 18.34 12.18
C ALA B 209 -19.40 18.49 13.71
N GLU B 210 -18.60 19.46 14.16
CA GLU B 210 -18.36 19.72 15.59
C GLU B 210 -19.59 20.28 16.28
N ASP B 211 -20.60 20.74 15.50
CA ASP B 211 -21.86 21.29 16.04
C ASP B 211 -23.08 20.39 15.82
N SER B 212 -22.84 19.14 15.34
CA SER B 212 -23.89 18.17 15.05
C SER B 212 -24.57 17.63 16.30
N ASP B 213 -25.75 17.04 16.11
CA ASP B 213 -26.55 16.38 17.14
C ASP B 213 -25.76 15.25 17.81
N THR B 214 -25.06 14.40 17.02
CA THR B 214 -24.19 13.31 17.48
C THR B 214 -23.03 13.83 18.34
N ALA B 215 -22.27 14.82 17.81
CA ALA B 215 -21.12 15.47 18.47
C ALA B 215 -21.54 16.15 19.78
N PHE B 216 -22.64 16.93 19.74
CA PHE B 216 -23.18 17.65 20.89
C PHE B 216 -23.55 16.73 22.05
N LEU B 217 -24.27 15.59 21.77
CA LEU B 217 -24.67 14.66 22.83
C LEU B 217 -23.45 14.00 23.49
N THR B 218 -22.46 13.62 22.68
CA THR B 218 -21.16 13.06 23.12
C THR B 218 -20.42 14.08 23.99
N ASP B 219 -20.44 15.36 23.57
CA ASP B 219 -19.83 16.44 24.33
C ASP B 219 -20.51 16.61 25.69
N GLN B 220 -21.86 16.49 25.75
CA GLN B 220 -22.62 16.59 27.01
C GLN B 220 -22.31 15.43 27.97
N PHE B 221 -22.14 14.18 27.43
CA PHE B 221 -21.71 13.00 28.17
C PHE B 221 -20.31 13.26 28.77
N LEU B 222 -19.35 13.74 27.94
CA LEU B 222 -17.98 14.03 28.36
C LEU B 222 -17.85 15.27 29.28
N ALA B 223 -18.83 16.19 29.23
CA ALA B 223 -18.87 17.38 30.10
C ALA B 223 -19.43 17.02 31.47
N ASN B 224 -20.10 15.85 31.59
CA ASN B 224 -20.75 15.44 32.84
C ASN B 224 -20.20 14.20 33.52
N MET B 225 -19.58 13.29 32.76
CA MET B 225 -19.04 12.04 33.34
C MET B 225 -17.78 12.14 34.22
N PRO B 226 -16.79 13.07 33.97
CA PRO B 226 -15.58 13.10 34.81
C PRO B 226 -15.74 13.05 36.32
N ALA B 227 -16.68 13.82 36.90
CA ALA B 227 -16.93 13.82 38.35
C ALA B 227 -17.58 12.52 38.89
N TRP B 228 -18.17 11.68 37.99
CA TRP B 228 -18.80 10.40 38.36
C TRP B 228 -17.77 9.26 38.56
N ALA B 229 -16.53 9.44 38.02
CA ALA B 229 -15.43 8.48 38.11
C ALA B 229 -15.10 8.15 39.55
N GLY B 230 -14.90 6.88 39.83
CA GLY B 230 -14.62 6.39 41.18
C GLY B 230 -15.83 5.75 41.82
N GLN B 231 -16.99 6.43 41.70
CA GLN B 231 -18.28 5.96 42.22
C GLN B 231 -18.91 5.01 41.21
N ASN B 232 -19.89 4.20 41.65
CA ASN B 232 -20.58 3.28 40.76
C ASN B 232 -21.63 4.08 39.99
N TRP B 233 -21.42 4.23 38.69
CA TRP B 233 -22.38 4.97 37.87
C TRP B 233 -23.07 4.06 36.85
N PHE B 234 -24.25 4.51 36.41
CA PHE B 234 -25.09 3.92 35.37
C PHE B 234 -25.47 5.07 34.42
N ALA B 235 -24.88 5.04 33.22
CA ALA B 235 -25.11 6.06 32.20
C ALA B 235 -25.78 5.42 30.99
N HIS B 236 -26.90 6.03 30.57
CA HIS B 236 -27.68 5.60 29.42
C HIS B 236 -27.56 6.68 28.34
N LEU B 237 -26.81 6.35 27.27
CA LEU B 237 -26.53 7.27 26.16
C LEU B 237 -27.28 6.81 24.91
N THR B 238 -28.18 7.66 24.41
CA THR B 238 -29.02 7.28 23.26
C THR B 238 -28.81 8.15 22.02
N TYR B 239 -28.22 7.58 20.97
CA TYR B 239 -28.00 8.27 19.72
C TYR B 239 -29.14 8.07 18.75
N ILE B 240 -29.70 9.16 18.23
CA ILE B 240 -30.78 9.10 17.25
C ILE B 240 -30.28 8.67 15.87
N ARG B 241 -29.13 9.19 15.45
CA ARG B 241 -28.48 8.91 14.18
C ARG B 241 -27.89 7.48 14.06
N PRO B 242 -27.93 6.81 12.88
CA PRO B 242 -28.53 7.24 11.61
C PRO B 242 -30.07 7.17 11.70
N HIS B 243 -30.78 8.22 11.24
CA HIS B 243 -32.25 8.33 11.35
C HIS B 243 -32.75 9.50 10.54
N PRO B 244 -33.96 9.40 9.92
CA PRO B 244 -34.50 10.56 9.19
C PRO B 244 -34.80 11.77 10.12
N PRO B 245 -34.85 13.03 9.62
CA PRO B 245 -34.60 13.50 8.24
C PRO B 245 -33.12 13.34 7.92
N LEU B 246 -32.82 12.49 6.93
CA LEU B 246 -31.47 12.15 6.51
C LEU B 246 -30.67 13.34 5.98
N VAL B 247 -29.70 13.77 6.79
CA VAL B 247 -28.77 14.86 6.50
C VAL B 247 -27.52 14.58 7.33
N ALA B 248 -26.31 14.77 6.73
CA ALA B 248 -25.04 14.54 7.43
C ALA B 248 -24.13 15.75 7.28
N PRO B 249 -23.39 16.17 8.32
CA PRO B 249 -22.50 17.32 8.15
C PRO B 249 -21.27 16.96 7.32
N ALA B 250 -20.62 17.96 6.72
CA ALA B 250 -19.41 17.75 5.95
C ALA B 250 -18.28 17.14 6.85
N PRO B 251 -17.55 16.07 6.43
CA PRO B 251 -17.53 15.41 5.11
C PRO B 251 -18.40 14.16 4.95
N TYR B 252 -19.18 13.79 6.00
CA TYR B 252 -20.01 12.55 6.00
C TYR B 252 -21.13 12.50 4.96
N ASN B 253 -21.60 13.66 4.51
CA ASN B 253 -22.71 13.72 3.54
C ASN B 253 -22.40 13.01 2.20
N THR B 254 -21.15 13.14 1.72
CA THR B 254 -20.69 12.56 0.46
C THR B 254 -19.52 11.59 0.62
N MET B 255 -19.16 11.22 1.86
CA MET B 255 -18.04 10.29 2.10
C MET B 255 -18.17 8.95 1.34
N TYR B 256 -19.43 8.46 1.19
CA TYR B 256 -19.75 7.26 0.45
C TYR B 256 -20.45 7.63 -0.86
N ASP B 257 -19.91 7.08 -1.96
CA ASP B 257 -20.42 7.34 -3.30
C ASP B 257 -21.67 6.47 -3.51
N PRO B 258 -22.86 7.08 -3.77
CA PRO B 258 -24.08 6.29 -4.03
C PRO B 258 -23.98 5.33 -5.22
N ALA B 259 -23.11 5.67 -6.19
CA ALA B 259 -22.85 4.90 -7.41
C ALA B 259 -22.02 3.63 -7.18
N LYS B 260 -21.37 3.51 -6.02
CA LYS B 260 -20.51 2.36 -5.69
C LYS B 260 -21.12 1.48 -4.60
N LEU B 261 -22.32 1.82 -4.15
CA LEU B 261 -23.00 1.07 -3.13
C LEU B 261 -23.82 -0.05 -3.76
N PRO B 262 -24.07 -1.18 -3.06
CA PRO B 262 -24.97 -2.19 -3.62
C PRO B 262 -26.41 -1.65 -3.59
N LEU B 263 -27.23 -2.08 -4.55
CA LEU B 263 -28.64 -1.68 -4.61
C LEU B 263 -29.39 -2.42 -3.51
N PRO B 264 -30.57 -1.95 -3.04
CA PRO B 264 -31.28 -2.72 -2.01
C PRO B 264 -31.72 -4.09 -2.50
N ALA B 265 -31.94 -5.03 -1.56
CA ALA B 265 -32.46 -6.36 -1.85
C ALA B 265 -33.98 -6.17 -2.01
N ARG B 266 -34.50 -6.43 -3.21
CA ARG B 266 -35.92 -6.21 -3.54
C ARG B 266 -36.37 -7.00 -4.78
N LEU B 267 -37.68 -7.28 -4.90
CA LEU B 267 -38.29 -7.88 -6.10
C LEU B 267 -38.32 -6.76 -7.23
N PRO B 268 -38.53 -7.04 -8.53
CA PRO B 268 -38.40 -5.95 -9.54
C PRO B 268 -39.16 -4.63 -9.34
N GLY B 269 -40.43 -4.71 -8.94
CA GLY B 269 -41.25 -3.52 -8.70
C GLY B 269 -42.01 -3.56 -7.38
N ARG B 270 -42.60 -2.41 -7.02
CA ARG B 270 -43.41 -2.22 -5.81
C ARG B 270 -44.65 -3.13 -5.81
N ASP B 271 -45.24 -3.38 -7.00
CA ASP B 271 -46.42 -4.22 -7.19
C ASP B 271 -46.11 -5.72 -6.99
N ASP B 272 -44.82 -6.14 -7.19
CA ASP B 272 -44.35 -7.51 -6.97
C ASP B 272 -44.26 -7.80 -5.49
N GLU B 273 -44.01 -6.76 -4.67
CA GLU B 273 -43.90 -6.82 -3.22
C GLU B 273 -45.26 -6.98 -2.60
N THR B 274 -46.23 -6.19 -3.09
CA THR B 274 -47.65 -6.19 -2.69
C THR B 274 -48.34 -7.48 -3.14
N ALA B 275 -47.85 -8.12 -4.22
CA ALA B 275 -48.36 -9.40 -4.74
C ALA B 275 -48.03 -10.57 -3.82
N GLU B 276 -46.95 -10.47 -3.00
CA GLU B 276 -46.54 -11.50 -2.06
C GLU B 276 -47.53 -11.66 -0.88
N HIS B 277 -48.05 -10.53 -0.39
CA HIS B 277 -49.06 -10.43 0.66
C HIS B 277 -49.75 -9.07 0.56
N PRO B 278 -51.11 -8.99 0.58
CA PRO B 278 -51.78 -7.66 0.52
C PRO B 278 -51.33 -6.64 1.59
N PHE B 279 -50.75 -7.12 2.72
CA PHE B 279 -50.18 -6.33 3.82
C PHE B 279 -49.15 -5.30 3.28
N PHE B 280 -48.37 -5.69 2.25
CA PHE B 280 -47.29 -4.92 1.67
C PHE B 280 -47.69 -3.72 0.85
N GLY B 281 -48.97 -3.65 0.48
CA GLY B 281 -49.54 -2.47 -0.19
C GLY B 281 -49.38 -1.30 0.75
N PRO B 282 -50.06 -1.27 1.92
CA PRO B 282 -49.83 -0.15 2.87
C PRO B 282 -48.40 0.02 3.41
N ALA B 283 -47.60 -1.08 3.49
CA ALA B 283 -46.25 -1.09 4.05
C ALA B 283 -45.23 -0.29 3.22
N THR B 284 -45.24 -0.48 1.89
CA THR B 284 -44.40 0.20 0.93
C THR B 284 -44.84 1.68 0.74
N ARG B 285 -46.04 2.03 1.23
CA ARG B 285 -46.63 3.37 1.14
C ARG B 285 -46.48 4.18 2.43
N TYR B 286 -46.36 3.51 3.59
CA TYR B 286 -46.23 4.10 4.93
C TYR B 286 -45.09 5.12 4.99
N SER B 287 -43.90 4.72 4.49
CA SER B 287 -42.67 5.53 4.39
C SER B 287 -42.16 5.52 2.94
N SER B 288 -41.37 6.53 2.60
CA SER B 288 -40.81 6.71 1.26
C SER B 288 -39.56 7.58 1.32
N PRO B 289 -38.70 7.62 0.27
CA PRO B 289 -37.54 8.53 0.31
C PRO B 289 -37.95 9.98 0.62
N ALA B 290 -39.10 10.45 0.05
CA ALA B 290 -39.67 11.80 0.25
C ALA B 290 -40.01 12.10 1.71
N SER B 291 -40.39 11.08 2.52
CA SER B 291 -40.70 11.28 3.93
C SER B 291 -39.46 11.13 4.84
N PHE B 292 -38.33 10.66 4.28
CA PHE B 292 -37.07 10.42 4.99
C PHE B 292 -36.06 11.57 4.96
N VAL B 293 -36.43 12.69 4.32
CA VAL B 293 -35.62 13.92 4.18
C VAL B 293 -36.54 15.17 4.26
N LEU B 294 -35.97 16.36 4.55
CA LEU B 294 -36.72 17.62 4.58
C LEU B 294 -36.28 18.56 3.45
N GLY B 295 -37.24 19.11 2.70
CA GLY B 295 -37.00 20.03 1.58
C GLY B 295 -37.21 19.47 0.19
N PHE B 296 -37.69 18.22 0.09
CA PHE B 296 -37.94 17.47 -1.16
C PHE B 296 -39.35 16.81 -1.09
N PRO B 297 -40.46 17.58 -1.21
CA PRO B 297 -41.80 16.98 -1.06
C PRO B 297 -42.24 16.08 -2.22
N ASP B 298 -41.70 16.33 -3.43
CA ASP B 298 -42.04 15.63 -4.66
C ASP B 298 -40.94 14.64 -5.11
N LEU B 299 -40.01 14.31 -4.18
CA LEU B 299 -38.88 13.41 -4.41
C LEU B 299 -39.31 12.05 -4.97
N GLU B 300 -38.77 11.69 -6.15
CA GLU B 300 -39.05 10.43 -6.84
C GLU B 300 -38.18 9.28 -6.34
N PRO B 301 -38.75 8.07 -6.11
CA PRO B 301 -37.94 6.96 -5.63
C PRO B 301 -37.12 6.29 -6.73
N THR B 302 -36.22 7.07 -7.37
CA THR B 302 -35.33 6.54 -8.41
C THR B 302 -34.16 5.82 -7.72
N ASP B 303 -33.37 5.05 -8.48
CA ASP B 303 -32.17 4.38 -7.97
C ASP B 303 -31.15 5.42 -7.47
N GLU B 304 -31.06 6.58 -8.15
CA GLU B 304 -30.18 7.68 -7.77
C GLU B 304 -30.58 8.23 -6.37
N THR B 305 -31.87 8.44 -6.15
CA THR B 305 -32.44 8.92 -4.90
C THR B 305 -32.18 7.89 -3.77
N ILE B 306 -32.62 6.63 -3.99
CA ILE B 306 -32.49 5.52 -3.04
C ILE B 306 -31.04 5.33 -2.56
N GLN B 307 -30.07 5.31 -3.51
CA GLN B 307 -28.65 5.13 -3.21
C GLN B 307 -28.01 6.31 -2.46
N THR B 308 -28.53 7.54 -2.70
CA THR B 308 -28.08 8.76 -2.05
C THR B 308 -28.46 8.75 -0.58
N LEU B 309 -29.73 8.39 -0.29
CA LEU B 309 -30.27 8.25 1.08
C LEU B 309 -29.48 7.19 1.84
N ARG B 310 -29.15 6.07 1.15
CA ARG B 310 -28.38 4.94 1.65
C ARG B 310 -26.96 5.38 2.02
N ALA B 311 -26.31 6.19 1.15
CA ALA B 311 -24.99 6.76 1.40
C ALA B 311 -24.99 7.76 2.59
N VAL B 312 -26.03 8.59 2.71
CA VAL B 312 -26.19 9.58 3.80
C VAL B 312 -26.34 8.87 5.16
N TYR B 313 -27.18 7.80 5.19
CA TYR B 313 -27.44 6.94 6.34
C TYR B 313 -26.12 6.30 6.85
N LEU B 314 -25.33 5.72 5.93
CA LEU B 314 -24.05 5.09 6.24
C LEU B 314 -23.01 6.10 6.77
N GLY B 315 -23.03 7.32 6.23
CA GLY B 315 -22.17 8.41 6.68
C GLY B 315 -22.52 8.85 8.11
N LEU B 316 -23.83 8.87 8.42
CA LEU B 316 -24.32 9.17 9.77
C LEU B 316 -23.89 8.10 10.78
N ALA B 317 -23.74 6.82 10.32
CA ALA B 317 -23.33 5.69 11.16
C ALA B 317 -21.84 5.79 11.52
N THR B 318 -20.99 6.17 10.52
CA THR B 318 -19.55 6.40 10.69
C THR B 318 -19.33 7.61 11.63
N GLU B 319 -20.23 8.60 11.57
CA GLU B 319 -20.17 9.73 12.48
C GLU B 319 -20.42 9.28 13.94
N VAL B 320 -21.42 8.37 14.15
CA VAL B 320 -21.79 7.81 15.46
C VAL B 320 -20.60 7.03 16.05
N ASP B 321 -20.04 6.12 15.23
CA ASP B 321 -18.85 5.34 15.53
C ASP B 321 -17.74 6.25 16.06
N THR B 322 -17.40 7.30 15.28
CA THR B 322 -16.33 8.26 15.58
C THR B 322 -16.46 8.81 17.00
N HIS B 323 -17.70 9.24 17.37
CA HIS B 323 -18.04 9.76 18.69
C HIS B 323 -18.09 8.70 19.78
N ILE B 324 -18.38 7.43 19.42
CA ILE B 324 -18.37 6.29 20.37
C ILE B 324 -16.91 5.98 20.80
N GLY B 325 -15.96 6.17 19.88
CA GLY B 325 -14.52 6.04 20.14
C GLY B 325 -14.05 6.97 21.22
N ARG B 326 -14.62 8.19 21.26
CA ARG B 326 -14.31 9.21 22.28
C ARG B 326 -14.82 8.78 23.65
N VAL B 327 -16.01 8.12 23.71
CA VAL B 327 -16.64 7.59 24.93
C VAL B 327 -15.75 6.45 25.50
N ILE B 328 -15.29 5.53 24.61
CA ILE B 328 -14.39 4.42 24.95
C ILE B 328 -13.05 4.98 25.47
N ALA B 329 -12.46 5.96 24.74
CA ALA B 329 -11.19 6.61 25.09
C ALA B 329 -11.26 7.22 26.49
N HIS B 330 -12.40 7.85 26.85
CA HIS B 330 -12.63 8.42 28.17
C HIS B 330 -12.53 7.35 29.27
N LEU B 331 -13.12 6.14 29.03
CA LEU B 331 -13.13 5.04 29.99
C LEU B 331 -11.71 4.50 30.20
N LYS B 332 -10.94 4.36 29.11
CA LYS B 332 -9.54 3.89 29.13
C LYS B 332 -8.65 4.90 29.86
N GLU B 333 -8.79 6.21 29.54
CA GLU B 333 -8.04 7.33 30.13
C GLU B 333 -8.26 7.44 31.62
N THR B 334 -9.49 7.14 32.12
CA THR B 334 -9.86 7.21 33.53
C THR B 334 -9.62 5.89 34.27
N GLY B 335 -9.21 4.86 33.53
CA GLY B 335 -8.98 3.52 34.04
C GLY B 335 -10.26 2.84 34.47
N GLN B 336 -11.37 3.17 33.80
CA GLN B 336 -12.72 2.66 34.09
C GLN B 336 -13.23 1.66 33.07
N TYR B 337 -12.51 1.44 31.97
CA TYR B 337 -12.89 0.50 30.90
C TYR B 337 -13.01 -0.97 31.34
N ASP B 338 -12.00 -1.50 32.04
CA ASP B 338 -11.98 -2.90 32.47
C ASP B 338 -13.02 -3.22 33.56
N ASP B 339 -13.41 -2.23 34.40
CA ASP B 339 -14.38 -2.35 35.51
C ASP B 339 -15.84 -1.92 35.12
N THR B 340 -16.15 -1.87 33.80
CA THR B 340 -17.47 -1.44 33.29
C THR B 340 -18.16 -2.49 32.42
N LEU B 341 -19.47 -2.70 32.68
CA LEU B 341 -20.32 -3.51 31.84
C LEU B 341 -20.75 -2.56 30.72
N ILE B 342 -20.27 -2.84 29.49
CA ILE B 342 -20.60 -2.03 28.30
C ILE B 342 -21.60 -2.79 27.46
N VAL B 343 -22.74 -2.15 27.20
CA VAL B 343 -23.79 -2.72 26.37
C VAL B 343 -24.02 -1.77 25.20
N VAL B 344 -23.76 -2.26 23.98
CA VAL B 344 -23.99 -1.51 22.75
C VAL B 344 -24.95 -2.28 21.88
N THR B 345 -26.05 -1.63 21.50
CA THR B 345 -27.10 -2.19 20.65
C THR B 345 -27.78 -1.10 19.84
N ALA B 346 -28.67 -1.53 18.94
CA ALA B 346 -29.58 -0.67 18.19
C ALA B 346 -30.97 -1.07 18.63
N ASP B 347 -31.87 -0.11 18.72
CA ASP B 347 -33.26 -0.32 19.13
C ASP B 347 -34.05 -1.20 18.12
N HIS B 348 -33.97 -0.84 16.82
CA HIS B 348 -34.67 -1.54 15.73
C HIS B 348 -33.84 -1.34 14.48
N GLY B 349 -34.12 -2.12 13.44
CA GLY B 349 -33.44 -1.99 12.17
C GLY B 349 -34.05 -0.88 11.32
N GLU B 350 -33.87 -0.99 10.01
CA GLU B 350 -34.30 0.00 9.01
C GLU B 350 -34.34 -0.73 7.67
N MET B 351 -35.45 -0.66 6.92
CA MET B 351 -35.52 -1.33 5.61
C MET B 351 -34.53 -0.77 4.59
N LEU B 352 -34.35 0.57 4.58
CA LEU B 352 -33.39 1.26 3.73
C LEU B 352 -33.56 1.00 2.22
N GLY B 353 -34.81 0.90 1.79
CA GLY B 353 -35.13 0.69 0.38
C GLY B 353 -35.34 -0.76 0.05
N ASP B 354 -34.90 -1.66 0.96
CA ASP B 354 -35.08 -3.11 0.81
C ASP B 354 -36.58 -3.39 0.69
N ARG B 355 -36.96 -4.20 -0.32
CA ARG B 355 -38.34 -4.63 -0.55
C ARG B 355 -39.29 -3.46 -0.85
N HIS B 356 -38.76 -2.40 -1.50
CA HIS B 356 -39.44 -1.15 -1.89
C HIS B 356 -40.07 -0.42 -0.70
N SER B 357 -39.43 -0.55 0.49
CA SER B 357 -39.92 0.05 1.72
C SER B 357 -38.82 0.70 2.55
N TRP B 358 -39.23 1.61 3.45
CA TRP B 358 -38.36 2.39 4.33
C TRP B 358 -38.92 2.31 5.74
N GLY B 359 -38.08 2.55 6.74
CA GLY B 359 -38.52 2.49 8.13
C GLY B 359 -38.49 1.10 8.72
N LYS B 360 -39.40 0.85 9.66
CA LYS B 360 -39.51 -0.40 10.43
C LYS B 360 -40.96 -0.90 10.65
N MET B 361 -41.97 -0.29 9.94
CA MET B 361 -43.38 -0.74 10.08
C MET B 361 -43.69 -1.81 9.05
N THR B 362 -43.02 -2.96 9.24
CA THR B 362 -43.09 -4.13 8.35
C THR B 362 -42.75 -5.40 9.16
N VAL B 363 -42.67 -6.55 8.49
CA VAL B 363 -42.43 -7.88 9.06
C VAL B 363 -41.10 -8.53 8.64
N TYR B 364 -40.33 -7.86 7.73
CA TYR B 364 -39.04 -8.40 7.31
C TYR B 364 -37.95 -8.18 8.35
N ASP B 365 -36.99 -9.13 8.43
CA ASP B 365 -35.89 -9.16 9.39
C ASP B 365 -35.06 -7.88 9.53
N ALA B 366 -34.81 -7.17 8.42
CA ALA B 366 -34.04 -5.93 8.41
C ALA B 366 -34.61 -4.86 9.34
N ALA B 367 -35.93 -4.91 9.60
CA ALA B 367 -36.62 -3.98 10.52
C ALA B 367 -36.38 -4.33 12.03
N TYR B 368 -35.90 -5.57 12.34
CA TYR B 368 -35.72 -6.09 13.71
C TYR B 368 -34.31 -6.52 14.04
N HIS B 369 -33.58 -7.10 13.07
CA HIS B 369 -32.20 -7.59 13.26
C HIS B 369 -31.29 -6.39 13.65
N THR B 370 -30.76 -6.43 14.87
CA THR B 370 -29.97 -5.34 15.42
C THR B 370 -28.64 -5.80 15.99
N PRO B 371 -27.60 -4.92 15.91
CA PRO B 371 -26.30 -5.31 16.47
C PRO B 371 -26.34 -5.35 17.98
N LEU B 372 -25.50 -6.21 18.59
CA LEU B 372 -25.37 -6.31 20.04
C LEU B 372 -23.95 -6.69 20.43
N ILE B 373 -23.29 -5.80 21.17
CA ILE B 373 -21.93 -6.01 21.68
C ILE B 373 -22.00 -5.84 23.18
N ILE B 374 -21.50 -6.82 23.91
CA ILE B 374 -21.45 -6.75 25.36
C ILE B 374 -20.03 -7.02 25.84
N ARG B 375 -19.47 -6.04 26.57
CA ARG B 375 -18.17 -6.20 27.19
C ARG B 375 -18.36 -6.17 28.70
N ALA B 376 -17.82 -7.19 29.35
CA ALA B 376 -17.87 -7.29 30.80
C ALA B 376 -16.49 -7.73 31.28
N PRO B 377 -15.98 -7.22 32.42
CA PRO B 377 -14.68 -7.73 32.92
C PRO B 377 -14.70 -9.27 33.03
N GLY B 378 -13.70 -9.91 32.41
CA GLY B 378 -13.56 -11.36 32.37
C GLY B 378 -14.31 -12.07 31.26
N CYS B 379 -14.86 -11.33 30.27
CA CYS B 379 -15.58 -11.95 29.14
C CYS B 379 -14.57 -12.51 28.14
N LYS B 380 -15.03 -13.37 27.22
CA LYS B 380 -14.18 -13.96 26.18
C LYS B 380 -14.05 -12.94 25.04
N PRO B 381 -12.89 -12.26 24.87
CA PRO B 381 -12.80 -11.27 23.78
C PRO B 381 -12.84 -11.91 22.39
N GLY B 382 -13.67 -11.34 21.51
CA GLY B 382 -13.84 -11.83 20.14
C GLY B 382 -14.84 -12.96 19.98
N HIS B 383 -15.52 -13.38 21.10
CA HIS B 383 -16.52 -14.43 21.08
C HIS B 383 -17.78 -13.96 20.31
N VAL B 384 -18.26 -14.83 19.42
CA VAL B 384 -19.39 -14.59 18.55
C VAL B 384 -20.52 -15.56 18.91
N VAL B 385 -21.70 -15.02 19.25
CA VAL B 385 -22.89 -15.79 19.61
C VAL B 385 -23.83 -15.91 18.40
N GLU B 386 -24.27 -17.15 18.10
CA GLU B 386 -25.16 -17.50 16.98
C GLU B 386 -26.58 -17.88 17.43
N ALA B 387 -26.79 -18.12 18.72
CA ALA B 387 -28.09 -18.46 19.30
C ALA B 387 -29.07 -17.30 19.19
N PRO B 388 -30.41 -17.53 19.01
CA PRO B 388 -31.34 -16.39 18.93
C PRO B 388 -31.43 -15.65 20.27
N THR B 389 -31.16 -14.35 20.21
CA THR B 389 -31.26 -13.48 21.39
C THR B 389 -32.30 -12.40 21.07
N GLU B 390 -32.92 -11.87 22.12
CA GLU B 390 -34.00 -10.88 22.01
C GLU B 390 -33.69 -9.62 22.78
N SER B 391 -34.28 -8.50 22.36
CA SER B 391 -34.06 -7.17 22.95
C SER B 391 -34.41 -7.11 24.45
N ILE B 392 -35.34 -7.98 24.87
CA ILE B 392 -35.81 -8.14 26.25
C ILE B 392 -34.78 -8.82 27.17
N ASP B 393 -33.70 -9.38 26.59
CA ASP B 393 -32.62 -10.05 27.31
C ASP B 393 -31.58 -9.08 27.88
N LEU B 394 -31.67 -7.80 27.51
CA LEU B 394 -30.72 -6.79 27.97
C LEU B 394 -30.88 -6.38 29.43
N MET B 395 -32.11 -5.98 29.83
CA MET B 395 -32.43 -5.61 31.22
C MET B 395 -32.00 -6.72 32.22
N PRO B 396 -32.40 -8.02 32.02
CA PRO B 396 -31.97 -9.07 32.98
C PRO B 396 -30.47 -9.32 33.01
N THR B 397 -29.75 -9.05 31.90
CA THR B 397 -28.29 -9.19 31.85
C THR B 397 -27.62 -8.18 32.81
N ILE B 398 -28.05 -6.91 32.75
CA ILE B 398 -27.53 -5.80 33.56
C ILE B 398 -27.78 -6.08 35.03
N LEU B 399 -29.05 -6.39 35.41
CA LEU B 399 -29.43 -6.68 36.80
C LEU B 399 -28.64 -7.84 37.38
N ASP B 400 -28.49 -8.93 36.60
CA ASP B 400 -27.73 -10.12 36.99
C ASP B 400 -26.30 -9.70 37.32
N TRP B 401 -25.63 -8.99 36.38
CA TRP B 401 -24.25 -8.50 36.53
C TRP B 401 -24.02 -7.60 37.76
N VAL B 402 -24.99 -6.74 38.11
CA VAL B 402 -24.88 -5.87 39.31
C VAL B 402 -25.27 -6.63 40.60
N GLY B 403 -25.91 -7.78 40.44
CA GLY B 403 -26.36 -8.63 41.55
C GLY B 403 -27.69 -8.20 42.14
N GLN B 404 -28.57 -7.61 41.31
CA GLN B 404 -29.90 -7.14 41.70
C GLN B 404 -30.96 -8.14 41.19
N GLU B 405 -31.95 -8.45 42.05
CA GLU B 405 -33.08 -9.34 41.77
C GLU B 405 -33.78 -8.94 40.49
N ILE B 406 -33.99 -9.91 39.61
CA ILE B 406 -34.71 -9.67 38.36
C ILE B 406 -36.21 -9.93 38.68
N PRO B 407 -37.11 -8.93 38.48
CA PRO B 407 -38.54 -9.17 38.70
C PRO B 407 -39.08 -10.30 37.79
N ASN B 408 -40.15 -11.00 38.26
CA ASN B 408 -40.83 -12.08 37.54
C ASN B 408 -41.53 -11.57 36.28
N ALA B 409 -41.93 -10.28 36.26
CA ALA B 409 -42.55 -9.59 35.12
C ALA B 409 -41.64 -9.62 33.87
N VAL B 410 -40.31 -9.68 34.07
CA VAL B 410 -39.33 -9.73 32.97
C VAL B 410 -39.38 -11.06 32.20
N ASP B 411 -39.77 -10.96 30.92
CA ASP B 411 -39.88 -12.09 29.99
C ASP B 411 -38.51 -12.56 29.46
N GLY B 412 -37.57 -11.61 29.35
CA GLY B 412 -36.21 -11.85 28.89
C GLY B 412 -35.36 -12.64 29.87
N ARG B 413 -34.27 -13.21 29.37
CA ARG B 413 -33.33 -14.02 30.13
C ARG B 413 -31.93 -13.46 30.00
N SER B 414 -31.18 -13.47 31.11
CA SER B 414 -29.81 -12.99 31.19
C SER B 414 -28.89 -13.64 30.18
N LEU B 415 -28.09 -12.82 29.48
CA LEU B 415 -27.13 -13.25 28.47
C LEU B 415 -25.78 -13.53 29.09
N ARG B 416 -25.68 -13.42 30.42
CA ARG B 416 -24.44 -13.65 31.18
C ARG B 416 -23.76 -15.00 30.86
N PRO B 417 -24.50 -16.15 30.75
CA PRO B 417 -23.82 -17.42 30.34
C PRO B 417 -23.00 -17.36 29.04
N PHE B 418 -23.46 -16.58 28.05
CA PHE B 418 -22.78 -16.39 26.76
C PHE B 418 -21.48 -15.56 26.85
N LEU B 419 -21.34 -14.71 27.87
CA LEU B 419 -20.17 -13.85 28.07
C LEU B 419 -18.84 -14.58 28.29
N THR B 420 -18.90 -15.76 28.93
CA THR B 420 -17.73 -16.62 29.17
C THR B 420 -17.66 -17.77 28.14
N GLY B 421 -18.25 -17.53 26.96
CA GLY B 421 -18.26 -18.47 25.84
C GLY B 421 -19.16 -19.67 25.97
N GLU B 422 -20.00 -19.70 27.03
CA GLU B 422 -20.93 -20.80 27.28
C GLU B 422 -22.32 -20.47 26.75
N ALA B 423 -23.37 -21.18 27.25
CA ALA B 423 -24.77 -21.03 26.86
C ALA B 423 -25.69 -21.89 27.77
N PRO B 424 -26.94 -21.46 28.09
CA PRO B 424 -27.83 -22.33 28.87
C PRO B 424 -28.48 -23.40 27.99
N SER B 425 -28.53 -24.66 28.48
CA SER B 425 -29.04 -25.85 27.79
C SER B 425 -30.52 -25.78 27.37
N ASP B 426 -31.31 -24.89 28.03
CA ASP B 426 -32.74 -24.70 27.77
C ASP B 426 -33.06 -23.37 27.04
N TRP B 427 -32.14 -22.91 26.20
CA TRP B 427 -32.27 -21.66 25.46
C TRP B 427 -33.32 -21.71 24.34
N ARG B 428 -33.80 -20.53 23.92
CA ARG B 428 -34.77 -20.42 22.84
C ARG B 428 -34.15 -20.92 21.54
N GLN B 429 -34.99 -21.53 20.75
CA GLN B 429 -34.64 -22.11 19.46
C GLN B 429 -35.28 -21.30 18.33
N TYR B 430 -35.95 -20.21 18.69
CA TYR B 430 -36.64 -19.29 17.79
C TYR B 430 -36.70 -17.92 18.46
N SER B 431 -36.92 -16.86 17.68
CA SER B 431 -37.11 -15.52 18.22
C SER B 431 -38.55 -15.06 17.88
N PHE B 432 -39.06 -14.14 18.67
CA PHE B 432 -40.42 -13.65 18.55
C PHE B 432 -40.50 -12.11 18.53
N SER B 433 -41.25 -11.56 17.56
CA SER B 433 -41.49 -10.13 17.42
C SER B 433 -42.95 -9.82 17.23
N GLU B 434 -43.37 -8.60 17.63
CA GLU B 434 -44.75 -8.12 17.50
C GLU B 434 -44.81 -6.74 16.86
N LEU B 435 -45.95 -6.43 16.24
CA LEU B 435 -46.21 -5.13 15.64
C LEU B 435 -47.72 -4.84 15.81
N ASP B 436 -48.11 -3.57 15.83
CA ASP B 436 -49.52 -3.18 15.87
C ASP B 436 -49.73 -2.26 14.67
N ILE B 437 -50.72 -2.57 13.83
CA ILE B 437 -51.03 -1.85 12.59
C ILE B 437 -52.36 -1.09 12.67
N SER B 438 -52.75 -0.80 13.91
CA SER B 438 -53.93 0.02 14.21
C SER B 438 -53.49 1.29 14.94
N GLU B 439 -54.33 2.34 14.92
CA GLU B 439 -54.11 3.61 15.60
C GLU B 439 -55.49 4.05 16.10
N PRO B 440 -55.71 4.11 17.44
CA PRO B 440 -57.07 4.40 17.97
C PRO B 440 -57.79 5.65 17.48
N LEU B 441 -57.08 6.78 17.32
CA LEU B 441 -57.71 8.05 16.92
C LEU B 441 -57.59 8.40 15.45
N ASP B 442 -56.64 7.81 14.76
CA ASP B 442 -56.41 8.08 13.34
C ASP B 442 -56.12 6.77 12.60
N PRO B 443 -57.17 6.09 12.07
CA PRO B 443 -56.96 4.78 11.40
C PRO B 443 -55.82 4.73 10.37
N THR B 444 -54.96 3.71 10.49
CA THR B 444 -53.80 3.53 9.59
C THR B 444 -54.23 3.15 8.18
N LEU B 445 -53.27 3.12 7.24
CA LEU B 445 -53.49 2.73 5.83
C LEU B 445 -53.99 1.28 5.75
N TRP B 446 -53.51 0.38 6.67
CA TRP B 446 -53.95 -1.01 6.75
C TRP B 446 -55.45 -1.12 7.15
N GLN B 447 -55.89 -0.29 8.12
CA GLN B 447 -57.25 -0.23 8.64
C GLN B 447 -58.20 0.34 7.56
N GLN B 448 -57.74 1.38 6.80
CA GLN B 448 -58.51 2.00 5.72
C GLN B 448 -58.73 1.00 4.57
N GLU B 449 -57.73 0.14 4.29
CA GLU B 449 -57.79 -0.88 3.23
C GLU B 449 -58.55 -2.16 3.65
N PHE B 450 -58.17 -2.76 4.79
CA PHE B 450 -58.70 -4.03 5.26
C PHE B 450 -59.88 -3.97 6.21
N GLY B 451 -60.14 -2.80 6.78
CA GLY B 451 -61.30 -2.55 7.62
C GLY B 451 -61.36 -3.14 9.01
N PHE B 452 -60.22 -3.28 9.70
CA PHE B 452 -60.21 -3.80 11.09
C PHE B 452 -60.16 -2.64 12.08
N GLY B 453 -60.56 -2.92 13.33
CA GLY B 453 -60.57 -1.96 14.42
C GLY B 453 -59.32 -1.99 15.28
N PRO B 454 -59.18 -1.04 16.26
CA PRO B 454 -57.96 -0.97 17.07
C PRO B 454 -57.68 -2.04 18.13
N SER B 455 -58.55 -3.06 18.22
CA SER B 455 -58.36 -4.22 19.11
C SER B 455 -57.76 -5.40 18.28
N ALA B 456 -57.76 -5.26 16.91
CA ALA B 456 -57.27 -6.30 15.98
C ALA B 456 -56.07 -5.88 15.12
N GLY B 457 -55.27 -4.95 15.64
CA GLY B 457 -54.09 -4.47 14.92
C GLY B 457 -52.80 -5.22 15.16
N ALA B 458 -52.80 -6.22 16.05
CA ALA B 458 -51.61 -7.01 16.38
C ALA B 458 -51.13 -8.02 15.29
N VAL B 459 -49.81 -7.99 15.07
CA VAL B 459 -49.07 -8.83 14.14
C VAL B 459 -48.00 -9.53 14.99
N ALA B 460 -47.71 -10.81 14.69
CA ALA B 460 -46.70 -11.61 15.39
C ALA B 460 -45.81 -12.33 14.38
N ILE B 461 -44.50 -12.40 14.67
CA ILE B 461 -43.45 -13.01 13.87
C ILE B 461 -42.69 -14.08 14.69
N LEU B 462 -42.51 -15.29 14.13
CA LEU B 462 -41.73 -16.35 14.77
C LEU B 462 -40.61 -16.77 13.81
N ARG B 463 -39.34 -16.60 14.24
CA ARG B 463 -38.17 -16.94 13.43
C ARG B 463 -37.58 -18.24 13.90
N ASP B 464 -37.82 -19.27 13.12
CA ASP B 464 -37.35 -20.62 13.34
C ASP B 464 -36.05 -20.74 12.51
N ALA B 465 -35.24 -21.79 12.74
CA ALA B 465 -33.98 -22.03 12.03
C ALA B 465 -34.13 -22.03 10.49
N ARG B 466 -35.29 -22.53 9.98
CA ARG B 466 -35.63 -22.67 8.56
C ARG B 466 -36.72 -21.69 8.14
N PHE B 467 -37.80 -21.57 8.93
CA PHE B 467 -38.92 -20.73 8.55
C PHE B 467 -39.12 -19.47 9.36
N THR B 468 -39.86 -18.53 8.77
CA THR B 468 -40.35 -17.33 9.40
C THR B 468 -41.88 -17.33 9.13
N LEU B 469 -42.65 -17.29 10.21
CA LEU B 469 -44.09 -17.25 10.18
C LEU B 469 -44.57 -15.86 10.64
N VAL B 470 -45.56 -15.29 9.91
CA VAL B 470 -46.22 -14.04 10.24
C VAL B 470 -47.71 -14.35 10.43
N GLU B 471 -48.28 -13.97 11.58
CA GLU B 471 -49.71 -14.19 11.87
C GLU B 471 -50.35 -12.88 12.28
N PHE B 472 -51.55 -12.59 11.73
CA PHE B 472 -52.34 -11.40 12.01
C PHE B 472 -53.53 -11.69 12.93
N ALA B 473 -53.86 -10.74 13.86
CA ALA B 473 -55.06 -10.78 14.73
C ALA B 473 -56.27 -10.53 13.81
N ALA B 474 -56.10 -9.61 12.82
CA ALA B 474 -57.09 -9.26 11.80
C ALA B 474 -57.24 -10.39 10.77
N ASP B 475 -58.30 -10.31 9.97
CA ASP B 475 -58.64 -11.32 8.97
C ASP B 475 -57.76 -11.31 7.70
N LEU B 476 -56.43 -11.35 7.91
CA LEU B 476 -55.41 -11.36 6.87
C LEU B 476 -54.68 -12.69 6.95
N PRO B 477 -54.39 -13.37 5.82
CA PRO B 477 -53.75 -14.70 5.92
C PRO B 477 -52.29 -14.67 6.44
N PRO B 478 -51.78 -15.82 6.95
CA PRO B 478 -50.38 -15.83 7.41
C PRO B 478 -49.36 -15.66 6.28
N MET B 479 -48.10 -15.42 6.65
CA MET B 479 -46.98 -15.38 5.72
C MET B 479 -46.07 -16.50 6.16
N LEU B 480 -45.43 -17.15 5.20
CA LEU B 480 -44.47 -18.19 5.50
C LEU B 480 -43.28 -18.06 4.55
N PHE B 481 -42.09 -17.84 5.13
CA PHE B 481 -40.83 -17.70 4.38
C PHE B 481 -39.90 -18.86 4.71
N ASP B 482 -39.54 -19.60 3.66
CA ASP B 482 -38.70 -20.77 3.71
C ASP B 482 -37.27 -20.38 3.35
N HIS B 483 -36.36 -20.34 4.35
CA HIS B 483 -34.95 -19.99 4.09
C HIS B 483 -34.15 -21.03 3.28
N GLN B 484 -34.65 -22.27 3.22
CA GLN B 484 -34.00 -23.31 2.42
C GLN B 484 -34.43 -23.20 0.94
N GLY B 485 -35.44 -22.36 0.69
CA GLY B 485 -35.96 -22.01 -0.62
C GLY B 485 -35.61 -20.58 -0.98
N GLU B 486 -36.62 -19.77 -1.31
CA GLU B 486 -36.48 -18.36 -1.72
C GLU B 486 -36.35 -17.35 -0.55
N GLY B 487 -36.42 -17.83 0.69
CA GLY B 487 -36.32 -16.98 1.87
C GLY B 487 -37.50 -16.04 2.00
N GLU B 488 -37.20 -14.77 2.31
CA GLU B 488 -38.20 -13.72 2.47
C GLU B 488 -38.80 -13.22 1.15
N PHE B 489 -38.17 -13.61 0.00
CA PHE B 489 -38.55 -13.20 -1.34
C PHE B 489 -39.77 -13.89 -1.93
N ARG B 490 -40.35 -14.84 -1.17
CA ARG B 490 -41.56 -15.55 -1.57
C ARG B 490 -42.38 -15.97 -0.35
N ASN B 491 -43.64 -15.49 -0.27
CA ASN B 491 -44.55 -15.93 0.77
C ASN B 491 -45.14 -17.27 0.29
N VAL B 492 -44.80 -18.38 0.97
CA VAL B 492 -45.25 -19.75 0.62
C VAL B 492 -46.41 -20.31 1.49
N ALA B 493 -47.08 -19.44 2.28
CA ALA B 493 -48.18 -19.86 3.17
C ALA B 493 -49.41 -20.47 2.49
N GLY B 494 -49.65 -20.10 1.23
CA GLY B 494 -50.77 -20.61 0.46
C GLY B 494 -50.51 -21.94 -0.23
N ASP B 495 -49.24 -22.39 -0.20
CA ASP B 495 -48.80 -23.65 -0.81
C ASP B 495 -49.22 -24.85 0.09
N PRO B 496 -50.10 -25.76 -0.44
CA PRO B 496 -50.53 -26.91 0.38
C PRO B 496 -49.39 -27.84 0.83
N ALA B 497 -48.24 -27.81 0.09
CA ALA B 497 -47.05 -28.60 0.44
C ALA B 497 -46.40 -28.12 1.76
N HIS B 498 -46.72 -26.89 2.21
CA HIS B 498 -46.21 -26.29 3.45
C HIS B 498 -47.25 -26.22 4.59
N ALA B 499 -48.42 -26.90 4.42
CA ALA B 499 -49.52 -26.94 5.41
C ALA B 499 -49.09 -27.50 6.77
N ALA B 500 -48.29 -28.58 6.80
CA ALA B 500 -47.81 -29.19 8.04
C ALA B 500 -46.79 -28.29 8.76
N ASP B 501 -45.91 -27.57 8.00
CA ASP B 501 -44.93 -26.64 8.56
C ASP B 501 -45.66 -25.45 9.17
N LEU B 502 -46.66 -24.90 8.42
CA LEU B 502 -47.54 -23.79 8.80
C LEU B 502 -48.26 -24.09 10.12
N ALA B 503 -48.89 -25.28 10.22
CA ALA B 503 -49.63 -25.73 11.41
C ALA B 503 -48.72 -25.88 12.63
N ARG B 504 -47.52 -26.48 12.43
CA ARG B 504 -46.50 -26.72 13.46
C ARG B 504 -45.94 -25.40 14.02
N LEU B 505 -45.58 -24.44 13.14
CA LEU B 505 -45.06 -23.13 13.53
C LEU B 505 -46.08 -22.25 14.25
N SER B 506 -47.34 -22.28 13.78
CA SER B 506 -48.46 -21.54 14.37
C SER B 506 -48.79 -22.07 15.77
N ARG B 507 -48.65 -23.38 16.00
CA ARG B 507 -48.86 -23.96 17.34
C ARG B 507 -47.73 -23.55 18.26
N GLN B 508 -46.50 -23.51 17.71
CA GLN B 508 -45.30 -23.04 18.39
C GLN B 508 -45.47 -21.55 18.78
N MET B 509 -46.07 -20.73 17.89
CA MET B 509 -46.39 -19.32 18.13
C MET B 509 -47.50 -19.18 19.19
N LEU B 510 -48.56 -20.03 19.10
CA LEU B 510 -49.66 -20.04 20.07
C LEU B 510 -49.10 -20.36 21.46
N ARG B 511 -48.28 -21.42 21.56
CA ARG B 511 -47.63 -21.83 22.82
C ARG B 511 -46.77 -20.73 23.42
N HIS B 512 -46.01 -19.98 22.60
CA HIS B 512 -45.16 -18.87 23.05
C HIS B 512 -45.98 -17.79 23.77
N ARG B 513 -47.12 -17.39 23.18
CA ARG B 513 -48.02 -16.41 23.77
C ARG B 513 -48.56 -16.93 25.11
N MET B 514 -49.02 -18.21 25.16
CA MET B 514 -49.53 -18.87 26.38
C MET B 514 -48.43 -19.05 27.45
N ARG B 515 -47.16 -19.28 27.04
CA ARG B 515 -46.05 -19.44 27.99
C ARG B 515 -45.48 -18.11 28.47
N ASN B 516 -45.82 -17.00 27.79
CA ASN B 516 -45.32 -15.67 28.14
C ASN B 516 -46.43 -14.67 28.39
N MET B 517 -47.37 -14.98 29.27
CA MET B 517 -48.45 -14.07 29.69
C MET B 517 -47.87 -13.26 30.86
N ASP B 518 -48.55 -12.18 31.29
CA ASP B 518 -48.09 -11.31 32.38
C ASP B 518 -47.75 -12.06 33.70
N HIS B 519 -46.44 -12.12 34.03
CA HIS B 519 -45.92 -12.79 35.23
C HIS B 519 -45.70 -11.89 36.46
N THR B 520 -46.23 -10.65 36.46
CA THR B 520 -46.11 -9.71 37.59
C THR B 520 -46.47 -10.36 38.96
N LEU B 521 -47.62 -11.05 39.03
CA LEU B 521 -48.13 -11.72 40.24
C LEU B 521 -48.50 -13.19 40.05
N SER B 522 -48.46 -13.72 38.81
CA SER B 522 -48.89 -15.10 38.50
C SER B 522 -48.06 -16.24 39.15
N LEU B 523 -46.88 -15.92 39.67
CA LEU B 523 -46.01 -16.87 40.37
C LEU B 523 -45.99 -16.65 41.88
N CYS B 524 -46.79 -15.67 42.34
CA CYS B 524 -47.00 -15.41 43.76
C CYS B 524 -48.18 -16.33 44.20
N SER B 525 -48.16 -16.77 45.47
CA SER B 525 -49.21 -17.61 46.03
C SER B 525 -49.65 -17.11 47.41
N ILE B 526 -50.98 -16.99 47.61
CA ILE B 526 -51.60 -16.61 48.87
C ILE B 526 -51.72 -17.92 49.67
N THR B 527 -50.98 -18.02 50.78
CA THR B 527 -50.94 -19.19 51.66
C THR B 527 -51.48 -18.79 53.05
N HIS B 528 -51.76 -19.79 53.92
CA HIS B 528 -52.22 -19.58 55.30
C HIS B 528 -51.25 -18.75 56.16
N GLU B 529 -49.95 -18.72 55.76
CA GLU B 529 -48.86 -18.00 56.42
C GLU B 529 -48.54 -16.63 55.77
N GLY B 530 -49.19 -16.35 54.65
CA GLY B 530 -48.98 -15.12 53.90
C GLY B 530 -48.65 -15.38 52.44
N ALA B 531 -48.24 -14.32 51.71
CA ALA B 531 -47.90 -14.41 50.29
C ALA B 531 -46.47 -14.94 50.10
N ARG B 532 -46.33 -15.94 49.23
CA ARG B 532 -45.04 -16.57 48.95
C ARG B 532 -44.81 -16.53 47.45
N THR B 533 -43.59 -16.18 47.02
CA THR B 533 -43.24 -16.08 45.61
C THR B 533 -42.30 -17.17 45.10
N GLN B 534 -42.44 -17.50 43.81
CA GLN B 534 -41.65 -18.47 43.08
C GLN B 534 -40.89 -17.69 41.99
N ARG B 535 -39.57 -17.88 41.92
CA ARG B 535 -38.67 -17.26 40.94
C ARG B 535 -39.00 -17.82 39.53
N ARG B 536 -39.17 -16.92 38.53
CA ARG B 536 -39.51 -17.32 37.14
C ARG B 536 -38.46 -18.20 36.45
N TYR B 537 -37.20 -17.76 36.50
CA TYR B 537 -36.08 -18.48 35.89
C TYR B 537 -35.06 -18.85 36.96
N ASP B 538 -34.63 -20.10 36.98
CA ASP B 538 -33.64 -20.60 37.94
C ASP B 538 -32.22 -20.43 37.39
N GLN C 33 11.48 -6.77 -27.82
CA GLN C 33 12.87 -6.33 -28.05
C GLN C 33 13.81 -6.72 -26.87
N SER C 34 13.80 -8.02 -26.50
CA SER C 34 14.54 -8.58 -25.36
C SER C 34 15.39 -9.81 -25.73
N ASN C 35 16.70 -9.75 -25.44
CA ASN C 35 17.65 -10.83 -25.70
C ASN C 35 18.25 -11.33 -24.42
N VAL C 36 18.59 -12.61 -24.40
CA VAL C 36 19.25 -13.21 -23.25
C VAL C 36 20.59 -13.79 -23.67
N LEU C 37 21.68 -13.27 -23.08
CA LEU C 37 23.03 -13.76 -23.33
C LEU C 37 23.54 -14.35 -22.04
N PHE C 38 23.61 -15.66 -21.99
CA PHE C 38 24.03 -16.42 -20.81
C PHE C 38 25.39 -17.09 -21.05
N ILE C 39 26.44 -16.49 -20.47
CA ILE C 39 27.80 -17.03 -20.56
C ILE C 39 28.21 -17.74 -19.26
N ILE C 40 28.75 -18.97 -19.39
CA ILE C 40 29.32 -19.73 -18.27
C ILE C 40 30.77 -20.07 -18.58
N ILE C 41 31.67 -19.62 -17.72
CA ILE C 41 33.08 -19.98 -17.84
C ILE C 41 33.29 -21.17 -16.87
N ASP C 42 33.71 -22.33 -17.36
CA ASP C 42 33.94 -23.48 -16.48
C ASP C 42 35.24 -23.22 -15.65
N GLN C 43 35.12 -23.48 -14.32
CA GLN C 43 36.22 -23.46 -13.35
C GLN C 43 36.92 -22.14 -12.96
N LEU C 44 36.39 -20.97 -13.33
CA LEU C 44 37.04 -19.71 -12.97
C LEU C 44 36.70 -19.27 -11.54
N ARG C 45 37.75 -19.06 -10.71
CA ARG C 45 37.66 -18.64 -9.32
C ARG C 45 37.15 -17.21 -9.20
N ALA C 46 36.35 -16.95 -8.15
CA ALA C 46 35.83 -15.61 -7.85
C ALA C 46 36.99 -14.63 -7.56
N ASP C 47 38.04 -15.10 -6.86
CA ASP C 47 39.21 -14.30 -6.49
C ASP C 47 40.11 -13.84 -7.63
N CYS C 48 39.89 -14.34 -8.85
CA CYS C 48 40.61 -13.95 -10.06
C CYS C 48 40.00 -12.66 -10.62
N LEU C 49 38.67 -12.50 -10.49
CA LEU C 49 37.97 -11.30 -10.95
C LEU C 49 38.15 -10.17 -9.93
N TRP C 50 37.92 -10.47 -8.65
CA TRP C 50 38.08 -9.53 -7.54
C TRP C 50 38.45 -10.37 -6.32
N GLY C 51 39.58 -10.05 -5.70
CA GLY C 51 40.06 -10.79 -4.54
C GLY C 51 41.55 -10.99 -4.57
N ALA C 52 42.02 -12.01 -3.85
CA ALA C 52 43.44 -12.38 -3.66
C ALA C 52 44.31 -12.57 -4.92
N LEU C 53 43.72 -13.11 -6.00
CA LEU C 53 44.43 -13.36 -7.26
C LEU C 53 44.19 -12.32 -8.35
N ALA C 54 43.21 -11.40 -8.15
CA ALA C 54 42.83 -10.35 -9.11
C ALA C 54 43.99 -9.49 -9.63
N ASP C 55 44.92 -9.09 -8.76
CA ASP C 55 46.09 -8.28 -9.13
C ASP C 55 47.17 -9.05 -9.90
N HIS C 56 47.00 -10.38 -10.07
CA HIS C 56 47.95 -11.26 -10.76
C HIS C 56 47.44 -11.77 -12.10
N VAL C 57 46.33 -11.22 -12.58
CA VAL C 57 45.70 -11.62 -13.84
C VAL C 57 44.96 -10.44 -14.50
N GLU C 58 45.08 -10.31 -15.81
CA GLU C 58 44.44 -9.27 -16.61
C GLU C 58 43.14 -9.79 -17.14
N LEU C 59 42.02 -9.19 -16.69
CA LEU C 59 40.68 -9.54 -17.13
C LEU C 59 39.94 -8.24 -17.53
N PRO C 60 40.48 -7.43 -18.49
CA PRO C 60 39.86 -6.13 -18.80
C PRO C 60 38.41 -6.11 -19.27
N HIS C 61 37.99 -7.08 -20.10
CA HIS C 61 36.64 -7.12 -20.63
C HIS C 61 35.60 -7.51 -19.60
N LEU C 62 35.93 -8.47 -18.71
CA LEU C 62 35.07 -8.89 -17.60
C LEU C 62 35.00 -7.77 -16.55
N ARG C 63 36.12 -7.06 -16.33
CA ARG C 63 36.18 -5.94 -15.38
C ARG C 63 35.49 -4.70 -15.95
N ALA C 64 35.49 -4.54 -17.29
CA ALA C 64 34.81 -3.41 -17.92
C ALA C 64 33.30 -3.66 -17.82
N LEU C 65 32.84 -4.92 -18.05
CA LEU C 65 31.43 -5.30 -17.91
C LEU C 65 30.94 -5.10 -16.48
N ALA C 66 31.74 -5.51 -15.46
CA ALA C 66 31.43 -5.32 -14.04
C ALA C 66 31.25 -3.82 -13.72
N GLN C 67 32.10 -2.96 -14.32
CA GLN C 67 32.07 -1.49 -14.18
C GLN C 67 30.79 -0.87 -14.78
N ASP C 68 30.19 -1.55 -15.77
CA ASP C 68 28.97 -1.12 -16.44
C ASP C 68 27.76 -1.96 -16.01
N ALA C 69 27.89 -2.75 -14.92
CA ALA C 69 26.83 -3.67 -14.48
C ALA C 69 26.84 -3.95 -12.96
N VAL C 70 26.16 -5.05 -12.57
CA VAL C 70 26.00 -5.50 -11.18
C VAL C 70 26.86 -6.75 -10.91
N SER C 71 27.76 -6.66 -9.91
CA SER C 71 28.66 -7.72 -9.47
C SER C 71 28.15 -8.30 -8.14
N PHE C 72 28.12 -9.64 -8.04
CA PHE C 72 27.67 -10.38 -6.87
C PHE C 72 28.88 -11.00 -6.22
N ARG C 73 29.30 -10.45 -5.07
CA ARG C 73 30.51 -10.84 -4.34
C ARG C 73 30.45 -12.06 -3.43
N ARG C 74 29.23 -12.50 -3.04
CA ARG C 74 29.05 -13.65 -2.15
C ARG C 74 28.23 -14.73 -2.88
N HIS C 75 28.64 -15.05 -4.12
CA HIS C 75 27.97 -16.01 -5.00
C HIS C 75 28.64 -17.39 -4.95
N TYR C 76 27.83 -18.41 -4.63
CA TYR C 76 28.34 -19.76 -4.45
C TYR C 76 27.58 -20.79 -5.25
N SER C 77 28.31 -21.78 -5.79
CA SER C 77 27.71 -22.93 -6.47
C SER C 77 26.97 -23.76 -5.39
N VAL C 78 25.75 -24.27 -5.69
CA VAL C 78 24.99 -25.07 -4.71
C VAL C 78 25.44 -26.53 -4.60
N THR C 79 26.18 -27.02 -5.61
CA THR C 79 26.67 -28.39 -5.65
C THR C 79 27.89 -28.61 -6.57
N ASN C 80 28.57 -29.75 -6.45
CA ASN C 80 29.73 -30.05 -7.27
C ASN C 80 29.79 -31.55 -7.61
N PRO C 81 30.52 -32.03 -8.67
CA PRO C 81 31.39 -31.30 -9.61
C PRO C 81 30.62 -30.64 -10.77
N CYS C 82 31.19 -30.59 -11.98
CA CYS C 82 30.53 -29.90 -13.11
C CYS C 82 29.13 -30.34 -13.50
N GLY C 83 28.87 -31.65 -13.55
CA GLY C 83 27.57 -32.24 -13.90
C GLY C 83 26.45 -31.83 -12.98
N PRO C 84 26.58 -32.05 -11.64
CA PRO C 84 25.51 -31.64 -10.71
C PRO C 84 25.38 -30.14 -10.61
N SER C 85 26.52 -29.43 -10.67
CA SER C 85 26.53 -27.97 -10.59
C SER C 85 25.82 -27.36 -11.82
N ARG C 86 25.97 -27.97 -13.01
CA ARG C 86 25.30 -27.49 -14.21
C ARG C 86 23.81 -27.74 -14.15
N ALA C 87 23.41 -28.90 -13.62
CA ALA C 87 22.00 -29.26 -13.43
C ALA C 87 21.32 -28.24 -12.50
N SER C 88 21.96 -27.88 -11.37
CA SER C 88 21.42 -26.86 -10.43
C SER C 88 21.22 -25.47 -11.07
N ILE C 89 22.21 -24.97 -11.86
CA ILE C 89 22.17 -23.67 -12.58
C ILE C 89 21.05 -23.66 -13.63
N LEU C 90 20.95 -24.75 -14.41
CA LEU C 90 19.97 -24.91 -15.49
C LEU C 90 18.56 -25.26 -15.05
N THR C 91 18.38 -25.85 -13.85
CA THR C 91 17.05 -26.19 -13.31
C THR C 91 16.59 -25.24 -12.21
N GLY C 92 17.50 -24.51 -11.58
CA GLY C 92 17.15 -23.61 -10.47
C GLY C 92 16.83 -24.32 -9.17
N GLN C 93 17.20 -25.62 -9.06
CA GLN C 93 16.94 -26.46 -7.89
C GLN C 93 18.23 -26.92 -7.21
N TYR C 94 18.14 -27.22 -5.91
CA TYR C 94 19.23 -27.81 -5.14
C TYR C 94 19.40 -29.26 -5.62
N ALA C 95 20.62 -29.82 -5.43
CA ALA C 95 20.98 -31.20 -5.73
C ALA C 95 20.00 -32.18 -5.01
N MET C 96 19.56 -31.81 -3.77
CA MET C 96 18.64 -32.62 -2.98
C MET C 96 17.28 -32.80 -3.69
N ASN C 97 16.98 -31.86 -4.61
CA ASN C 97 15.77 -31.87 -5.43
C ASN C 97 16.02 -32.37 -6.85
N HIS C 98 17.05 -31.89 -7.57
CA HIS C 98 17.24 -32.38 -8.94
C HIS C 98 17.70 -33.85 -9.06
N ARG C 99 18.56 -34.28 -8.10
CA ARG C 99 19.05 -35.62 -7.84
C ARG C 99 20.14 -36.14 -8.77
N SER C 100 20.59 -35.28 -9.68
CA SER C 100 21.69 -35.54 -10.58
C SER C 100 22.91 -35.10 -9.73
N VAL C 101 23.16 -35.86 -8.65
CA VAL C 101 24.12 -35.64 -7.55
C VAL C 101 25.57 -35.91 -7.86
N ARG C 102 25.85 -36.64 -8.95
CA ARG C 102 27.22 -36.93 -9.45
C ARG C 102 27.20 -36.76 -10.95
N ASN C 103 28.40 -36.67 -11.56
CA ASN C 103 28.62 -36.72 -13.00
C ASN C 103 28.13 -38.13 -13.43
N GLY C 104 27.23 -38.20 -14.41
CA GLY C 104 26.66 -39.48 -14.85
C GLY C 104 25.34 -39.90 -14.21
N THR C 105 24.91 -39.21 -13.14
CA THR C 105 23.63 -39.51 -12.47
C THR C 105 22.50 -38.88 -13.28
N PRO C 106 21.55 -39.70 -13.80
CA PRO C 106 20.48 -39.14 -14.64
C PRO C 106 19.62 -38.08 -13.98
N LEU C 107 19.17 -37.12 -14.81
CA LEU C 107 18.23 -36.09 -14.39
C LEU C 107 16.86 -36.50 -14.96
N ARG C 108 15.75 -36.44 -14.13
CA ARG C 108 14.37 -36.75 -14.56
C ARG C 108 14.04 -35.99 -15.86
N HIS C 109 13.44 -36.67 -16.84
CA HIS C 109 13.12 -36.05 -18.13
C HIS C 109 12.15 -34.88 -18.05
N ASP C 110 11.21 -34.91 -17.11
CA ASP C 110 10.18 -33.89 -16.92
C ASP C 110 10.61 -32.74 -15.98
N THR C 111 11.92 -32.65 -15.65
CA THR C 111 12.45 -31.60 -14.78
C THR C 111 12.42 -30.27 -15.53
N PRO C 112 11.66 -29.25 -15.06
CA PRO C 112 11.65 -27.96 -15.78
C PRO C 112 13.03 -27.34 -15.76
N ASN C 113 13.48 -26.79 -16.90
CA ASN C 113 14.78 -26.16 -16.98
C ASN C 113 14.66 -24.81 -17.68
N ILE C 114 15.75 -24.03 -17.74
CA ILE C 114 15.76 -22.71 -18.39
C ILE C 114 15.34 -22.76 -19.88
N ALA C 115 15.77 -23.80 -20.62
CA ALA C 115 15.43 -23.97 -22.04
C ALA C 115 13.94 -24.29 -22.28
N THR C 116 13.40 -25.27 -21.54
CA THR C 116 11.99 -25.67 -21.64
C THR C 116 11.05 -24.50 -21.30
N GLU C 117 11.41 -23.71 -20.27
CA GLU C 117 10.64 -22.58 -19.81
C GLU C 117 10.74 -21.40 -20.76
N MET C 118 11.96 -21.17 -21.36
CA MET C 118 12.17 -20.12 -22.35
C MET C 118 11.45 -20.44 -23.66
N ARG C 119 11.26 -21.75 -23.97
CA ARG C 119 10.53 -22.20 -25.16
C ARG C 119 9.05 -21.83 -25.07
N LYS C 120 8.50 -21.86 -23.84
CA LYS C 120 7.13 -21.44 -23.51
C LYS C 120 6.97 -19.92 -23.73
N ALA C 121 8.06 -19.14 -23.57
CA ALA C 121 8.15 -17.68 -23.81
C ALA C 121 8.40 -17.34 -25.30
N GLY C 122 8.52 -18.37 -26.14
CA GLY C 122 8.68 -18.23 -27.57
C GLY C 122 10.11 -18.18 -28.08
N TYR C 123 11.09 -18.44 -27.19
CA TYR C 123 12.52 -18.42 -27.53
C TYR C 123 13.02 -19.77 -27.98
N LEU C 124 13.97 -19.77 -28.91
CA LEU C 124 14.69 -20.97 -29.31
C LEU C 124 16.04 -20.85 -28.59
N PRO C 125 16.27 -21.68 -27.53
CA PRO C 125 17.54 -21.60 -26.77
C PRO C 125 18.72 -22.10 -27.60
N LEU C 126 19.59 -21.18 -28.03
CA LEU C 126 20.74 -21.53 -28.85
C LEU C 126 21.92 -21.91 -27.99
N LEU C 127 22.49 -23.13 -28.23
CA LEU C 127 23.62 -23.62 -27.46
C LEU C 127 24.95 -23.57 -28.18
N PHE C 128 25.89 -22.83 -27.58
CA PHE C 128 27.27 -22.79 -28.07
C PHE C 128 28.19 -23.40 -26.98
N GLY C 129 28.33 -24.72 -27.04
CA GLY C 129 29.14 -25.49 -26.10
C GLY C 129 28.58 -26.81 -25.64
N TYR C 130 28.29 -26.87 -24.32
CA TYR C 130 27.80 -28.07 -23.60
C TYR C 130 26.89 -27.72 -22.45
N THR C 131 26.17 -28.73 -21.89
CA THR C 131 25.31 -28.63 -20.69
C THR C 131 25.70 -29.72 -19.66
N ASP C 132 26.44 -30.77 -20.11
CA ASP C 132 26.87 -31.90 -19.28
C ASP C 132 25.73 -32.58 -18.54
N THR C 133 24.65 -32.88 -19.29
CA THR C 133 23.43 -33.46 -18.75
C THR C 133 23.35 -34.98 -18.97
N SER C 134 23.15 -35.72 -17.87
CA SER C 134 22.98 -37.14 -17.87
C SER C 134 21.49 -37.36 -18.14
N GLN C 135 21.19 -37.97 -19.28
CA GLN C 135 19.81 -38.17 -19.73
C GLN C 135 19.07 -39.25 -18.95
N ASP C 136 17.74 -39.15 -18.94
CA ASP C 136 16.82 -40.06 -18.26
C ASP C 136 16.69 -41.34 -19.12
N PRO C 137 17.13 -42.52 -18.59
CA PRO C 137 17.01 -43.77 -19.37
C PRO C 137 15.57 -44.16 -19.75
N ARG C 138 14.59 -43.65 -18.98
CA ARG C 138 13.17 -43.89 -19.20
C ARG C 138 12.65 -43.16 -20.46
N ALA C 139 13.34 -42.09 -20.91
CA ALA C 139 12.96 -41.27 -22.06
C ALA C 139 13.61 -41.66 -23.38
N TYR C 140 14.57 -42.63 -23.37
CA TYR C 140 15.31 -43.05 -24.58
C TYR C 140 15.41 -44.57 -24.74
N ASP C 141 15.67 -45.04 -25.99
CA ASP C 141 15.95 -46.47 -26.25
C ASP C 141 17.29 -46.78 -25.57
N ALA C 142 17.46 -47.99 -25.00
CA ALA C 142 18.66 -48.44 -24.29
C ALA C 142 19.97 -48.21 -25.06
N ASN C 143 19.93 -48.39 -26.40
CA ASN C 143 21.07 -48.24 -27.31
C ASN C 143 21.23 -46.81 -27.95
N ASP C 144 20.45 -45.83 -27.45
CA ASP C 144 20.48 -44.43 -27.93
C ASP C 144 21.80 -43.71 -27.58
N PRO C 145 22.51 -43.09 -28.56
CA PRO C 145 23.76 -42.36 -28.25
C PRO C 145 23.68 -41.31 -27.12
N ALA C 146 22.46 -40.82 -26.79
CA ALA C 146 22.21 -39.84 -25.70
C ALA C 146 22.50 -40.45 -24.33
N LEU C 147 22.41 -41.78 -24.20
CA LEU C 147 22.63 -42.53 -22.96
C LEU C 147 24.07 -43.08 -22.83
N LYS C 148 24.96 -42.68 -23.76
CA LYS C 148 26.35 -43.14 -23.79
C LYS C 148 27.35 -42.09 -23.33
N THR C 149 26.87 -40.88 -23.03
CA THR C 149 27.69 -39.76 -22.56
C THR C 149 26.96 -38.88 -21.54
N TYR C 150 27.66 -38.41 -20.50
CA TYR C 150 27.08 -37.50 -19.52
C TYR C 150 27.38 -36.03 -19.85
N GLU C 151 27.84 -35.79 -21.10
CA GLU C 151 28.14 -34.47 -21.65
C GLU C 151 27.04 -34.03 -22.62
N PHE C 152 26.03 -34.91 -22.81
CA PHE C 152 24.91 -34.71 -23.72
C PHE C 152 24.07 -33.44 -23.46
N PRO C 153 23.65 -32.69 -24.54
CA PRO C 153 22.84 -31.47 -24.30
C PRO C 153 21.46 -31.73 -23.72
N MET C 154 21.07 -30.86 -22.79
CA MET C 154 19.82 -30.84 -22.06
C MET C 154 18.65 -30.56 -23.00
N ARG C 155 17.54 -31.28 -22.78
CA ARG C 155 16.24 -31.18 -23.43
C ARG C 155 15.80 -29.70 -23.45
N GLY C 156 15.44 -29.24 -24.63
CA GLY C 156 14.99 -27.88 -24.87
C GLY C 156 16.03 -27.04 -25.57
N PHE C 157 17.32 -27.33 -25.34
CA PHE C 157 18.42 -26.58 -25.97
C PHE C 157 18.58 -26.98 -27.41
N HIS C 158 18.75 -25.98 -28.28
CA HIS C 158 19.01 -26.19 -29.68
C HIS C 158 20.50 -25.95 -29.87
N GLU C 159 21.24 -27.03 -30.13
CA GLU C 159 22.69 -26.97 -30.27
C GLU C 159 23.11 -26.42 -31.64
N VAL C 160 23.84 -25.28 -31.63
CA VAL C 160 24.36 -24.62 -32.83
C VAL C 160 25.81 -25.10 -33.01
N THR C 161 26.57 -25.16 -31.91
CA THR C 161 27.96 -25.63 -31.89
C THR C 161 28.17 -26.62 -30.76
N GLU C 162 28.49 -27.86 -31.12
CA GLU C 162 28.82 -28.87 -30.14
C GLU C 162 30.27 -28.60 -29.75
N MET C 163 30.49 -28.37 -28.46
CA MET C 163 31.82 -28.15 -27.94
C MET C 163 31.94 -28.77 -26.56
N ARG C 164 31.89 -30.11 -26.50
CA ARG C 164 32.04 -30.85 -25.24
C ARG C 164 33.50 -31.34 -25.12
N LEU C 165 34.14 -31.06 -23.97
CA LEU C 165 35.54 -31.41 -23.73
C LEU C 165 35.96 -32.80 -24.25
N GLU C 166 35.21 -33.85 -23.97
CA GLU C 166 35.55 -35.20 -24.44
C GLU C 166 35.22 -35.49 -25.91
N MET C 167 34.62 -34.52 -26.62
CA MET C 167 34.26 -34.71 -28.02
C MET C 167 34.83 -33.56 -28.87
N SER C 168 34.08 -32.44 -28.97
CA SER C 168 34.45 -31.24 -29.74
C SER C 168 34.88 -31.58 -31.17
N TYR C 169 33.99 -32.27 -31.90
CA TYR C 169 34.17 -32.68 -33.28
C TYR C 169 34.31 -31.48 -34.22
N PRO C 170 33.49 -30.37 -34.12
CA PRO C 170 33.74 -29.18 -34.96
C PRO C 170 35.15 -28.62 -34.77
N TRP C 171 35.62 -28.45 -33.50
CA TRP C 171 36.97 -27.93 -33.21
C TRP C 171 38.05 -28.90 -33.66
N GLN C 172 37.87 -30.21 -33.44
CA GLN C 172 38.86 -31.21 -33.87
C GLN C 172 38.99 -31.22 -35.39
N SER C 173 37.83 -31.11 -36.09
CA SER C 173 37.75 -31.06 -37.57
C SER C 173 38.46 -29.83 -38.08
N HIS C 174 38.37 -28.71 -37.33
CA HIS C 174 39.02 -27.41 -37.59
C HIS C 174 40.53 -27.54 -37.56
N LEU C 175 41.09 -28.21 -36.53
CA LEU C 175 42.56 -28.37 -36.38
C LEU C 175 43.10 -29.26 -37.51
N LYS C 176 42.38 -30.36 -37.80
CA LYS C 176 42.67 -31.29 -38.89
C LYS C 176 42.64 -30.54 -40.22
N ASN C 177 41.58 -29.73 -40.46
CA ASN C 177 41.42 -28.98 -41.70
C ASN C 177 42.50 -27.93 -41.88
N ARG C 178 42.87 -27.24 -40.78
CA ARG C 178 43.91 -26.21 -40.73
C ARG C 178 45.33 -26.76 -40.91
N GLY C 179 45.46 -28.09 -41.00
CA GLY C 179 46.72 -28.78 -41.23
C GLY C 179 47.50 -29.26 -40.02
N TYR C 180 46.85 -29.34 -38.84
CA TYR C 180 47.54 -29.79 -37.63
C TYR C 180 47.69 -31.31 -37.62
N ALA C 181 48.88 -31.78 -37.24
CA ALA C 181 49.18 -33.20 -37.18
C ALA C 181 48.90 -33.74 -35.78
N PHE C 182 47.94 -34.66 -35.67
CA PHE C 182 47.58 -35.36 -34.42
C PHE C 182 46.89 -36.67 -34.72
N ASP C 183 47.43 -37.77 -34.17
CA ASP C 183 46.89 -39.11 -34.42
C ASP C 183 45.84 -39.51 -33.40
N ASP C 184 45.71 -38.73 -32.30
CA ASP C 184 44.77 -38.91 -31.21
C ASP C 184 44.32 -37.54 -30.70
N TYR C 185 43.07 -37.47 -30.17
CA TYR C 185 42.48 -36.26 -29.58
C TYR C 185 43.30 -35.73 -28.37
N ALA C 186 43.76 -36.64 -27.47
CA ALA C 186 44.57 -36.29 -26.30
C ALA C 186 45.88 -35.54 -26.66
N GLN C 187 46.51 -35.86 -27.85
CA GLN C 187 47.76 -35.21 -28.35
C GLN C 187 47.69 -33.69 -28.46
N VAL C 188 46.50 -33.18 -28.81
CA VAL C 188 46.15 -31.75 -28.97
C VAL C 188 46.46 -30.94 -27.68
N TYR C 189 46.32 -31.57 -26.50
CA TYR C 189 46.49 -30.98 -25.16
C TYR C 189 47.90 -31.05 -24.58
N VAL C 190 48.82 -31.74 -25.28
CA VAL C 190 50.21 -31.90 -24.85
C VAL C 190 50.97 -30.59 -25.16
N PRO C 191 51.60 -29.95 -24.13
CA PRO C 191 52.36 -28.71 -24.40
C PRO C 191 53.57 -29.00 -25.26
N ARG C 192 53.90 -28.09 -26.16
CA ARG C 192 55.05 -28.22 -27.05
C ARG C 192 56.33 -28.40 -26.22
N PRO C 193 57.08 -29.51 -26.44
CA PRO C 193 58.35 -29.67 -25.71
C PRO C 193 59.43 -28.74 -26.29
N ASP C 194 60.60 -28.66 -25.61
CA ASP C 194 61.73 -27.85 -26.06
C ASP C 194 62.27 -28.36 -27.39
N ALA C 195 63.13 -27.55 -28.06
CA ALA C 195 63.77 -27.87 -29.34
C ALA C 195 64.47 -29.24 -29.29
N ASP C 196 65.13 -29.55 -28.15
CA ASP C 196 65.82 -30.82 -27.94
C ASP C 196 64.87 -32.02 -27.59
N GLY C 197 63.56 -31.75 -27.54
CA GLY C 197 62.53 -32.76 -27.24
C GLY C 197 62.16 -32.91 -25.78
N THR C 198 62.81 -32.15 -24.88
CA THR C 198 62.56 -32.18 -23.44
C THR C 198 61.14 -31.68 -23.12
N PRO C 199 60.29 -32.48 -22.41
CA PRO C 199 58.94 -32.02 -22.07
C PRO C 199 58.98 -30.74 -21.24
N ARG C 200 58.13 -29.78 -21.61
CA ARG C 200 58.06 -28.46 -20.98
C ARG C 200 56.63 -28.27 -20.48
N LEU C 201 56.50 -28.11 -19.15
CA LEU C 201 55.23 -27.95 -18.42
C LEU C 201 54.37 -26.79 -18.94
N ASN C 202 54.97 -25.60 -19.12
CA ASN C 202 54.24 -24.44 -19.66
C ASN C 202 54.60 -24.18 -21.13
N GLY C 203 54.90 -25.26 -21.85
CA GLY C 203 55.19 -25.22 -23.28
C GLY C 203 53.97 -24.73 -24.02
N PRO C 204 54.14 -23.97 -25.12
CA PRO C 204 52.95 -23.46 -25.84
C PRO C 204 52.08 -24.58 -26.42
N ALA C 205 50.79 -24.28 -26.64
CA ALA C 205 49.88 -25.28 -27.20
C ALA C 205 50.28 -25.62 -28.65
N MET C 206 49.98 -26.87 -29.12
CA MET C 206 50.24 -27.36 -30.50
C MET C 206 49.60 -26.38 -31.52
N TYR C 207 48.41 -25.85 -31.19
CA TYR C 207 47.63 -24.91 -31.99
C TYR C 207 47.96 -23.46 -31.67
N ARG C 208 47.88 -22.60 -32.71
CA ARG C 208 48.09 -21.16 -32.57
C ARG C 208 46.87 -20.58 -31.83
N ALA C 209 47.02 -19.38 -31.25
CA ALA C 209 45.96 -18.70 -30.51
C ALA C 209 44.64 -18.54 -31.33
N GLU C 210 44.74 -18.20 -32.62
CA GLU C 210 43.59 -18.05 -33.51
C GLU C 210 42.89 -19.37 -33.81
N ASP C 211 43.56 -20.51 -33.48
CA ASP C 211 43.00 -21.86 -33.72
C ASP C 211 42.64 -22.60 -32.44
N SER C 212 42.66 -21.88 -31.29
CA SER C 212 42.36 -22.43 -29.98
C SER C 212 40.90 -22.78 -29.80
N ASP C 213 40.61 -23.60 -28.78
CA ASP C 213 39.26 -24.00 -28.39
C ASP C 213 38.40 -22.77 -28.03
N THR C 214 38.98 -21.82 -27.24
CA THR C 214 38.33 -20.54 -26.83
C THR C 214 38.00 -19.68 -28.06
N ALA C 215 39.00 -19.47 -28.96
CA ALA C 215 38.87 -18.65 -30.19
C ALA C 215 37.85 -19.25 -31.14
N PHE C 216 37.93 -20.58 -31.37
CA PHE C 216 37.04 -21.31 -32.25
C PHE C 216 35.57 -21.21 -31.84
N LEU C 217 35.27 -21.40 -30.53
CA LEU C 217 33.88 -21.29 -30.03
C LEU C 217 33.31 -19.89 -30.22
N THR C 218 34.12 -18.84 -29.94
CA THR C 218 33.80 -17.42 -30.12
C THR C 218 33.54 -17.15 -31.59
N ASP C 219 34.38 -17.73 -32.48
CA ASP C 219 34.21 -17.61 -33.93
C ASP C 219 32.87 -18.24 -34.37
N GLN C 220 32.50 -19.40 -33.82
CA GLN C 220 31.21 -20.07 -34.12
C GLN C 220 30.00 -19.25 -33.67
N PHE C 221 30.09 -18.61 -32.49
CA PHE C 221 29.09 -17.66 -31.97
C PHE C 221 28.91 -16.49 -32.97
N LEU C 222 30.03 -15.85 -33.36
CA LEU C 222 30.05 -14.72 -34.28
C LEU C 222 29.70 -15.08 -35.73
N ALA C 223 29.88 -16.37 -36.13
CA ALA C 223 29.54 -16.86 -37.46
C ALA C 223 28.03 -17.16 -37.54
N ASN C 224 27.36 -17.28 -36.38
CA ASN C 224 25.94 -17.65 -36.32
C ASN C 224 24.97 -16.59 -35.80
N MET C 225 25.46 -15.67 -34.95
CA MET C 225 24.61 -14.63 -34.36
C MET C 225 24.13 -13.48 -35.27
N PRO C 226 24.89 -13.01 -36.29
CA PRO C 226 24.41 -11.87 -37.11
C PRO C 226 22.98 -11.90 -37.64
N ALA C 227 22.52 -13.04 -38.15
CA ALA C 227 21.14 -13.19 -38.67
C ALA C 227 20.05 -13.23 -37.57
N TRP C 228 20.45 -13.45 -36.30
CA TRP C 228 19.53 -13.47 -35.14
C TRP C 228 19.17 -12.04 -34.65
N ALA C 229 19.99 -11.03 -35.03
CA ALA C 229 19.81 -9.63 -34.67
C ALA C 229 18.46 -9.10 -35.15
N GLY C 230 17.77 -8.38 -34.28
CA GLY C 230 16.45 -7.84 -34.59
C GLY C 230 15.36 -8.62 -33.90
N GLN C 231 15.40 -9.96 -33.98
CA GLN C 231 14.43 -10.79 -33.26
C GLN C 231 14.99 -11.15 -31.88
N ASN C 232 14.10 -11.59 -30.99
CA ASN C 232 14.43 -11.94 -29.62
C ASN C 232 15.18 -13.25 -29.58
N TRP C 233 16.45 -13.22 -29.21
CA TRP C 233 17.23 -14.44 -29.13
C TRP C 233 17.67 -14.75 -27.70
N PHE C 234 17.96 -16.03 -27.47
CA PHE C 234 18.51 -16.60 -26.24
C PHE C 234 19.72 -17.47 -26.66
N ALA C 235 20.93 -16.98 -26.35
CA ALA C 235 22.17 -17.68 -26.65
C ALA C 235 22.88 -18.08 -25.36
N HIS C 236 23.23 -19.36 -25.29
CA HIS C 236 23.95 -19.94 -24.16
C HIS C 236 25.33 -20.34 -24.62
N LEU C 237 26.34 -19.59 -24.13
CA LEU C 237 27.74 -19.73 -24.52
C LEU C 237 28.64 -20.35 -23.41
N THR C 238 29.12 -21.59 -23.60
CA THR C 238 29.89 -22.31 -22.55
C THR C 238 31.39 -22.53 -22.75
N TYR C 239 32.18 -21.76 -21.98
CA TYR C 239 33.65 -21.77 -22.01
C TYR C 239 34.29 -22.79 -21.07
N ILE C 240 34.96 -23.79 -21.65
CA ILE C 240 35.65 -24.82 -20.86
C ILE C 240 36.87 -24.22 -20.14
N ARG C 241 37.66 -23.39 -20.85
CA ARG C 241 38.85 -22.75 -20.29
C ARG C 241 38.54 -21.61 -19.31
N PRO C 242 39.34 -21.41 -18.22
CA PRO C 242 40.51 -22.21 -17.78
C PRO C 242 40.09 -23.57 -17.18
N HIS C 243 40.66 -24.68 -17.69
CA HIS C 243 40.29 -26.03 -17.26
C HIS C 243 41.38 -27.04 -17.61
N PRO C 244 41.62 -28.10 -16.80
CA PRO C 244 42.58 -29.12 -17.25
C PRO C 244 42.11 -29.85 -18.52
N PRO C 245 43.01 -30.44 -19.37
CA PRO C 245 44.48 -30.48 -19.27
C PRO C 245 45.02 -29.09 -19.54
N LEU C 246 45.68 -28.50 -18.53
CA LEU C 246 46.22 -27.14 -18.57
C LEU C 246 47.31 -26.95 -19.63
N VAL C 247 46.94 -26.21 -20.67
CA VAL C 247 47.81 -25.85 -21.79
C VAL C 247 47.23 -24.57 -22.38
N ALA C 248 48.10 -23.59 -22.73
CA ALA C 248 47.66 -22.31 -23.30
C ALA C 248 48.44 -22.00 -24.58
N PRO C 249 47.80 -21.37 -25.61
CA PRO C 249 48.57 -21.02 -26.82
C PRO C 249 49.50 -19.83 -26.64
N ALA C 250 50.54 -19.75 -27.44
CA ALA C 250 51.46 -18.61 -27.37
C ALA C 250 50.67 -17.30 -27.69
N PRO C 251 50.80 -16.20 -26.89
CA PRO C 251 51.73 -15.96 -25.77
C PRO C 251 51.21 -16.24 -24.34
N TYR C 252 49.98 -16.70 -24.21
CA TYR C 252 49.32 -16.95 -22.91
C TYR C 252 49.99 -17.95 -21.98
N ASN C 253 50.70 -18.94 -22.54
CA ASN C 253 51.38 -20.02 -21.81
C ASN C 253 52.39 -19.52 -20.78
N THR C 254 53.16 -18.47 -21.13
CA THR C 254 54.19 -17.88 -20.29
C THR C 254 53.96 -16.40 -19.99
N MET C 255 52.78 -15.84 -20.32
CA MET C 255 52.49 -14.43 -20.05
C MET C 255 52.65 -14.05 -18.57
N TYR C 256 52.35 -14.99 -17.66
CA TYR C 256 52.51 -14.83 -16.22
C TYR C 256 53.68 -15.66 -15.72
N ASP C 257 54.59 -15.02 -14.99
CA ASP C 257 55.78 -15.66 -14.45
C ASP C 257 55.39 -16.44 -13.20
N PRO C 258 55.59 -17.79 -13.17
CA PRO C 258 55.25 -18.58 -11.96
C PRO C 258 56.02 -18.14 -10.70
N ALA C 259 57.23 -17.54 -10.90
CA ALA C 259 58.10 -17.05 -9.83
C ALA C 259 57.60 -15.76 -9.15
N LYS C 260 56.64 -15.05 -9.78
CA LYS C 260 56.10 -13.80 -9.27
C LYS C 260 54.67 -13.91 -8.79
N LEU C 261 54.13 -15.13 -8.83
CA LEU C 261 52.78 -15.38 -8.38
C LEU C 261 52.77 -15.69 -6.89
N PRO C 262 51.66 -15.39 -6.15
CA PRO C 262 51.62 -15.82 -4.75
C PRO C 262 51.48 -17.33 -4.68
N LEU C 263 52.02 -17.94 -3.62
CA LEU C 263 51.92 -19.39 -3.42
C LEU C 263 50.47 -19.71 -3.00
N PRO C 264 49.97 -20.95 -3.14
CA PRO C 264 48.59 -21.24 -2.68
C PRO C 264 48.44 -21.07 -1.17
N ALA C 265 47.19 -20.82 -0.71
CA ALA C 265 46.88 -20.74 0.72
C ALA C 265 46.75 -22.20 1.19
N ARG C 266 47.64 -22.63 2.10
CA ARG C 266 47.70 -24.02 2.57
C ARG C 266 48.45 -24.14 3.89
N LEU C 267 48.24 -25.26 4.61
CA LEU C 267 48.95 -25.60 5.85
C LEU C 267 50.33 -26.16 5.40
N PRO C 268 51.39 -26.20 6.26
CA PRO C 268 52.72 -26.64 5.78
C PRO C 268 52.81 -27.89 4.92
N GLY C 269 52.12 -28.96 5.31
CA GLY C 269 52.15 -30.21 4.58
C GLY C 269 50.78 -30.80 4.33
N ARG C 270 50.75 -31.89 3.55
CA ARG C 270 49.52 -32.61 3.24
C ARG C 270 48.94 -33.29 4.48
N ASP C 271 49.82 -33.78 5.39
CA ASP C 271 49.40 -34.43 6.65
C ASP C 271 48.78 -33.47 7.67
N ASP C 272 49.07 -32.16 7.54
CA ASP C 272 48.50 -31.10 8.36
C ASP C 272 47.06 -30.88 7.92
N GLU C 273 46.80 -30.99 6.59
CA GLU C 273 45.45 -30.88 6.02
C GLU C 273 44.56 -32.04 6.45
N THR C 274 45.12 -33.28 6.42
CA THR C 274 44.43 -34.53 6.79
C THR C 274 44.16 -34.56 8.32
N ALA C 275 45.01 -33.89 9.11
CA ALA C 275 44.90 -33.78 10.57
C ALA C 275 43.67 -32.98 11.00
N GLU C 276 43.22 -32.04 10.15
CA GLU C 276 42.02 -31.19 10.41
C GLU C 276 40.70 -31.97 10.40
N HIS C 277 40.55 -32.89 9.44
CA HIS C 277 39.40 -33.80 9.30
C HIS C 277 39.83 -34.99 8.41
N PRO C 278 39.42 -36.25 8.73
CA PRO C 278 39.82 -37.40 7.89
C PRO C 278 39.35 -37.38 6.41
N PHE C 279 38.29 -36.59 6.09
CA PHE C 279 37.78 -36.38 4.72
C PHE C 279 38.88 -35.82 3.77
N PHE C 280 39.84 -35.05 4.36
CA PHE C 280 40.96 -34.46 3.63
C PHE C 280 42.01 -35.44 3.08
N GLY C 281 42.07 -36.66 3.61
CA GLY C 281 42.94 -37.70 3.10
C GLY C 281 42.60 -38.01 1.66
N PRO C 282 41.40 -38.56 1.37
CA PRO C 282 41.02 -38.80 -0.04
C PRO C 282 40.92 -37.53 -0.92
N ALA C 283 40.58 -36.35 -0.32
CA ALA C 283 40.42 -35.06 -1.02
C ALA C 283 41.72 -34.51 -1.64
N THR C 284 42.85 -34.69 -0.95
CA THR C 284 44.17 -34.27 -1.39
C THR C 284 44.76 -35.24 -2.43
N ARG C 285 44.20 -36.47 -2.50
CA ARG C 285 44.60 -37.55 -3.39
C ARG C 285 43.76 -37.64 -4.65
N TYR C 286 42.51 -37.15 -4.59
CA TYR C 286 41.52 -37.17 -5.69
C TYR C 286 42.07 -36.59 -6.99
N SER C 287 42.69 -35.38 -6.90
CA SER C 287 43.32 -34.68 -8.03
C SER C 287 44.75 -34.29 -7.63
N SER C 288 45.60 -34.03 -8.64
CA SER C 288 47.01 -33.66 -8.43
C SER C 288 47.52 -32.89 -9.64
N PRO C 289 48.69 -32.19 -9.56
CA PRO C 289 49.22 -31.51 -10.75
C PRO C 289 49.36 -32.46 -11.95
N ALA C 290 49.80 -33.72 -11.70
CA ALA C 290 49.97 -34.80 -12.69
C ALA C 290 48.68 -35.17 -13.42
N SER C 291 47.51 -35.02 -12.77
CA SER C 291 46.23 -35.32 -13.41
C SER C 291 45.62 -34.08 -14.13
N PHE C 292 46.20 -32.89 -13.91
CA PHE C 292 45.75 -31.60 -14.45
C PHE C 292 46.44 -31.16 -15.76
N VAL C 293 47.33 -32.00 -16.30
CA VAL C 293 48.08 -31.78 -17.55
C VAL C 293 48.26 -33.13 -18.29
N LEU C 294 48.56 -33.09 -19.61
CA LEU C 294 48.82 -34.31 -20.41
C LEU C 294 50.29 -34.35 -20.87
N GLY C 295 50.94 -35.49 -20.68
CA GLY C 295 52.33 -35.72 -21.07
C GLY C 295 53.35 -35.75 -19.94
N PHE C 296 52.86 -35.67 -18.67
CA PHE C 296 53.67 -35.66 -17.45
C PHE C 296 53.06 -36.66 -16.41
N PRO C 297 53.19 -38.00 -16.62
CA PRO C 297 52.55 -38.95 -15.68
C PRO C 297 53.19 -39.03 -14.30
N ASP C 298 54.50 -38.72 -14.22
CA ASP C 298 55.33 -38.79 -13.02
C ASP C 298 55.63 -37.40 -12.41
N LEU C 299 54.86 -36.38 -12.83
CA LEU C 299 54.97 -34.97 -12.39
C LEU C 299 54.89 -34.84 -10.87
N GLU C 300 55.94 -34.25 -10.29
CA GLU C 300 56.07 -34.02 -8.84
C GLU C 300 55.37 -32.74 -8.40
N PRO C 301 54.59 -32.76 -7.29
CA PRO C 301 53.93 -31.52 -6.84
C PRO C 301 54.86 -30.55 -6.11
N THR C 302 55.90 -30.08 -6.81
CA THR C 302 56.85 -29.10 -6.27
C THR C 302 56.23 -27.71 -6.39
N ASP C 303 56.84 -26.71 -5.73
CA ASP C 303 56.39 -25.32 -5.80
C ASP C 303 56.54 -24.79 -7.23
N GLU C 304 57.59 -25.25 -7.96
CA GLU C 304 57.85 -24.89 -9.36
C GLU C 304 56.68 -25.39 -10.25
N THR C 305 56.27 -26.66 -10.04
CA THR C 305 55.17 -27.30 -10.75
C THR C 305 53.85 -26.57 -10.46
N ILE C 306 53.48 -26.45 -9.16
CA ILE C 306 52.25 -25.81 -8.69
C ILE C 306 52.05 -24.39 -9.25
N GLN C 307 53.13 -23.57 -9.20
CA GLN C 307 53.10 -22.18 -9.69
C GLN C 307 52.97 -22.08 -11.21
N THR C 308 53.52 -23.07 -11.94
CA THR C 308 53.47 -23.13 -13.39
C THR C 308 52.04 -23.40 -13.86
N LEU C 309 51.37 -24.38 -13.23
CA LEU C 309 49.98 -24.74 -13.50
C LEU C 309 49.09 -23.53 -13.22
N ARG C 310 49.37 -22.81 -12.11
CA ARG C 310 48.67 -21.60 -11.67
C ARG C 310 48.83 -20.46 -12.69
N ALA C 311 50.04 -20.28 -13.25
CA ALA C 311 50.33 -19.30 -14.31
C ALA C 311 49.62 -19.66 -15.64
N VAL C 312 49.56 -20.97 -16.01
CA VAL C 312 48.91 -21.44 -17.22
C VAL C 312 47.38 -21.21 -17.15
N TYR C 313 46.80 -21.54 -15.97
CA TYR C 313 45.39 -21.34 -15.65
C TYR C 313 44.98 -19.86 -15.80
N LEU C 314 45.80 -18.94 -15.23
CA LEU C 314 45.55 -17.50 -15.31
C LEU C 314 45.67 -16.96 -16.74
N GLY C 315 46.65 -17.46 -17.51
CA GLY C 315 46.85 -17.09 -18.91
C GLY C 315 45.65 -17.44 -19.76
N LEU C 316 45.06 -18.64 -19.48
CA LEU C 316 43.88 -19.19 -20.17
C LEU C 316 42.66 -18.32 -19.91
N ALA C 317 42.53 -17.78 -18.68
CA ALA C 317 41.45 -16.85 -18.32
C ALA C 317 41.62 -15.52 -19.07
N THR C 318 42.86 -15.00 -19.21
CA THR C 318 43.14 -13.79 -20.02
C THR C 318 42.68 -14.02 -21.47
N GLU C 319 42.96 -15.23 -22.02
CA GLU C 319 42.49 -15.62 -23.33
C GLU C 319 40.93 -15.59 -23.43
N VAL C 320 40.21 -16.21 -22.44
CA VAL C 320 38.72 -16.23 -22.37
C VAL C 320 38.16 -14.81 -22.38
N ASP C 321 38.66 -13.97 -21.49
CA ASP C 321 38.29 -12.56 -21.34
C ASP C 321 38.49 -11.79 -22.66
N THR C 322 39.61 -12.06 -23.41
CA THR C 322 39.90 -11.40 -24.69
C THR C 322 38.82 -11.74 -25.73
N HIS C 323 38.38 -13.01 -25.77
CA HIS C 323 37.31 -13.44 -26.66
C HIS C 323 35.92 -13.00 -26.21
N ILE C 324 35.72 -12.76 -24.91
CA ILE C 324 34.47 -12.20 -24.34
C ILE C 324 34.29 -10.73 -24.78
N GLY C 325 35.41 -10.00 -24.93
CA GLY C 325 35.43 -8.64 -25.45
C GLY C 325 34.87 -8.55 -26.85
N ARG C 326 35.15 -9.57 -27.68
CA ARG C 326 34.66 -9.68 -29.06
C ARG C 326 33.15 -9.91 -29.09
N VAL C 327 32.60 -10.69 -28.11
CA VAL C 327 31.17 -10.99 -27.94
C VAL C 327 30.43 -9.69 -27.57
N ILE C 328 30.98 -8.94 -26.61
CA ILE C 328 30.47 -7.62 -26.17
C ILE C 328 30.50 -6.62 -27.34
N ALA C 329 31.65 -6.53 -28.07
CA ALA C 329 31.84 -5.65 -29.22
C ALA C 329 30.77 -5.90 -30.29
N HIS C 330 30.43 -7.17 -30.55
CA HIS C 330 29.39 -7.58 -31.49
C HIS C 330 28.01 -6.99 -31.09
N LEU C 331 27.68 -7.04 -29.78
CA LEU C 331 26.41 -6.52 -29.25
C LEU C 331 26.32 -5.00 -29.43
N LYS C 332 27.43 -4.29 -29.14
CA LYS C 332 27.53 -2.83 -29.27
C LYS C 332 27.43 -2.41 -30.75
N GLU C 333 28.15 -3.13 -31.64
CA GLU C 333 28.19 -2.88 -33.09
C GLU C 333 26.82 -3.06 -33.73
N THR C 334 26.02 -4.02 -33.23
CA THR C 334 24.68 -4.32 -33.75
C THR C 334 23.57 -3.51 -33.03
N GLY C 335 23.96 -2.75 -32.02
CA GLY C 335 23.07 -1.93 -31.22
C GLY C 335 22.14 -2.78 -30.35
N GLN C 336 22.63 -3.96 -29.94
CA GLN C 336 21.90 -4.93 -29.14
C GLN C 336 22.37 -5.02 -27.69
N TYR C 337 23.43 -4.32 -27.32
CA TYR C 337 23.99 -4.32 -25.96
C TYR C 337 23.03 -3.80 -24.87
N ASP C 338 22.41 -2.62 -25.10
CA ASP C 338 21.52 -2.00 -24.11
C ASP C 338 20.19 -2.75 -23.92
N ASP C 339 19.72 -3.49 -24.94
CA ASP C 339 18.47 -4.26 -24.96
C ASP C 339 18.65 -5.78 -24.61
N THR C 340 19.80 -6.15 -24.01
CA THR C 340 20.12 -7.54 -23.68
C THR C 340 20.38 -7.79 -22.18
N LEU C 341 19.78 -8.87 -21.67
CA LEU C 341 20.06 -9.34 -20.32
C LEU C 341 21.33 -10.19 -20.48
N ILE C 342 22.45 -9.69 -19.93
CA ILE C 342 23.75 -10.38 -19.98
C ILE C 342 24.02 -11.01 -18.62
N VAL C 343 24.24 -12.32 -18.62
CA VAL C 343 24.56 -13.07 -17.40
C VAL C 343 25.91 -13.73 -17.59
N VAL C 344 26.88 -13.33 -16.76
CA VAL C 344 28.23 -13.92 -16.80
C VAL C 344 28.54 -14.51 -15.43
N THR C 345 28.88 -15.81 -15.43
CA THR C 345 29.22 -16.54 -14.20
C THR C 345 30.17 -17.67 -14.51
N ALA C 346 30.59 -18.34 -13.44
CA ALA C 346 31.40 -19.55 -13.51
C ALA C 346 30.54 -20.63 -12.88
N ASP C 347 30.58 -21.84 -13.47
CA ASP C 347 29.80 -22.96 -12.98
C ASP C 347 30.17 -23.26 -11.51
N HIS C 348 31.48 -23.45 -11.25
CA HIS C 348 32.10 -23.77 -9.96
C HIS C 348 33.53 -23.20 -9.90
N GLY C 349 34.17 -23.31 -8.74
CA GLY C 349 35.54 -22.86 -8.52
C GLY C 349 36.60 -23.90 -8.79
N GLU C 350 37.79 -23.69 -8.19
CA GLU C 350 38.97 -24.53 -8.38
C GLU C 350 39.93 -24.33 -7.21
N MET C 351 40.36 -25.41 -6.58
CA MET C 351 41.29 -25.26 -5.46
C MET C 351 42.62 -24.65 -5.86
N LEU C 352 43.16 -25.06 -7.04
CA LEU C 352 44.39 -24.53 -7.63
C LEU C 352 45.62 -24.64 -6.73
N GLY C 353 45.71 -25.75 -5.99
CA GLY C 353 46.83 -26.02 -5.10
C GLY C 353 46.54 -25.63 -3.67
N ASP C 354 45.48 -24.81 -3.46
CA ASP C 354 45.07 -24.38 -2.13
C ASP C 354 44.73 -25.60 -1.30
N ARG C 355 45.27 -25.65 -0.05
CA ARG C 355 45.04 -26.74 0.92
C ARG C 355 45.53 -28.12 0.42
N HIS C 356 46.61 -28.11 -0.39
CA HIS C 356 47.26 -29.27 -1.02
C HIS C 356 46.29 -30.10 -1.89
N SER C 357 45.35 -29.39 -2.53
CA SER C 357 44.32 -30.02 -3.36
C SER C 357 44.06 -29.26 -4.66
N TRP C 358 43.51 -29.98 -5.65
CA TRP C 358 43.18 -29.46 -6.98
C TRP C 358 41.76 -29.87 -7.31
N GLY C 359 41.09 -29.06 -8.11
CA GLY C 359 39.71 -29.34 -8.48
C GLY C 359 38.64 -28.78 -7.54
N LYS C 360 37.52 -29.48 -7.49
CA LYS C 360 36.34 -29.03 -6.75
C LYS C 360 35.65 -30.12 -5.88
N MET C 361 36.26 -31.32 -5.74
CA MET C 361 35.70 -32.39 -4.89
C MET C 361 36.21 -32.23 -3.46
N THR C 362 35.74 -31.16 -2.82
CA THR C 362 36.09 -30.75 -1.45
C THR C 362 34.97 -29.88 -0.87
N VAL C 363 35.20 -29.34 0.35
CA VAL C 363 34.23 -28.52 1.11
C VAL C 363 34.68 -27.07 1.32
N TYR C 364 35.89 -26.71 0.89
CA TYR C 364 36.39 -25.34 1.03
C TYR C 364 35.76 -24.39 0.00
N ASP C 365 35.57 -23.12 0.40
CA ASP C 365 34.94 -22.06 -0.40
C ASP C 365 35.46 -21.87 -1.82
N ALA C 366 36.78 -21.98 -2.02
CA ALA C 366 37.41 -21.82 -3.34
C ALA C 366 36.83 -22.75 -4.41
N ALA C 367 36.28 -23.91 -3.99
CA ALA C 367 35.64 -24.89 -4.89
C ALA C 367 34.21 -24.45 -5.32
N TYR C 368 33.60 -23.47 -4.61
CA TYR C 368 32.20 -23.01 -4.83
C TYR C 368 32.05 -21.54 -5.15
N HIS C 369 32.88 -20.67 -4.52
CA HIS C 369 32.85 -19.22 -4.72
C HIS C 369 33.13 -18.88 -6.21
N THR C 370 32.12 -18.33 -6.89
CA THR C 370 32.18 -18.04 -8.31
C THR C 370 31.81 -16.61 -8.66
N PRO C 371 32.43 -16.03 -9.73
CA PRO C 371 32.05 -14.68 -10.13
C PRO C 371 30.67 -14.63 -10.74
N LEU C 372 29.99 -13.49 -10.61
CA LEU C 372 28.66 -13.26 -11.18
C LEU C 372 28.49 -11.79 -11.55
N ILE C 373 28.30 -11.55 -12.86
CA ILE C 373 28.04 -10.21 -13.39
C ILE C 373 26.72 -10.28 -14.13
N ILE C 374 25.79 -9.39 -13.80
CA ILE C 374 24.52 -9.31 -14.50
C ILE C 374 24.29 -7.89 -15.01
N ARG C 375 24.11 -7.76 -16.32
CA ARG C 375 23.77 -6.48 -16.94
C ARG C 375 22.38 -6.59 -17.52
N ALA C 376 21.55 -5.64 -17.18
CA ALA C 376 20.17 -5.58 -17.68
C ALA C 376 19.88 -4.13 -17.99
N PRO C 377 19.10 -3.82 -19.05
CA PRO C 377 18.74 -2.41 -19.29
C PRO C 377 18.08 -1.80 -18.04
N GLY C 378 18.62 -0.65 -17.62
CA GLY C 378 18.19 0.08 -16.44
C GLY C 378 18.80 -0.36 -15.12
N CYS C 379 19.86 -1.21 -15.15
CA CYS C 379 20.52 -1.64 -13.92
C CYS C 379 21.47 -0.54 -13.43
N LYS C 380 21.88 -0.61 -12.14
CA LYS C 380 22.79 0.37 -11.53
C LYS C 380 24.20 0.00 -11.93
N PRO C 381 24.87 0.78 -12.84
CA PRO C 381 26.23 0.38 -13.25
C PRO C 381 27.25 0.54 -12.13
N GLY C 382 28.07 -0.48 -11.93
CA GLY C 382 29.09 -0.48 -10.88
C GLY C 382 28.60 -0.93 -9.51
N HIS C 383 27.30 -1.30 -9.39
CA HIS C 383 26.71 -1.79 -8.14
C HIS C 383 27.28 -3.15 -7.73
N VAL C 384 27.69 -3.24 -6.46
CA VAL C 384 28.30 -4.43 -5.87
C VAL C 384 27.38 -5.02 -4.80
N VAL C 385 27.00 -6.29 -4.98
CA VAL C 385 26.13 -7.02 -4.06
C VAL C 385 26.99 -7.87 -3.10
N GLU C 386 26.70 -7.76 -1.79
CA GLU C 386 27.38 -8.47 -0.71
C GLU C 386 26.54 -9.58 -0.07
N ALA C 387 25.23 -9.58 -0.33
CA ALA C 387 24.30 -10.58 0.20
C ALA C 387 24.61 -11.97 -0.38
N PRO C 388 24.37 -13.08 0.37
CA PRO C 388 24.66 -14.42 -0.18
C PRO C 388 23.71 -14.77 -1.33
N THR C 389 24.30 -15.08 -2.47
CA THR C 389 23.56 -15.49 -3.67
C THR C 389 24.01 -16.89 -4.05
N GLU C 390 23.12 -17.63 -4.71
CA GLU C 390 23.36 -19.02 -5.08
C GLU C 390 23.17 -19.24 -6.57
N SER C 391 23.85 -20.24 -7.11
CA SER C 391 23.82 -20.61 -8.54
C SER C 391 22.41 -20.89 -9.07
N ILE C 392 21.49 -21.32 -8.17
CA ILE C 392 20.09 -21.63 -8.43
C ILE C 392 19.24 -20.37 -8.65
N ASP C 393 19.79 -19.16 -8.34
CA ASP C 393 19.13 -17.88 -8.50
C ASP C 393 19.18 -17.33 -9.92
N LEU C 394 19.97 -17.97 -10.81
CA LEU C 394 20.13 -17.50 -12.18
C LEU C 394 18.92 -17.76 -13.08
N MET C 395 18.43 -19.03 -13.13
CA MET C 395 17.24 -19.41 -13.91
C MET C 395 16.02 -18.51 -13.56
N PRO C 396 15.64 -18.33 -12.25
CA PRO C 396 14.49 -17.45 -11.95
C PRO C 396 14.68 -15.98 -12.30
N THR C 397 15.94 -15.50 -12.32
CA THR C 397 16.24 -14.12 -12.71
C THR C 397 15.89 -13.88 -14.20
N ILE C 398 16.33 -14.84 -15.08
CA ILE C 398 16.11 -14.79 -16.53
C ILE C 398 14.62 -14.83 -16.84
N LEU C 399 13.89 -15.83 -16.28
CA LEU C 399 12.44 -16.00 -16.49
C LEU C 399 11.64 -14.77 -16.06
N ASP C 400 11.97 -14.23 -14.88
CA ASP C 400 11.36 -13.01 -14.34
C ASP C 400 11.52 -11.88 -15.36
N TRP C 401 12.77 -11.61 -15.79
CA TRP C 401 13.10 -10.57 -16.74
C TRP C 401 12.38 -10.68 -18.10
N VAL C 402 12.17 -11.91 -18.62
CA VAL C 402 11.45 -12.12 -19.90
C VAL C 402 9.92 -12.10 -19.69
N GLY C 403 9.49 -12.21 -18.42
CA GLY C 403 8.08 -12.20 -18.04
C GLY C 403 7.42 -13.55 -18.20
N GLN C 404 8.20 -14.63 -17.97
CA GLN C 404 7.74 -16.01 -18.06
C GLN C 404 7.60 -16.55 -16.64
N GLU C 405 6.49 -17.29 -16.39
CA GLU C 405 6.17 -17.91 -15.11
C GLU C 405 7.32 -18.77 -14.62
N ILE C 406 7.72 -18.58 -13.35
CA ILE C 406 8.78 -19.40 -12.76
C ILE C 406 8.09 -20.63 -12.17
N PRO C 407 8.46 -21.86 -12.57
CA PRO C 407 7.83 -23.04 -11.94
C PRO C 407 8.11 -23.09 -10.45
N ASN C 408 7.17 -23.70 -9.67
CA ASN C 408 7.29 -23.89 -8.21
C ASN C 408 8.47 -24.79 -7.82
N ALA C 409 8.87 -25.70 -8.73
CA ALA C 409 10.01 -26.61 -8.56
C ALA C 409 11.34 -25.85 -8.32
N VAL C 410 11.45 -24.63 -8.85
CA VAL C 410 12.62 -23.77 -8.71
C VAL C 410 12.82 -23.28 -7.27
N ASP C 411 13.93 -23.73 -6.65
CA ASP C 411 14.36 -23.40 -5.28
C ASP C 411 14.98 -22.01 -5.18
N GLY C 412 15.62 -21.58 -6.27
CA GLY C 412 16.25 -20.27 -6.37
C GLY C 412 15.27 -19.12 -6.43
N ARG C 413 15.77 -17.93 -6.12
CA ARG C 413 15.00 -16.70 -6.11
C ARG C 413 15.60 -15.69 -7.06
N SER C 414 14.75 -14.95 -7.78
CA SER C 414 15.14 -13.91 -8.73
C SER C 414 16.03 -12.84 -8.09
N LEU C 415 17.13 -12.51 -8.77
CA LEU C 415 18.10 -11.51 -8.34
C LEU C 415 17.74 -10.14 -8.89
N ARG C 416 16.60 -10.04 -9.62
CA ARG C 416 16.11 -8.81 -10.23
C ARG C 416 16.05 -7.60 -9.26
N PRO C 417 15.50 -7.66 -8.02
CA PRO C 417 15.54 -6.46 -7.14
C PRO C 417 16.95 -5.86 -6.95
N PHE C 418 18.00 -6.72 -6.92
CA PHE C 418 19.42 -6.36 -6.75
C PHE C 418 19.98 -5.55 -7.88
N LEU C 419 19.37 -5.67 -9.05
CA LEU C 419 19.80 -4.98 -10.26
C LEU C 419 19.63 -3.47 -10.20
N THR C 420 18.63 -2.98 -9.45
CA THR C 420 18.36 -1.56 -9.23
C THR C 420 18.92 -1.08 -7.88
N GLY C 421 19.93 -1.78 -7.39
CA GLY C 421 20.63 -1.44 -6.15
C GLY C 421 19.87 -1.72 -4.86
N GLU C 422 18.73 -2.41 -4.95
CA GLU C 422 17.94 -2.72 -3.77
C GLU C 422 18.27 -4.14 -3.32
N ALA C 423 17.52 -4.66 -2.34
CA ALA C 423 17.70 -6.01 -1.80
C ALA C 423 16.43 -6.39 -1.05
N PRO C 424 15.81 -7.54 -1.36
CA PRO C 424 14.60 -7.94 -0.62
C PRO C 424 14.88 -8.05 0.88
N SER C 425 13.91 -7.63 1.73
CA SER C 425 14.05 -7.71 3.19
C SER C 425 14.06 -9.14 3.76
N ASP C 426 13.47 -10.11 3.01
CA ASP C 426 13.38 -11.51 3.41
C ASP C 426 14.41 -12.40 2.66
N TRP C 427 15.50 -11.77 2.15
CA TRP C 427 16.57 -12.48 1.46
C TRP C 427 17.36 -13.39 2.43
N ARG C 428 17.90 -14.50 1.91
CA ARG C 428 18.72 -15.43 2.68
C ARG C 428 19.88 -14.76 3.46
N GLN C 429 20.28 -15.37 4.58
CA GLN C 429 21.35 -14.87 5.45
C GLN C 429 22.54 -15.84 5.54
N TYR C 430 22.48 -16.91 4.75
CA TYR C 430 23.47 -17.97 4.63
C TYR C 430 23.37 -18.58 3.25
N SER C 431 24.43 -19.27 2.79
CA SER C 431 24.39 -20.00 1.52
C SER C 431 24.52 -21.50 1.82
N PHE C 432 24.02 -22.33 0.90
CA PHE C 432 23.98 -23.76 1.06
C PHE C 432 24.54 -24.51 -0.15
N SER C 433 25.46 -25.47 0.11
CA SER C 433 26.06 -26.31 -0.95
C SER C 433 26.01 -27.77 -0.57
N GLU C 434 26.02 -28.64 -1.58
CA GLU C 434 25.98 -30.10 -1.41
C GLU C 434 27.03 -30.79 -2.27
N LEU C 435 27.48 -31.97 -1.82
CA LEU C 435 28.43 -32.80 -2.56
C LEU C 435 28.05 -34.26 -2.31
N ASP C 436 28.45 -35.15 -3.22
CA ASP C 436 28.24 -36.59 -3.08
C ASP C 436 29.60 -37.26 -3.24
N ILE C 437 30.09 -37.85 -2.15
CA ILE C 437 31.40 -38.52 -2.11
C ILE C 437 31.30 -40.04 -2.37
N SER C 438 30.26 -40.47 -3.07
CA SER C 438 30.07 -41.89 -3.41
C SER C 438 29.90 -42.03 -4.89
N GLU C 439 30.02 -43.27 -5.41
CA GLU C 439 29.89 -43.60 -6.84
C GLU C 439 29.30 -45.00 -6.91
N PRO C 440 28.06 -45.15 -7.45
CA PRO C 440 27.38 -46.47 -7.42
C PRO C 440 28.10 -47.68 -7.99
N LEU C 441 28.81 -47.53 -9.11
CA LEU C 441 29.47 -48.68 -9.75
C LEU C 441 30.96 -48.80 -9.50
N ASP C 442 31.60 -47.70 -9.09
CA ASP C 442 33.04 -47.69 -8.82
C ASP C 442 33.30 -46.92 -7.51
N PRO C 443 33.31 -47.61 -6.34
CA PRO C 443 33.51 -46.91 -5.06
C PRO C 443 34.67 -45.93 -5.00
N THR C 444 34.38 -44.71 -4.52
CA THR C 444 35.35 -43.60 -4.39
C THR C 444 36.40 -43.89 -3.33
N LEU C 445 37.47 -43.05 -3.30
CA LEU C 445 38.55 -43.15 -2.31
C LEU C 445 38.00 -42.99 -0.89
N TRP C 446 36.96 -42.16 -0.75
CA TRP C 446 36.26 -41.92 0.51
C TRP C 446 35.51 -43.17 1.03
N GLN C 447 34.89 -43.93 0.11
CA GLN C 447 34.15 -45.19 0.35
C GLN C 447 35.10 -46.31 0.71
N GLN C 448 36.24 -46.36 0.02
CA GLN C 448 37.29 -47.36 0.25
C GLN C 448 37.89 -47.18 1.65
N GLU C 449 38.04 -45.92 2.09
CA GLU C 449 38.60 -45.57 3.41
C GLU C 449 37.58 -45.69 4.55
N PHE C 450 36.38 -45.06 4.40
CA PHE C 450 35.36 -45.02 5.45
C PHE C 450 34.27 -46.10 5.45
N GLY C 451 34.17 -46.87 4.36
CA GLY C 451 33.26 -48.00 4.25
C GLY C 451 31.75 -47.77 4.19
N PHE C 452 31.30 -46.62 3.68
CA PHE C 452 29.87 -46.32 3.53
C PHE C 452 29.43 -46.62 2.07
N GLY C 453 28.14 -46.87 1.87
CA GLY C 453 27.58 -47.16 0.55
C GLY C 453 27.08 -45.95 -0.21
N PRO C 454 26.53 -46.16 -1.44
CA PRO C 454 26.11 -45.02 -2.28
C PRO C 454 24.83 -44.25 -1.89
N SER C 455 24.19 -44.62 -0.76
CA SER C 455 23.02 -43.90 -0.22
C SER C 455 23.50 -42.94 0.88
N ALA C 456 24.77 -43.07 1.34
CA ALA C 456 25.37 -42.26 2.41
C ALA C 456 26.57 -41.37 1.98
N GLY C 457 26.62 -41.03 0.70
CA GLY C 457 27.69 -40.20 0.14
C GLY C 457 27.46 -38.71 0.21
N ALA C 458 26.28 -38.25 0.66
CA ALA C 458 25.95 -36.82 0.75
C ALA C 458 26.68 -36.01 1.81
N VAL C 459 27.13 -34.82 1.38
CA VAL C 459 27.82 -33.82 2.21
C VAL C 459 27.03 -32.54 2.03
N ALA C 460 26.89 -31.74 3.11
CA ALA C 460 26.18 -30.47 3.08
C ALA C 460 27.03 -29.40 3.77
N ILE C 461 27.02 -28.16 3.20
CA ILE C 461 27.78 -26.99 3.66
C ILE C 461 26.82 -25.81 3.91
N LEU C 462 26.92 -25.16 5.07
CA LEU C 462 26.13 -23.97 5.40
C LEU C 462 27.09 -22.81 5.73
N ARG C 463 27.05 -21.75 4.92
CA ARG C 463 27.93 -20.58 5.11
C ARG C 463 27.14 -19.47 5.77
N ASP C 464 27.42 -19.28 7.04
CA ASP C 464 26.86 -18.25 7.89
C ASP C 464 27.85 -17.06 7.83
N ALA C 465 27.44 -15.86 8.28
CA ALA C 465 28.27 -14.65 8.29
C ALA C 465 29.64 -14.85 9.00
N ARG C 466 29.65 -15.67 10.08
CA ARG C 466 30.83 -15.98 10.89
C ARG C 466 31.33 -17.44 10.67
N PHE C 467 30.42 -18.41 10.65
CA PHE C 467 30.83 -19.80 10.55
C PHE C 467 30.51 -20.50 9.25
N THR C 468 31.21 -21.62 9.01
CA THR C 468 30.97 -22.57 7.94
C THR C 468 30.87 -23.93 8.62
N LEU C 469 29.74 -24.58 8.42
CA LEU C 469 29.45 -25.90 8.95
C LEU C 469 29.43 -26.93 7.79
N VAL C 470 30.07 -28.09 8.01
CA VAL C 470 30.07 -29.22 7.08
C VAL C 470 29.45 -30.42 7.83
N GLU C 471 28.41 -31.02 7.26
CA GLU C 471 27.76 -32.19 7.84
C GLU C 471 27.71 -33.34 6.82
N PHE C 472 28.06 -34.56 7.26
CA PHE C 472 28.07 -35.78 6.44
C PHE C 472 26.87 -36.68 6.75
N ALA C 473 26.33 -37.38 5.70
CA ALA C 473 25.26 -38.37 5.82
C ALA C 473 25.89 -39.61 6.46
N ALA C 474 27.16 -39.90 6.09
CA ALA C 474 27.98 -41.00 6.62
C ALA C 474 28.43 -40.68 8.04
N ASP C 475 28.92 -41.69 8.77
CA ASP C 475 29.37 -41.55 10.15
C ASP C 475 30.74 -40.87 10.30
N LEU C 476 30.86 -39.67 9.71
CA LEU C 476 32.04 -38.80 9.76
C LEU C 476 31.64 -37.54 10.54
N PRO C 477 32.49 -37.06 11.48
CA PRO C 477 32.08 -35.90 12.28
C PRO C 477 31.93 -34.59 11.52
N PRO C 478 31.17 -33.59 12.05
CA PRO C 478 31.06 -32.32 11.34
C PRO C 478 32.37 -31.52 11.31
N MET C 479 32.42 -30.49 10.46
CA MET C 479 33.52 -29.54 10.42
C MET C 479 32.92 -28.20 10.80
N LEU C 480 33.71 -27.39 11.50
CA LEU C 480 33.27 -26.06 11.87
C LEU C 480 34.43 -25.09 11.73
N PHE C 481 34.25 -24.09 10.85
CA PHE C 481 35.27 -23.07 10.57
C PHE C 481 34.76 -21.71 11.03
N ASP C 482 35.47 -21.12 12.00
CA ASP C 482 35.18 -19.82 12.59
C ASP C 482 36.04 -18.77 11.88
N HIS C 483 35.38 -17.87 11.11
CA HIS C 483 36.02 -16.81 10.33
C HIS C 483 36.48 -15.61 11.14
N GLN C 484 36.04 -15.54 12.42
CA GLN C 484 36.51 -14.52 13.37
C GLN C 484 37.79 -15.01 14.04
N GLY C 485 38.09 -16.30 13.88
CA GLY C 485 39.30 -16.95 14.37
C GLY C 485 40.23 -17.32 13.23
N GLU C 486 40.54 -18.64 13.11
CA GLU C 486 41.46 -19.16 12.07
C GLU C 486 40.83 -19.43 10.70
N GLY C 487 39.52 -19.21 10.59
CA GLY C 487 38.77 -19.39 9.36
C GLY C 487 38.71 -20.86 9.00
N GLU C 488 39.02 -21.19 7.71
CA GLU C 488 39.05 -22.55 7.15
C GLU C 488 40.28 -23.38 7.53
N PHE C 489 41.31 -22.70 8.08
CA PHE C 489 42.61 -23.28 8.47
C PHE C 489 42.59 -24.09 9.75
N ARG C 490 41.43 -24.14 10.43
CA ARG C 490 41.26 -24.93 11.64
C ARG C 490 39.82 -25.42 11.79
N ASN C 491 39.64 -26.75 11.84
CA ASN C 491 38.34 -27.35 12.12
C ASN C 491 38.17 -27.29 13.66
N VAL C 492 37.21 -26.48 14.13
CA VAL C 492 36.93 -26.27 15.56
C VAL C 492 35.68 -27.03 16.09
N ALA C 493 35.12 -27.99 15.29
CA ALA C 493 33.91 -28.75 15.68
C ALA C 493 34.03 -29.58 16.99
N GLY C 494 35.25 -30.00 17.33
CA GLY C 494 35.50 -30.79 18.53
C GLY C 494 35.71 -29.96 19.78
N ASP C 495 35.81 -28.63 19.63
CA ASP C 495 36.02 -27.69 20.73
C ASP C 495 34.72 -27.50 21.53
N PRO C 496 34.70 -27.86 22.84
CA PRO C 496 33.47 -27.70 23.65
C PRO C 496 32.92 -26.27 23.70
N ALA C 497 33.81 -25.26 23.53
CA ALA C 497 33.44 -23.85 23.52
C ALA C 497 32.54 -23.48 22.31
N HIS C 498 32.53 -24.34 21.25
CA HIS C 498 31.75 -24.14 20.04
C HIS C 498 30.55 -25.10 19.90
N ALA C 499 30.22 -25.86 20.97
CA ALA C 499 29.10 -26.82 20.99
C ALA C 499 27.72 -26.17 20.71
N ALA C 500 27.46 -24.99 21.29
CA ALA C 500 26.21 -24.25 21.07
C ALA C 500 26.12 -23.67 19.65
N ASP C 501 27.27 -23.21 19.06
CA ASP C 501 27.31 -22.70 17.69
C ASP C 501 27.03 -23.84 16.71
N LEU C 502 27.70 -25.00 16.96
CA LEU C 502 27.57 -26.25 16.18
C LEU C 502 26.10 -26.72 16.15
N ALA C 503 25.44 -26.77 17.32
CA ALA C 503 24.04 -27.20 17.47
C ALA C 503 23.06 -26.24 16.76
N ARG C 504 23.30 -24.91 16.89
CA ARG C 504 22.51 -23.85 16.28
C ARG C 504 22.59 -23.88 14.74
N LEU C 505 23.81 -24.01 14.18
CA LEU C 505 24.05 -24.07 12.74
C LEU C 505 23.51 -25.35 12.10
N SER C 506 23.64 -26.49 12.79
CA SER C 506 23.13 -27.79 12.34
C SER C 506 21.58 -27.80 12.31
N ARG C 507 20.91 -27.07 13.25
CA ARG C 507 19.45 -26.96 13.25
C ARG C 507 19.03 -26.08 12.08
N GLN C 508 19.82 -25.03 11.82
CA GLN C 508 19.63 -24.12 10.70
C GLN C 508 19.77 -24.89 9.38
N MET C 509 20.75 -25.82 9.31
CA MET C 509 20.97 -26.71 8.16
C MET C 509 19.82 -27.73 8.02
N LEU C 510 19.35 -28.31 9.15
CA LEU C 510 18.23 -29.24 9.17
C LEU C 510 16.98 -28.55 8.62
N ARG C 511 16.69 -27.33 9.14
CA ARG C 511 15.54 -26.51 8.69
C ARG C 511 15.59 -26.18 7.20
N HIS C 512 16.79 -25.87 6.66
CA HIS C 512 16.98 -25.56 5.24
C HIS C 512 16.53 -26.75 4.35
N ARG C 513 16.93 -27.98 4.71
CA ARG C 513 16.54 -29.22 4.02
C ARG C 513 15.02 -29.39 4.05
N MET C 514 14.39 -29.16 5.24
CA MET C 514 12.95 -29.27 5.47
C MET C 514 12.18 -28.20 4.74
N ARG C 515 12.76 -26.98 4.61
CA ARG C 515 12.12 -25.85 3.91
C ARG C 515 12.31 -25.90 2.39
N ASN C 516 13.24 -26.72 1.90
CA ASN C 516 13.53 -26.79 0.47
C ASN C 516 13.37 -28.17 -0.13
N MET C 517 12.28 -28.88 0.22
CA MET C 517 12.00 -30.21 -0.36
C MET C 517 11.35 -30.00 -1.72
N ASP C 518 11.18 -31.07 -2.52
CA ASP C 518 10.63 -30.95 -3.89
C ASP C 518 9.24 -30.28 -3.96
N HIS C 519 9.20 -29.06 -4.54
CA HIS C 519 8.00 -28.23 -4.70
C HIS C 519 7.25 -28.37 -6.06
N THR C 520 7.61 -29.39 -6.88
CA THR C 520 6.95 -29.62 -8.19
C THR C 520 5.40 -29.64 -8.09
N LEU C 521 4.84 -30.38 -7.12
CA LEU C 521 3.39 -30.51 -6.91
C LEU C 521 2.91 -30.21 -5.48
N SER C 522 3.83 -30.00 -4.51
CA SER C 522 3.49 -29.77 -3.09
C SER C 522 2.67 -28.51 -2.77
N LEU C 523 2.60 -27.56 -3.70
CA LEU C 523 1.81 -26.33 -3.56
C LEU C 523 0.54 -26.35 -4.41
N CYS C 524 0.32 -27.47 -5.11
CA CYS C 524 -0.90 -27.71 -5.88
C CYS C 524 -1.91 -28.36 -4.91
N SER C 525 -3.21 -28.13 -5.12
CA SER C 525 -4.26 -28.70 -4.26
C SER C 525 -5.41 -29.24 -5.11
N ILE C 526 -5.83 -30.49 -4.81
CA ILE C 526 -6.98 -31.15 -5.44
C ILE C 526 -8.21 -30.69 -4.64
N THR C 527 -9.10 -29.94 -5.31
CA THR C 527 -10.33 -29.38 -4.73
C THR C 527 -11.53 -29.95 -5.49
N HIS C 528 -12.75 -29.77 -4.94
CA HIS C 528 -14.01 -30.20 -5.55
C HIS C 528 -14.27 -29.56 -6.94
N GLU C 529 -13.60 -28.42 -7.24
CA GLU C 529 -13.69 -27.65 -8.48
C GLU C 529 -12.52 -27.93 -9.45
N GLY C 530 -11.58 -28.75 -9.01
CA GLY C 530 -10.38 -29.10 -9.78
C GLY C 530 -9.09 -28.80 -9.04
N ALA C 531 -7.97 -28.93 -9.75
CA ALA C 531 -6.64 -28.66 -9.20
C ALA C 531 -6.33 -27.16 -9.17
N ARG C 532 -5.88 -26.65 -8.03
CA ARG C 532 -5.51 -25.25 -7.89
C ARG C 532 -4.08 -25.10 -7.40
N THR C 533 -3.35 -24.11 -7.92
CA THR C 533 -1.96 -23.91 -7.54
C THR C 533 -1.69 -22.62 -6.77
N GLN C 534 -0.70 -22.67 -5.87
CA GLN C 534 -0.23 -21.58 -5.03
C GLN C 534 1.21 -21.28 -5.44
N ARG C 535 1.50 -20.03 -5.73
CA ARG C 535 2.81 -19.51 -6.15
C ARG C 535 3.80 -19.63 -4.96
N ARG C 536 4.99 -20.21 -5.18
CA ARG C 536 6.00 -20.43 -4.15
C ARG C 536 6.52 -19.13 -3.50
N TYR C 537 7.03 -18.23 -4.35
CA TYR C 537 7.57 -16.95 -3.91
C TYR C 537 6.75 -15.85 -4.54
N ASP C 538 6.45 -14.77 -3.78
CA ASP C 538 5.76 -13.61 -4.35
C ASP C 538 6.72 -12.48 -4.70
#